data_1P68
#
_entry.id   1P68
#
_entity_poly.entity_id   1
_entity_poly.type   'polypeptide(L)'
_entity_poly.pdbx_seq_one_letter_code
;MYGKLNDLLEDLQEVLKNLHKNWHGGKDNLHDVDNHLQNVIEDIHDFMQGGGSGGKLQEMMKEFQQVLDELNNHLQGGKH
TVHHIEQNIKEIFHHLEELVHR
;
_entity_poly.pdbx_strand_id   A
#
# COMPACT_ATOMS: atom_id res chain seq x y z
N MET A 1 -16.47 -13.42 -7.24
CA MET A 1 -15.50 -14.33 -6.57
C MET A 1 -14.30 -13.56 -6.02
N TYR A 2 -13.70 -12.74 -6.86
CA TYR A 2 -12.54 -11.94 -6.45
C TYR A 2 -12.92 -11.01 -5.31
N GLY A 3 -12.21 -11.15 -4.18
CA GLY A 3 -12.49 -10.32 -3.03
C GLY A 3 -11.57 -10.60 -1.86
N LYS A 4 -11.27 -11.88 -1.66
CA LYS A 4 -10.40 -12.29 -0.56
C LYS A 4 -9.01 -11.71 -0.72
N LEU A 5 -8.67 -11.25 -1.92
CA LEU A 5 -7.37 -10.64 -2.14
C LEU A 5 -7.17 -9.53 -1.12
N ASN A 6 -8.29 -9.01 -0.60
CA ASN A 6 -8.25 -7.96 0.39
C ASN A 6 -7.53 -8.43 1.66
N ASP A 7 -7.78 -9.69 2.04
CA ASP A 7 -7.13 -10.26 3.22
C ASP A 7 -5.63 -10.03 3.16
N LEU A 8 -5.10 -9.97 1.95
CA LEU A 8 -3.68 -9.73 1.74
C LEU A 8 -3.38 -8.25 1.70
N LEU A 9 -4.36 -7.47 1.24
CA LEU A 9 -4.20 -6.02 1.16
C LEU A 9 -4.10 -5.41 2.56
N GLU A 10 -4.85 -5.98 3.49
CA GLU A 10 -4.86 -5.50 4.87
C GLU A 10 -3.45 -5.36 5.44
N ASP A 11 -2.64 -6.40 5.26
CA ASP A 11 -1.26 -6.39 5.75
C ASP A 11 -0.53 -5.11 5.35
N LEU A 12 -0.67 -4.73 4.09
CA LEU A 12 -0.03 -3.53 3.57
C LEU A 12 -0.42 -2.31 4.40
N GLN A 13 -1.71 -2.04 4.47
CA GLN A 13 -2.21 -0.89 5.21
C GLN A 13 -1.74 -0.92 6.65
N GLU A 14 -1.68 -2.11 7.24
CA GLU A 14 -1.22 -2.27 8.61
C GLU A 14 0.29 -2.15 8.68
N VAL A 15 0.95 -2.47 7.58
CA VAL A 15 2.40 -2.38 7.51
C VAL A 15 2.84 -0.92 7.52
N LEU A 16 1.96 -0.05 7.03
CA LEU A 16 2.26 1.38 6.99
C LEU A 16 2.44 1.92 8.40
N LYS A 17 1.59 1.45 9.33
CA LYS A 17 1.66 1.88 10.73
C LYS A 17 3.11 1.96 11.19
N ASN A 18 3.91 1.00 10.75
CA ASN A 18 5.33 0.97 11.09
C ASN A 18 6.06 2.08 10.36
N LEU A 19 5.75 2.18 9.07
CA LEU A 19 6.35 3.20 8.21
C LEU A 19 6.28 4.59 8.85
N HIS A 20 5.16 4.89 9.48
CA HIS A 20 4.96 6.19 10.14
C HIS A 20 6.11 6.52 11.09
N LYS A 21 6.58 5.52 11.81
CA LYS A 21 7.64 5.72 12.81
C LYS A 21 9.04 5.62 12.21
N ASN A 22 9.15 5.49 10.90
CA ASN A 22 10.47 5.39 10.28
C ASN A 22 10.49 5.88 8.84
N TRP A 23 9.49 6.68 8.45
CA TRP A 23 9.45 7.21 7.10
C TRP A 23 10.29 8.48 6.98
N HIS A 24 10.37 9.23 8.07
CA HIS A 24 11.17 10.46 8.10
C HIS A 24 11.11 11.10 9.49
N GLY A 25 9.90 11.30 9.99
CA GLY A 25 9.72 11.89 11.29
C GLY A 25 8.71 11.12 12.13
N GLY A 26 7.44 11.46 11.98
CA GLY A 26 6.41 10.78 12.72
C GLY A 26 5.21 10.45 11.83
N LYS A 27 4.03 10.50 12.42
CA LYS A 27 2.80 10.23 11.69
C LYS A 27 2.17 11.50 11.13
N ASP A 28 2.53 12.64 11.72
CA ASP A 28 1.97 13.93 11.29
C ASP A 28 2.14 14.13 9.78
N ASN A 29 3.36 14.00 9.29
CA ASN A 29 3.64 14.18 7.88
C ASN A 29 3.26 12.94 7.08
N LEU A 30 3.30 11.78 7.72
CA LEU A 30 2.94 10.54 7.05
C LEU A 30 1.43 10.45 6.88
N HIS A 31 0.70 11.08 7.81
CA HIS A 31 -0.76 11.07 7.77
C HIS A 31 -1.26 11.45 6.37
N ASP A 32 -0.57 12.39 5.75
CA ASP A 32 -0.94 12.83 4.41
C ASP A 32 -0.50 11.81 3.36
N VAL A 33 0.49 11.01 3.71
CA VAL A 33 1.02 9.98 2.82
C VAL A 33 0.22 8.68 2.98
N ASP A 34 0.19 8.13 4.20
CA ASP A 34 -0.56 6.91 4.44
C ASP A 34 -2.03 7.14 4.08
N ASN A 35 -2.46 8.40 4.13
CA ASN A 35 -3.83 8.74 3.76
C ASN A 35 -4.09 8.26 2.34
N HIS A 36 -3.11 8.50 1.47
CA HIS A 36 -3.18 8.05 0.10
C HIS A 36 -3.35 6.55 0.09
N LEU A 37 -2.49 5.87 0.85
CA LEU A 37 -2.54 4.43 0.97
C LEU A 37 -3.91 3.98 1.48
N GLN A 38 -4.21 4.33 2.72
CA GLN A 38 -5.47 3.97 3.36
C GLN A 38 -6.66 4.24 2.44
N ASN A 39 -6.64 5.38 1.75
CA ASN A 39 -7.71 5.73 0.84
C ASN A 39 -7.73 4.81 -0.37
N VAL A 40 -6.57 4.25 -0.69
CA VAL A 40 -6.44 3.34 -1.81
C VAL A 40 -6.98 1.96 -1.44
N ILE A 41 -6.74 1.54 -0.20
CA ILE A 41 -7.23 0.23 0.27
C ILE A 41 -8.70 0.04 -0.08
N GLU A 42 -9.46 1.14 0.01
CA GLU A 42 -10.88 1.09 -0.32
C GLU A 42 -11.05 1.06 -1.83
N ASP A 43 -10.24 1.85 -2.53
CA ASP A 43 -10.29 1.88 -3.98
C ASP A 43 -9.97 0.50 -4.52
N ILE A 44 -9.15 -0.25 -3.77
CA ILE A 44 -8.78 -1.60 -4.16
C ILE A 44 -9.83 -2.59 -3.65
N HIS A 45 -10.27 -2.37 -2.40
CA HIS A 45 -11.27 -3.23 -1.79
C HIS A 45 -12.58 -3.17 -2.57
N ASP A 46 -12.97 -1.96 -2.96
CA ASP A 46 -14.18 -1.76 -3.73
C ASP A 46 -13.96 -2.22 -5.18
N PHE A 47 -12.69 -2.46 -5.52
CA PHE A 47 -12.34 -2.91 -6.87
C PHE A 47 -12.46 -4.42 -6.98
N MET A 48 -12.02 -5.13 -5.95
CA MET A 48 -12.06 -6.59 -5.94
C MET A 48 -13.40 -7.13 -6.40
N GLN A 49 -14.47 -6.34 -6.21
CA GLN A 49 -15.80 -6.77 -6.62
C GLN A 49 -16.16 -6.23 -8.00
N GLY A 50 -15.16 -5.84 -8.77
CA GLY A 50 -15.40 -5.32 -10.10
C GLY A 50 -15.94 -3.90 -10.10
N GLY A 51 -15.51 -3.11 -9.13
CA GLY A 51 -15.92 -1.72 -9.04
C GLY A 51 -14.89 -0.83 -9.71
N GLY A 52 -14.38 -1.33 -10.84
CA GLY A 52 -13.35 -0.63 -11.58
C GLY A 52 -12.12 -1.51 -11.76
N SER A 53 -12.32 -2.83 -11.63
CA SER A 53 -11.23 -3.78 -11.76
C SER A 53 -10.61 -3.73 -13.14
N GLY A 54 -9.45 -4.37 -13.27
CA GLY A 54 -8.75 -4.39 -14.54
C GLY A 54 -8.58 -3.01 -15.15
N GLY A 55 -8.05 -2.07 -14.37
CA GLY A 55 -7.85 -0.72 -14.88
C GLY A 55 -7.44 0.26 -13.80
N LYS A 56 -7.95 0.07 -12.58
CA LYS A 56 -7.63 0.97 -11.48
C LYS A 56 -6.37 0.53 -10.75
N LEU A 57 -6.07 -0.76 -10.79
CA LEU A 57 -4.89 -1.27 -10.11
C LEU A 57 -3.60 -0.82 -10.79
N GLN A 58 -3.72 -0.19 -11.96
CA GLN A 58 -2.54 0.28 -12.67
C GLN A 58 -2.14 1.67 -12.19
N GLU A 59 -3.11 2.58 -12.14
CA GLU A 59 -2.85 3.94 -11.71
C GLU A 59 -2.98 4.05 -10.18
N MET A 60 -3.90 3.26 -9.63
CA MET A 60 -4.11 3.26 -8.19
C MET A 60 -2.98 2.53 -7.49
N MET A 61 -2.38 1.55 -8.16
CA MET A 61 -1.28 0.79 -7.58
C MET A 61 -0.16 1.73 -7.14
N LYS A 62 0.25 2.61 -8.05
CA LYS A 62 1.30 3.57 -7.77
C LYS A 62 0.90 4.48 -6.60
N GLU A 63 -0.39 4.56 -6.33
CA GLU A 63 -0.89 5.38 -5.23
C GLU A 63 -0.56 4.76 -3.88
N PHE A 64 -0.54 3.43 -3.82
CA PHE A 64 -0.23 2.74 -2.59
C PHE A 64 1.29 2.61 -2.43
N GLN A 65 1.99 2.63 -3.55
CA GLN A 65 3.45 2.56 -3.55
C GLN A 65 4.05 3.93 -3.28
N GLN A 66 3.39 4.97 -3.81
CA GLN A 66 3.86 6.34 -3.62
C GLN A 66 4.02 6.65 -2.14
N VAL A 67 3.17 6.04 -1.32
CA VAL A 67 3.22 6.23 0.11
C VAL A 67 4.58 5.82 0.65
N LEU A 68 5.12 4.75 0.08
CA LEU A 68 6.43 4.25 0.46
C LEU A 68 7.53 5.09 -0.20
N ASP A 69 7.12 6.04 -1.04
CA ASP A 69 8.05 6.92 -1.72
C ASP A 69 8.53 7.99 -0.74
N GLU A 70 7.57 8.72 -0.16
CA GLU A 70 7.91 9.74 0.84
C GLU A 70 8.73 9.09 1.94
N LEU A 71 8.37 7.85 2.21
CA LEU A 71 8.99 7.05 3.24
C LEU A 71 10.37 6.52 2.80
N ASN A 72 10.37 5.61 1.83
CA ASN A 72 11.62 5.03 1.34
C ASN A 72 12.64 6.10 0.99
N ASN A 73 12.17 7.29 0.65
CA ASN A 73 13.04 8.38 0.29
C ASN A 73 13.49 9.17 1.52
N HIS A 74 13.16 8.66 2.71
CA HIS A 74 13.53 9.34 3.95
C HIS A 74 13.61 8.37 5.12
N LEU A 75 14.04 7.14 4.85
CA LEU A 75 14.19 6.13 5.91
C LEU A 75 15.02 6.73 7.03
N GLN A 76 14.34 7.36 7.99
CA GLN A 76 15.00 8.01 9.09
C GLN A 76 15.73 7.00 9.98
N GLY A 77 16.78 6.40 9.45
CA GLY A 77 17.55 5.42 10.20
C GLY A 77 16.69 4.26 10.69
N GLY A 78 15.65 3.95 9.94
CA GLY A 78 14.77 2.85 10.32
C GLY A 78 14.40 1.97 9.14
N LYS A 79 15.39 1.61 8.34
CA LYS A 79 15.17 0.77 7.17
C LYS A 79 14.41 -0.50 7.54
N HIS A 80 14.76 -1.07 8.69
CA HIS A 80 14.12 -2.29 9.16
C HIS A 80 12.60 -2.20 9.09
N THR A 81 12.07 -1.00 9.29
CA THR A 81 10.64 -0.78 9.23
C THR A 81 10.15 -0.95 7.81
N VAL A 82 10.45 0.05 6.99
CA VAL A 82 10.05 0.02 5.58
C VAL A 82 10.44 -1.30 4.94
N HIS A 83 11.61 -1.82 5.28
CA HIS A 83 12.05 -3.09 4.71
C HIS A 83 10.92 -4.12 4.83
N HIS A 84 10.27 -4.11 5.99
CA HIS A 84 9.16 -5.01 6.24
C HIS A 84 7.90 -4.53 5.52
N ILE A 85 7.79 -3.22 5.31
CA ILE A 85 6.63 -2.65 4.63
C ILE A 85 6.80 -2.66 3.12
N GLU A 86 8.04 -2.51 2.65
CA GLU A 86 8.33 -2.52 1.22
C GLU A 86 8.25 -3.95 0.70
N GLN A 87 8.82 -4.89 1.46
CA GLN A 87 8.77 -6.29 1.07
C GLN A 87 7.32 -6.75 1.04
N ASN A 88 6.50 -6.11 1.88
CA ASN A 88 5.08 -6.41 1.96
C ASN A 88 4.32 -5.67 0.87
N ILE A 89 4.45 -4.34 0.86
CA ILE A 89 3.76 -3.52 -0.12
C ILE A 89 4.24 -3.82 -1.54
N LYS A 90 5.54 -3.81 -1.73
CA LYS A 90 6.08 -4.10 -3.05
C LYS A 90 5.64 -5.49 -3.50
N GLU A 91 5.40 -6.36 -2.52
CA GLU A 91 4.94 -7.72 -2.80
C GLU A 91 3.41 -7.76 -2.82
N ILE A 92 2.79 -6.61 -2.53
CA ILE A 92 1.34 -6.50 -2.53
C ILE A 92 0.84 -6.40 -3.96
N PHE A 93 1.49 -5.54 -4.74
CA PHE A 93 1.12 -5.36 -6.13
C PHE A 93 1.09 -6.71 -6.85
N HIS A 94 1.88 -7.67 -6.36
CA HIS A 94 1.95 -8.99 -6.96
C HIS A 94 0.61 -9.68 -6.80
N HIS A 95 0.23 -9.94 -5.56
CA HIS A 95 -1.04 -10.57 -5.28
C HIS A 95 -2.18 -9.69 -5.79
N LEU A 96 -1.86 -8.45 -6.16
CA LEU A 96 -2.86 -7.51 -6.66
C LEU A 96 -2.99 -7.65 -8.18
N GLU A 97 -1.93 -7.30 -8.89
CA GLU A 97 -1.93 -7.39 -10.34
C GLU A 97 -2.06 -8.85 -10.76
N GLU A 98 -1.85 -9.76 -9.81
CA GLU A 98 -1.96 -11.19 -10.11
C GLU A 98 -3.41 -11.64 -10.04
N LEU A 99 -4.23 -10.90 -9.28
CA LEU A 99 -5.64 -11.22 -9.14
C LEU A 99 -6.39 -10.92 -10.43
N VAL A 100 -6.38 -9.66 -10.84
CA VAL A 100 -7.07 -9.24 -12.05
C VAL A 100 -6.42 -9.87 -13.28
N HIS A 101 -5.11 -10.09 -13.21
CA HIS A 101 -4.37 -10.68 -14.32
C HIS A 101 -4.12 -12.17 -14.08
N ARG A 102 -5.06 -12.81 -13.40
CA ARG A 102 -4.94 -14.24 -13.11
C ARG A 102 -5.54 -15.09 -14.23
N MET A 1 -13.73 -15.77 -6.73
CA MET A 1 -13.82 -14.44 -6.09
C MET A 1 -12.44 -13.80 -5.92
N TYR A 2 -12.20 -12.74 -6.69
CA TYR A 2 -10.92 -12.04 -6.64
C TYR A 2 -11.01 -10.82 -5.72
N GLY A 3 -11.68 -10.98 -4.59
CA GLY A 3 -11.84 -9.89 -3.65
C GLY A 3 -11.22 -10.19 -2.30
N LYS A 4 -11.11 -11.47 -1.97
CA LYS A 4 -10.53 -11.88 -0.69
C LYS A 4 -9.08 -11.46 -0.58
N LEU A 5 -8.46 -11.11 -1.71
CA LEU A 5 -7.08 -10.66 -1.67
C LEU A 5 -6.96 -9.50 -0.68
N ASN A 6 -8.10 -8.84 -0.42
CA ASN A 6 -8.14 -7.75 0.52
C ASN A 6 -7.56 -8.15 1.86
N ASP A 7 -7.96 -9.33 2.34
CA ASP A 7 -7.46 -9.85 3.60
C ASP A 7 -5.94 -9.78 3.62
N LEU A 8 -5.35 -9.97 2.45
CA LEU A 8 -3.91 -9.90 2.29
C LEU A 8 -3.48 -8.47 2.01
N LEU A 9 -4.35 -7.70 1.36
CA LEU A 9 -4.05 -6.31 1.06
C LEU A 9 -3.96 -5.52 2.36
N GLU A 10 -4.83 -5.86 3.31
CA GLU A 10 -4.88 -5.19 4.60
C GLU A 10 -3.49 -5.15 5.25
N ASP A 11 -2.74 -6.24 5.11
CA ASP A 11 -1.40 -6.32 5.69
C ASP A 11 -0.60 -5.06 5.33
N LEU A 12 -0.73 -4.63 4.09
CA LEU A 12 -0.05 -3.43 3.60
C LEU A 12 -0.42 -2.23 4.47
N GLN A 13 -1.71 -1.90 4.48
CA GLN A 13 -2.19 -0.77 5.26
C GLN A 13 -1.68 -0.83 6.70
N GLU A 14 -1.64 -2.04 7.26
CA GLU A 14 -1.16 -2.23 8.62
C GLU A 14 0.34 -2.11 8.65
N VAL A 15 0.98 -2.49 7.56
CA VAL A 15 2.43 -2.40 7.46
C VAL A 15 2.85 -0.94 7.50
N LEU A 16 1.98 -0.06 7.01
CA LEU A 16 2.24 1.37 7.02
C LEU A 16 2.35 1.88 8.45
N LYS A 17 1.65 1.21 9.36
CA LYS A 17 1.68 1.59 10.77
C LYS A 17 3.11 1.78 11.24
N ASN A 18 3.98 0.88 10.79
CA ASN A 18 5.39 0.94 11.13
C ASN A 18 6.06 2.10 10.38
N LEU A 19 5.74 2.18 9.09
CA LEU A 19 6.28 3.23 8.23
C LEU A 19 6.24 4.60 8.90
N HIS A 20 5.10 4.95 9.45
CA HIS A 20 4.91 6.23 10.13
C HIS A 20 6.08 6.57 11.06
N LYS A 21 6.58 5.56 11.76
CA LYS A 21 7.66 5.77 12.71
C LYS A 21 9.04 5.58 12.10
N ASN A 22 9.11 5.40 10.79
CA ASN A 22 10.41 5.22 10.13
C ASN A 22 10.44 5.81 8.73
N TRP A 23 9.41 6.60 8.38
CA TRP A 23 9.37 7.21 7.05
C TRP A 23 10.22 8.48 7.02
N HIS A 24 10.23 9.21 8.13
CA HIS A 24 11.02 10.44 8.23
C HIS A 24 10.88 11.07 9.61
N GLY A 25 9.63 11.25 10.04
CA GLY A 25 9.36 11.83 11.34
C GLY A 25 8.30 11.05 12.09
N GLY A 26 7.06 11.50 11.96
CA GLY A 26 5.97 10.83 12.62
C GLY A 26 4.85 10.53 11.66
N LYS A 27 3.63 10.55 12.16
CA LYS A 27 2.46 10.28 11.33
C LYS A 27 1.84 11.57 10.80
N ASP A 28 2.21 12.70 11.40
CA ASP A 28 1.69 13.99 10.99
C ASP A 28 1.93 14.23 9.49
N ASN A 29 3.18 14.08 9.08
CA ASN A 29 3.55 14.27 7.69
C ASN A 29 3.24 13.02 6.87
N LEU A 30 3.28 11.86 7.52
CA LEU A 30 2.98 10.60 6.86
C LEU A 30 1.49 10.54 6.56
N HIS A 31 0.69 11.16 7.42
CA HIS A 31 -0.75 11.18 7.25
C HIS A 31 -1.13 11.49 5.80
N ASP A 32 -0.62 12.60 5.28
CA ASP A 32 -0.91 13.00 3.91
C ASP A 32 -0.41 11.95 2.92
N VAL A 33 0.53 11.12 3.37
CA VAL A 33 1.09 10.08 2.54
C VAL A 33 0.28 8.79 2.67
N ASP A 34 0.21 8.24 3.88
CA ASP A 34 -0.55 7.03 4.11
C ASP A 34 -2.02 7.28 3.80
N ASN A 35 -2.46 8.54 3.92
CA ASN A 35 -3.84 8.88 3.60
C ASN A 35 -4.11 8.39 2.18
N HIS A 36 -3.10 8.54 1.33
CA HIS A 36 -3.18 8.07 -0.04
C HIS A 36 -3.27 6.56 -0.01
N LEU A 37 -2.35 5.96 0.74
CA LEU A 37 -2.32 4.50 0.89
C LEU A 37 -3.68 3.97 1.34
N GLN A 38 -4.07 4.31 2.56
CA GLN A 38 -5.35 3.87 3.13
C GLN A 38 -6.48 4.06 2.13
N ASN A 39 -6.49 5.21 1.46
CA ASN A 39 -7.53 5.51 0.48
C ASN A 39 -7.46 4.53 -0.70
N VAL A 40 -6.29 3.94 -0.91
CA VAL A 40 -6.10 2.99 -1.99
C VAL A 40 -6.84 1.68 -1.68
N ILE A 41 -6.52 1.09 -0.54
CA ILE A 41 -7.14 -0.17 -0.12
C ILE A 41 -8.65 -0.17 -0.35
N GLU A 42 -9.30 0.96 -0.08
CA GLU A 42 -10.74 1.07 -0.28
C GLU A 42 -11.07 1.10 -1.75
N ASP A 43 -10.18 1.67 -2.55
CA ASP A 43 -10.39 1.72 -3.98
C ASP A 43 -10.04 0.37 -4.60
N ILE A 44 -9.15 -0.36 -3.95
CA ILE A 44 -8.76 -1.67 -4.43
C ILE A 44 -9.73 -2.74 -3.88
N HIS A 45 -10.34 -2.44 -2.74
CA HIS A 45 -11.29 -3.34 -2.11
C HIS A 45 -12.63 -3.28 -2.81
N ASP A 46 -13.22 -2.09 -2.86
CA ASP A 46 -14.50 -1.92 -3.53
C ASP A 46 -14.36 -2.30 -4.99
N PHE A 47 -13.14 -2.17 -5.51
CA PHE A 47 -12.87 -2.53 -6.89
C PHE A 47 -12.49 -3.99 -7.01
N MET A 48 -11.92 -4.55 -5.95
CA MET A 48 -11.52 -5.96 -5.93
C MET A 48 -12.67 -6.84 -6.40
N GLN A 49 -13.89 -6.37 -6.17
CA GLN A 49 -15.09 -7.12 -6.56
C GLN A 49 -15.37 -6.96 -8.05
N GLY A 50 -14.97 -5.81 -8.61
CA GLY A 50 -15.18 -5.57 -10.02
C GLY A 50 -15.83 -4.23 -10.29
N GLY A 51 -16.24 -3.52 -9.23
CA GLY A 51 -16.87 -2.22 -9.40
C GLY A 51 -16.09 -1.33 -10.34
N GLY A 52 -14.77 -1.52 -10.37
CA GLY A 52 -13.92 -0.73 -11.24
C GLY A 52 -12.61 -1.42 -11.55
N SER A 53 -12.60 -2.75 -11.43
CA SER A 53 -11.40 -3.53 -11.68
C SER A 53 -10.94 -3.34 -13.13
N GLY A 54 -9.72 -3.75 -13.41
CA GLY A 54 -9.18 -3.60 -14.76
C GLY A 54 -8.99 -2.15 -15.13
N GLY A 55 -8.30 -1.41 -14.26
CA GLY A 55 -8.07 0.00 -14.51
C GLY A 55 -7.70 0.76 -13.26
N LYS A 56 -8.11 0.23 -12.10
CA LYS A 56 -7.81 0.87 -10.83
C LYS A 56 -6.43 0.47 -10.32
N LEU A 57 -6.11 -0.81 -10.43
CA LEU A 57 -4.82 -1.30 -9.97
C LEU A 57 -3.66 -0.72 -10.77
N GLN A 58 -3.94 -0.03 -11.87
CA GLN A 58 -2.87 0.56 -12.66
C GLN A 58 -2.49 1.93 -12.14
N GLU A 59 -3.49 2.78 -11.94
CA GLU A 59 -3.24 4.12 -11.42
C GLU A 59 -3.25 4.12 -9.90
N MET A 60 -4.04 3.23 -9.32
CA MET A 60 -4.12 3.13 -7.87
C MET A 60 -2.92 2.38 -7.30
N MET A 61 -2.34 1.47 -8.09
CA MET A 61 -1.17 0.72 -7.62
C MET A 61 -0.05 1.68 -7.25
N LYS A 62 0.15 2.70 -8.08
CA LYS A 62 1.20 3.69 -7.83
C LYS A 62 0.84 4.58 -6.65
N GLU A 63 -0.43 4.55 -6.24
CA GLU A 63 -0.88 5.36 -5.11
C GLU A 63 -0.55 4.70 -3.78
N PHE A 64 -0.42 3.37 -3.79
CA PHE A 64 -0.09 2.64 -2.57
C PHE A 64 1.42 2.58 -2.39
N GLN A 65 2.13 2.50 -3.51
CA GLN A 65 3.59 2.44 -3.50
C GLN A 65 4.18 3.83 -3.29
N GLN A 66 3.54 4.84 -3.84
CA GLN A 66 4.00 6.22 -3.71
C GLN A 66 4.18 6.58 -2.25
N VAL A 67 3.32 6.02 -1.40
CA VAL A 67 3.38 6.26 0.03
C VAL A 67 4.74 5.83 0.59
N LEU A 68 5.23 4.71 0.08
CA LEU A 68 6.53 4.18 0.49
C LEU A 68 7.66 4.99 -0.16
N ASP A 69 7.30 5.92 -1.05
CA ASP A 69 8.27 6.78 -1.71
C ASP A 69 8.75 7.85 -0.74
N GLU A 70 7.79 8.62 -0.20
CA GLU A 70 8.10 9.64 0.79
C GLU A 70 8.88 9.01 1.91
N LEU A 71 8.46 7.79 2.23
CA LEU A 71 9.05 6.98 3.28
C LEU A 71 10.42 6.45 2.90
N ASN A 72 10.46 5.57 1.92
CA ASN A 72 11.73 4.98 1.47
C ASN A 72 12.77 6.05 1.17
N ASN A 73 12.30 7.25 0.82
CA ASN A 73 13.21 8.35 0.52
C ASN A 73 13.58 9.13 1.78
N HIS A 74 13.21 8.60 2.95
CA HIS A 74 13.52 9.27 4.22
C HIS A 74 13.58 8.28 5.37
N LEU A 75 14.02 7.06 5.09
CA LEU A 75 14.16 6.04 6.12
C LEU A 75 15.00 6.61 7.26
N GLN A 76 14.35 7.26 8.21
CA GLN A 76 15.04 7.87 9.32
C GLN A 76 15.66 6.83 10.24
N GLY A 77 16.69 6.16 9.74
CA GLY A 77 17.35 5.13 10.53
C GLY A 77 16.42 3.99 10.91
N GLY A 78 15.34 3.83 10.16
CA GLY A 78 14.39 2.77 10.43
C GLY A 78 14.20 1.86 9.25
N LYS A 79 15.29 1.55 8.56
CA LYS A 79 15.26 0.67 7.40
C LYS A 79 14.49 -0.62 7.69
N HIS A 80 14.70 -1.16 8.88
CA HIS A 80 14.05 -2.41 9.29
C HIS A 80 12.53 -2.29 9.18
N THR A 81 11.99 -1.11 9.44
CA THR A 81 10.57 -0.89 9.34
C THR A 81 10.12 -1.01 7.89
N VAL A 82 10.44 0.02 7.12
CA VAL A 82 10.09 0.04 5.71
C VAL A 82 10.54 -1.24 5.01
N HIS A 83 11.73 -1.72 5.34
CA HIS A 83 12.22 -2.95 4.73
C HIS A 83 11.16 -4.03 4.81
N HIS A 84 10.50 -4.08 5.96
CA HIS A 84 9.42 -5.04 6.18
C HIS A 84 8.15 -4.60 5.46
N ILE A 85 7.98 -3.29 5.29
CA ILE A 85 6.81 -2.74 4.63
C ILE A 85 6.98 -2.74 3.11
N GLU A 86 8.22 -2.52 2.65
CA GLU A 86 8.51 -2.52 1.21
C GLU A 86 8.49 -3.94 0.69
N GLN A 87 9.15 -4.86 1.40
CA GLN A 87 9.15 -6.26 1.00
C GLN A 87 7.72 -6.76 0.94
N ASN A 88 6.87 -6.18 1.78
CA ASN A 88 5.47 -6.54 1.85
C ASN A 88 4.69 -5.79 0.76
N ILE A 89 4.59 -4.47 0.92
CA ILE A 89 3.86 -3.65 -0.04
C ILE A 89 4.31 -3.92 -1.47
N LYS A 90 5.61 -3.99 -1.68
CA LYS A 90 6.12 -4.25 -3.00
C LYS A 90 5.66 -5.62 -3.46
N GLU A 91 5.47 -6.53 -2.51
CA GLU A 91 5.00 -7.87 -2.81
C GLU A 91 3.47 -7.93 -2.74
N ILE A 92 2.86 -6.79 -2.39
CA ILE A 92 1.42 -6.69 -2.28
C ILE A 92 0.82 -6.54 -3.67
N PHE A 93 1.54 -5.83 -4.53
CA PHE A 93 1.09 -5.62 -5.90
C PHE A 93 1.06 -6.94 -6.66
N HIS A 94 1.97 -7.84 -6.29
CA HIS A 94 2.07 -9.15 -6.95
C HIS A 94 0.77 -9.91 -6.81
N HIS A 95 0.34 -10.11 -5.57
CA HIS A 95 -0.90 -10.80 -5.31
C HIS A 95 -2.09 -9.94 -5.73
N LEU A 96 -1.82 -8.68 -6.06
CA LEU A 96 -2.88 -7.77 -6.48
C LEU A 96 -3.07 -7.83 -7.99
N GLU A 97 -1.99 -7.64 -8.73
CA GLU A 97 -2.04 -7.73 -10.17
C GLU A 97 -2.43 -9.15 -10.57
N GLU A 98 -2.36 -10.06 -9.61
CA GLU A 98 -2.71 -11.46 -9.85
C GLU A 98 -4.23 -11.65 -9.82
N LEU A 99 -4.97 -10.57 -9.55
CA LEU A 99 -6.42 -10.63 -9.49
C LEU A 99 -7.02 -10.21 -10.82
N VAL A 100 -6.86 -8.94 -11.15
CA VAL A 100 -7.37 -8.39 -12.39
C VAL A 100 -6.79 -9.11 -13.60
N HIS A 101 -5.59 -9.65 -13.42
CA HIS A 101 -4.91 -10.37 -14.50
C HIS A 101 -5.33 -11.84 -14.51
N ARG A 102 -5.59 -12.40 -13.32
CA ARG A 102 -5.99 -13.80 -13.23
C ARG A 102 -7.50 -13.94 -13.20
N MET A 1 -15.01 -16.33 -6.20
CA MET A 1 -15.13 -14.87 -6.48
C MET A 1 -13.84 -14.14 -6.11
N TYR A 2 -13.60 -13.03 -6.79
CA TYR A 2 -12.40 -12.23 -6.53
C TYR A 2 -12.68 -11.15 -5.50
N GLY A 3 -12.06 -11.29 -4.33
CA GLY A 3 -12.27 -10.31 -3.27
C GLY A 3 -11.40 -10.57 -2.06
N LYS A 4 -11.20 -11.84 -1.74
CA LYS A 4 -10.36 -12.22 -0.60
C LYS A 4 -8.98 -11.62 -0.71
N LEU A 5 -8.59 -11.22 -1.91
CA LEU A 5 -7.30 -10.60 -2.10
C LEU A 5 -7.11 -9.49 -1.07
N ASN A 6 -8.24 -8.97 -0.57
CA ASN A 6 -8.21 -7.91 0.43
C ASN A 6 -7.46 -8.38 1.67
N ASP A 7 -7.71 -9.61 2.09
CA ASP A 7 -7.03 -10.17 3.25
C ASP A 7 -5.54 -9.93 3.14
N LEU A 8 -5.05 -9.90 1.91
CA LEU A 8 -3.64 -9.66 1.63
C LEU A 8 -3.36 -8.16 1.62
N LEU A 9 -4.33 -7.39 1.14
CA LEU A 9 -4.18 -5.95 1.08
C LEU A 9 -4.03 -5.36 2.48
N GLU A 10 -4.81 -5.88 3.42
CA GLU A 10 -4.79 -5.41 4.80
C GLU A 10 -3.36 -5.32 5.34
N ASP A 11 -2.56 -6.36 5.07
CA ASP A 11 -1.17 -6.39 5.52
C ASP A 11 -0.44 -5.10 5.18
N LEU A 12 -0.62 -4.64 3.95
CA LEU A 12 0.02 -3.42 3.49
C LEU A 12 -0.35 -2.24 4.38
N GLN A 13 -1.64 -1.95 4.44
CA GLN A 13 -2.13 -0.83 5.24
C GLN A 13 -1.61 -0.90 6.68
N GLU A 14 -1.56 -2.12 7.22
CA GLU A 14 -1.07 -2.32 8.58
C GLU A 14 0.45 -2.20 8.61
N VAL A 15 1.08 -2.54 7.50
CA VAL A 15 2.52 -2.44 7.40
C VAL A 15 2.95 -0.99 7.44
N LEU A 16 2.06 -0.10 6.98
CA LEU A 16 2.34 1.32 6.98
C LEU A 16 2.48 1.81 8.43
N LYS A 17 1.77 1.16 9.35
CA LYS A 17 1.83 1.52 10.76
C LYS A 17 3.27 1.69 11.20
N ASN A 18 4.12 0.80 10.70
CA ASN A 18 5.55 0.86 11.01
C ASN A 18 6.21 2.00 10.26
N LEU A 19 5.88 2.11 8.99
CA LEU A 19 6.41 3.15 8.12
C LEU A 19 6.35 4.52 8.78
N HIS A 20 5.24 4.82 9.43
CA HIS A 20 5.06 6.10 10.11
C HIS A 20 6.25 6.45 10.98
N LYS A 21 6.77 5.45 11.68
CA LYS A 21 7.89 5.66 12.60
C LYS A 21 9.25 5.51 11.94
N ASN A 22 9.28 5.33 10.63
CA ASN A 22 10.55 5.18 9.93
C ASN A 22 10.56 5.88 8.57
N TRP A 23 9.49 6.61 8.26
CA TRP A 23 9.42 7.31 6.98
C TRP A 23 10.20 8.63 7.04
N HIS A 24 9.90 9.44 8.05
CA HIS A 24 10.58 10.72 8.22
C HIS A 24 10.05 11.47 9.45
N GLY A 25 10.14 10.82 10.61
CA GLY A 25 9.66 11.44 11.83
C GLY A 25 8.53 10.64 12.45
N GLY A 26 7.31 11.15 12.30
CA GLY A 26 6.16 10.47 12.84
C GLY A 26 5.06 10.28 11.80
N LYS A 27 3.83 10.33 12.26
CA LYS A 27 2.68 10.16 11.37
C LYS A 27 2.15 11.51 10.87
N ASP A 28 2.59 12.59 11.50
CA ASP A 28 2.12 13.92 11.11
C ASP A 28 2.20 14.14 9.60
N ASN A 29 3.42 14.10 9.06
CA ASN A 29 3.62 14.29 7.63
C ASN A 29 3.25 13.03 6.86
N LEU A 30 3.37 11.88 7.51
CA LEU A 30 3.02 10.62 6.88
C LEU A 30 1.51 10.55 6.67
N HIS A 31 0.77 11.20 7.58
CA HIS A 31 -0.69 11.23 7.50
C HIS A 31 -1.14 11.51 6.07
N ASP A 32 -0.73 12.65 5.54
CA ASP A 32 -1.09 13.04 4.18
C ASP A 32 -0.63 11.99 3.17
N VAL A 33 0.36 11.20 3.57
CA VAL A 33 0.89 10.15 2.71
C VAL A 33 0.10 8.87 2.87
N ASP A 34 0.15 8.27 4.07
CA ASP A 34 -0.59 7.05 4.32
C ASP A 34 -2.08 7.30 4.10
N ASN A 35 -2.50 8.57 4.17
CA ASN A 35 -3.90 8.89 3.93
C ASN A 35 -4.24 8.45 2.51
N HIS A 36 -3.29 8.67 1.61
CA HIS A 36 -3.45 8.26 0.23
C HIS A 36 -3.53 6.74 0.20
N LEU A 37 -2.55 6.10 0.83
CA LEU A 37 -2.54 4.64 0.92
C LEU A 37 -3.84 4.11 1.51
N GLN A 38 -4.06 4.42 2.80
CA GLN A 38 -5.26 3.98 3.49
C GLN A 38 -6.51 4.26 2.67
N ASN A 39 -6.57 5.44 2.07
CA ASN A 39 -7.71 5.82 1.25
C ASN A 39 -7.79 4.96 0.00
N VAL A 40 -6.64 4.43 -0.42
CA VAL A 40 -6.60 3.57 -1.60
C VAL A 40 -7.16 2.20 -1.26
N ILE A 41 -6.83 1.70 -0.08
CA ILE A 41 -7.30 0.39 0.37
C ILE A 41 -8.78 0.20 0.03
N GLU A 42 -9.55 1.28 0.13
CA GLU A 42 -10.98 1.24 -0.20
C GLU A 42 -11.17 1.19 -1.70
N ASP A 43 -10.38 1.96 -2.43
CA ASP A 43 -10.48 1.97 -3.87
C ASP A 43 -10.15 0.59 -4.42
N ILE A 44 -9.28 -0.13 -3.71
CA ILE A 44 -8.91 -1.49 -4.09
C ILE A 44 -9.90 -2.49 -3.50
N HIS A 45 -10.30 -2.26 -2.26
CA HIS A 45 -11.24 -3.14 -1.58
C HIS A 45 -12.56 -3.20 -2.37
N ASP A 46 -12.99 -2.04 -2.86
CA ASP A 46 -14.22 -1.98 -3.65
C ASP A 46 -13.91 -2.36 -5.10
N PHE A 47 -12.63 -2.48 -5.41
CA PHE A 47 -12.19 -2.83 -6.77
C PHE A 47 -12.11 -4.34 -6.94
N MET A 48 -11.68 -5.03 -5.89
CA MET A 48 -11.55 -6.49 -5.92
C MET A 48 -12.81 -7.14 -6.48
N GLN A 49 -13.95 -6.49 -6.27
CA GLN A 49 -15.23 -7.01 -6.76
C GLN A 49 -15.41 -6.75 -8.24
N GLY A 50 -14.70 -5.78 -8.77
CA GLY A 50 -14.80 -5.46 -10.19
C GLY A 50 -15.32 -4.06 -10.45
N GLY A 51 -15.72 -3.36 -9.39
CA GLY A 51 -16.23 -2.00 -9.55
C GLY A 51 -15.32 -1.15 -10.41
N GLY A 52 -14.03 -1.48 -10.38
CA GLY A 52 -13.05 -0.75 -11.17
C GLY A 52 -11.83 -1.60 -11.46
N SER A 53 -12.03 -2.92 -11.49
CA SER A 53 -10.94 -3.86 -11.73
C SER A 53 -10.52 -3.85 -13.20
N GLY A 54 -9.25 -4.10 -13.43
CA GLY A 54 -8.72 -4.12 -14.78
C GLY A 54 -8.57 -2.73 -15.37
N GLY A 55 -7.88 -1.85 -14.65
CA GLY A 55 -7.67 -0.50 -15.14
C GLY A 55 -7.25 0.48 -14.07
N LYS A 56 -7.76 0.29 -12.85
CA LYS A 56 -7.42 1.19 -11.74
C LYS A 56 -6.17 0.72 -11.01
N LEU A 57 -6.03 -0.59 -10.83
CA LEU A 57 -4.87 -1.13 -10.13
C LEU A 57 -3.56 -0.77 -10.84
N GLN A 58 -3.64 -0.24 -12.05
CA GLN A 58 -2.42 0.14 -12.77
C GLN A 58 -1.98 1.54 -12.38
N GLU A 59 -2.90 2.49 -12.42
CA GLU A 59 -2.61 3.87 -12.05
C GLU A 59 -2.77 4.07 -10.54
N MET A 60 -3.67 3.29 -9.96
CA MET A 60 -3.93 3.36 -8.53
C MET A 60 -2.83 2.68 -7.74
N MET A 61 -2.25 1.61 -8.29
CA MET A 61 -1.19 0.89 -7.60
C MET A 61 -0.06 1.86 -7.21
N LYS A 62 0.25 2.76 -8.13
CA LYS A 62 1.31 3.75 -7.88
C LYS A 62 1.00 4.57 -6.63
N GLU A 63 -0.28 4.65 -6.28
CA GLU A 63 -0.70 5.42 -5.12
C GLU A 63 -0.23 4.76 -3.82
N PHE A 64 -0.36 3.44 -3.74
CA PHE A 64 0.05 2.71 -2.55
C PHE A 64 1.56 2.71 -2.42
N GLN A 65 2.24 2.76 -3.57
CA GLN A 65 3.70 2.77 -3.59
C GLN A 65 4.22 4.19 -3.36
N GLN A 66 3.44 5.19 -3.79
CA GLN A 66 3.81 6.58 -3.62
C GLN A 66 4.10 6.89 -2.15
N VAL A 67 3.25 6.35 -1.27
CA VAL A 67 3.42 6.56 0.16
C VAL A 67 4.81 6.12 0.60
N LEU A 68 5.19 4.91 0.20
CA LEU A 68 6.49 4.36 0.52
C LEU A 68 7.60 5.20 -0.11
N ASP A 69 7.24 6.04 -1.08
CA ASP A 69 8.21 6.91 -1.74
C ASP A 69 8.74 7.93 -0.74
N GLU A 70 7.83 8.75 -0.21
CA GLU A 70 8.20 9.75 0.79
C GLU A 70 8.98 9.08 1.91
N LEU A 71 8.56 7.87 2.20
CA LEU A 71 9.14 7.04 3.24
C LEU A 71 10.54 6.55 2.88
N ASN A 72 10.62 5.66 1.90
CA ASN A 72 11.91 5.09 1.48
C ASN A 72 12.93 6.19 1.21
N ASN A 73 12.46 7.38 0.87
CA ASN A 73 13.34 8.50 0.58
C ASN A 73 13.67 9.29 1.85
N HIS A 74 13.30 8.75 3.01
CA HIS A 74 13.56 9.45 4.28
C HIS A 74 13.66 8.48 5.45
N LEU A 75 14.08 7.25 5.19
CA LEU A 75 14.24 6.26 6.27
C LEU A 75 15.06 6.90 7.39
N GLN A 76 14.36 7.60 8.26
CA GLN A 76 15.01 8.30 9.35
C GLN A 76 15.30 7.39 10.53
N GLY A 77 14.38 6.46 10.81
CA GLY A 77 14.56 5.55 11.92
C GLY A 77 15.42 4.35 11.58
N GLY A 78 15.00 3.59 10.57
CA GLY A 78 15.75 2.42 10.18
C GLY A 78 15.04 1.61 9.10
N LYS A 79 15.71 1.44 7.97
CA LYS A 79 15.14 0.70 6.85
C LYS A 79 14.43 -0.57 7.30
N HIS A 80 14.89 -1.16 8.40
CA HIS A 80 14.29 -2.38 8.93
C HIS A 80 12.77 -2.31 8.89
N THR A 81 12.23 -1.12 9.12
CA THR A 81 10.78 -0.92 9.09
C THR A 81 10.29 -1.04 7.67
N VAL A 82 10.56 -0.02 6.87
CA VAL A 82 10.16 0.00 5.47
C VAL A 82 10.53 -1.30 4.77
N HIS A 83 11.70 -1.86 5.10
CA HIS A 83 12.13 -3.10 4.49
C HIS A 83 11.01 -4.13 4.61
N HIS A 84 10.38 -4.15 5.77
CA HIS A 84 9.27 -5.06 6.02
C HIS A 84 8.00 -4.58 5.33
N ILE A 85 7.90 -3.25 5.15
CA ILE A 85 6.74 -2.67 4.50
C ILE A 85 6.89 -2.67 2.98
N GLU A 86 8.12 -2.51 2.49
CA GLU A 86 8.39 -2.52 1.06
C GLU A 86 8.33 -3.94 0.54
N GLN A 87 8.96 -4.87 1.26
CA GLN A 87 8.93 -6.27 0.87
C GLN A 87 7.49 -6.74 0.84
N ASN A 88 6.66 -6.13 1.69
CA ASN A 88 5.25 -6.45 1.78
C ASN A 88 4.47 -5.71 0.71
N ILE A 89 4.47 -4.37 0.79
CA ILE A 89 3.76 -3.54 -0.17
C ILE A 89 4.19 -3.85 -1.60
N LYS A 90 5.49 -3.99 -1.81
CA LYS A 90 5.98 -4.28 -3.15
C LYS A 90 5.45 -5.63 -3.61
N GLU A 91 5.21 -6.54 -2.65
CA GLU A 91 4.68 -7.86 -2.96
C GLU A 91 3.15 -7.83 -2.93
N ILE A 92 2.59 -6.70 -2.49
CA ILE A 92 1.16 -6.54 -2.41
C ILE A 92 0.60 -6.39 -3.82
N PHE A 93 1.30 -5.61 -4.63
CA PHE A 93 0.89 -5.39 -6.02
C PHE A 93 0.81 -6.74 -6.76
N HIS A 94 1.63 -7.70 -6.31
CA HIS A 94 1.67 -9.02 -6.94
C HIS A 94 0.32 -9.71 -6.81
N HIS A 95 -0.08 -9.97 -5.57
CA HIS A 95 -1.37 -10.60 -5.33
C HIS A 95 -2.50 -9.67 -5.78
N LEU A 96 -2.15 -8.42 -6.09
CA LEU A 96 -3.15 -7.46 -6.54
C LEU A 96 -3.32 -7.53 -8.04
N GLU A 97 -2.21 -7.38 -8.75
CA GLU A 97 -2.21 -7.46 -10.20
C GLU A 97 -2.40 -8.91 -10.64
N GLU A 98 -2.35 -9.83 -9.67
CA GLU A 98 -2.52 -11.25 -9.97
C GLU A 98 -3.98 -11.65 -9.86
N LEU A 99 -4.74 -10.90 -9.07
CA LEU A 99 -6.15 -11.18 -8.88
C LEU A 99 -6.96 -10.87 -10.15
N VAL A 100 -6.79 -9.65 -10.66
CA VAL A 100 -7.50 -9.24 -11.86
C VAL A 100 -6.99 -9.97 -13.10
N HIS A 101 -5.73 -10.38 -13.07
CA HIS A 101 -5.13 -11.09 -14.19
C HIS A 101 -5.58 -12.54 -14.22
N ARG A 102 -5.68 -13.15 -13.03
CA ARG A 102 -6.10 -14.54 -12.93
C ARG A 102 -7.59 -14.69 -13.25
N MET A 1 -13.05 -16.03 -7.91
CA MET A 1 -13.15 -15.49 -6.52
C MET A 1 -12.33 -14.20 -6.37
N TYR A 2 -13.02 -13.09 -6.18
CA TYR A 2 -12.36 -11.80 -6.01
C TYR A 2 -12.90 -11.06 -4.79
N GLY A 3 -12.00 -10.40 -4.06
CA GLY A 3 -12.40 -9.67 -2.88
C GLY A 3 -11.55 -10.00 -1.68
N LYS A 4 -11.23 -11.28 -1.53
CA LYS A 4 -10.39 -11.72 -0.41
C LYS A 4 -9.00 -11.12 -0.51
N LEU A 5 -8.66 -10.62 -1.69
CA LEU A 5 -7.37 -9.97 -1.88
C LEU A 5 -7.18 -8.93 -0.79
N ASN A 6 -8.31 -8.46 -0.24
CA ASN A 6 -8.28 -7.46 0.82
C ASN A 6 -7.62 -8.04 2.07
N ASP A 7 -8.02 -9.26 2.44
CA ASP A 7 -7.43 -9.91 3.61
C ASP A 7 -5.91 -9.82 3.53
N LEU A 8 -5.40 -9.90 2.30
CA LEU A 8 -3.98 -9.79 2.04
C LEU A 8 -3.58 -8.33 1.86
N LEU A 9 -4.53 -7.52 1.36
CA LEU A 9 -4.25 -6.11 1.16
C LEU A 9 -4.12 -5.39 2.50
N GLU A 10 -4.88 -5.85 3.48
CA GLU A 10 -4.85 -5.26 4.82
C GLU A 10 -3.44 -5.22 5.38
N ASP A 11 -2.68 -6.29 5.16
CA ASP A 11 -1.31 -6.38 5.64
C ASP A 11 -0.53 -5.11 5.30
N LEU A 12 -0.71 -4.64 4.08
CA LEU A 12 -0.04 -3.43 3.60
C LEU A 12 -0.38 -2.24 4.50
N GLN A 13 -1.66 -1.91 4.57
CA GLN A 13 -2.12 -0.78 5.37
C GLN A 13 -1.58 -0.86 6.80
N GLU A 14 -1.59 -2.06 7.37
CA GLU A 14 -1.09 -2.25 8.73
C GLU A 14 0.43 -2.18 8.74
N VAL A 15 1.04 -2.42 7.59
CA VAL A 15 2.48 -2.38 7.48
C VAL A 15 2.96 -0.92 7.49
N LEU A 16 2.09 -0.02 7.05
CA LEU A 16 2.43 1.40 7.02
C LEU A 16 2.60 1.92 8.45
N LYS A 17 1.81 1.39 9.38
CA LYS A 17 1.90 1.80 10.78
C LYS A 17 3.35 1.88 11.23
N ASN A 18 4.13 0.88 10.82
CA ASN A 18 5.55 0.84 11.15
C ASN A 18 6.26 1.96 10.40
N LEU A 19 5.89 2.12 9.14
CA LEU A 19 6.46 3.13 8.27
C LEU A 19 6.35 4.52 8.92
N HIS A 20 5.24 4.76 9.60
CA HIS A 20 5.01 6.04 10.28
C HIS A 20 6.16 6.40 11.20
N LYS A 21 6.76 5.38 11.82
CA LYS A 21 7.86 5.59 12.77
C LYS A 21 9.23 5.47 12.12
N ASN A 22 9.28 5.27 10.80
CA ASN A 22 10.57 5.14 10.13
C ASN A 22 10.60 5.88 8.79
N TRP A 23 9.49 6.49 8.40
CA TRP A 23 9.46 7.23 7.15
C TRP A 23 10.27 8.52 7.29
N HIS A 24 9.90 9.33 8.27
CA HIS A 24 10.61 10.58 8.55
C HIS A 24 9.95 11.32 9.71
N GLY A 25 9.69 10.59 10.78
CA GLY A 25 9.07 11.18 11.96
C GLY A 25 7.83 11.96 11.64
N GLY A 26 7.14 12.40 12.69
CA GLY A 26 5.93 13.16 12.52
C GLY A 26 4.87 12.39 11.78
N LYS A 27 4.18 11.48 12.47
CA LYS A 27 3.12 10.69 11.86
C LYS A 27 2.16 11.62 11.12
N ASP A 28 2.07 12.86 11.58
CA ASP A 28 1.20 13.85 10.96
C ASP A 28 1.58 14.02 9.49
N ASN A 29 2.88 13.82 9.20
CA ASN A 29 3.36 13.93 7.83
C ASN A 29 3.03 12.67 7.06
N LEU A 30 3.18 11.54 7.72
CA LEU A 30 2.88 10.24 7.12
C LEU A 30 1.38 10.15 6.86
N HIS A 31 0.59 10.73 7.77
CA HIS A 31 -0.86 10.71 7.65
C HIS A 31 -1.31 11.10 6.24
N ASP A 32 -0.67 12.13 5.68
CA ASP A 32 -1.00 12.59 4.34
C ASP A 32 -0.43 11.66 3.27
N VAL A 33 0.60 10.90 3.64
CA VAL A 33 1.23 9.98 2.71
C VAL A 33 0.54 8.62 2.71
N ASP A 34 0.26 8.09 3.90
CA ASP A 34 -0.42 6.80 4.02
C ASP A 34 -1.89 6.94 3.69
N ASN A 35 -2.47 8.09 4.04
CA ASN A 35 -3.88 8.34 3.75
C ASN A 35 -4.15 8.12 2.26
N HIS A 36 -3.11 8.35 1.46
CA HIS A 36 -3.21 8.16 0.01
C HIS A 36 -3.62 6.72 -0.28
N LEU A 37 -2.88 5.78 0.29
CA LEU A 37 -3.19 4.37 0.11
C LEU A 37 -4.37 3.98 0.98
N GLN A 38 -4.47 4.62 2.14
CA GLN A 38 -5.58 4.36 3.05
C GLN A 38 -6.89 4.55 2.32
N ASN A 39 -6.92 5.55 1.45
CA ASN A 39 -8.10 5.83 0.64
C ASN A 39 -8.12 4.92 -0.59
N VAL A 40 -6.96 4.36 -0.93
CA VAL A 40 -6.86 3.47 -2.07
C VAL A 40 -7.45 2.11 -1.73
N ILE A 41 -7.18 1.63 -0.52
CA ILE A 41 -7.68 0.35 -0.07
C ILE A 41 -9.17 0.18 -0.40
N GLU A 42 -9.91 1.28 -0.31
CA GLU A 42 -11.34 1.27 -0.62
C GLU A 42 -11.56 1.20 -2.12
N ASP A 43 -10.61 1.72 -2.87
CA ASP A 43 -10.72 1.69 -4.32
C ASP A 43 -10.31 0.31 -4.82
N ILE A 44 -9.48 -0.38 -4.05
CA ILE A 44 -9.04 -1.73 -4.44
C ILE A 44 -10.03 -2.78 -3.96
N HIS A 45 -10.28 -2.82 -2.66
CA HIS A 45 -11.21 -3.78 -2.10
C HIS A 45 -12.60 -3.63 -2.71
N ASP A 46 -12.92 -2.42 -3.16
CA ASP A 46 -14.21 -2.17 -3.78
C ASP A 46 -14.14 -2.49 -5.26
N PHE A 47 -12.93 -2.39 -5.82
CA PHE A 47 -12.74 -2.67 -7.24
C PHE A 47 -12.55 -4.16 -7.52
N MET A 48 -11.62 -4.80 -6.82
CA MET A 48 -11.38 -6.23 -7.03
C MET A 48 -12.67 -7.04 -6.95
N GLN A 49 -13.68 -6.49 -6.29
CA GLN A 49 -14.96 -7.16 -6.16
C GLN A 49 -15.91 -6.79 -7.30
N GLY A 50 -15.36 -6.21 -8.38
CA GLY A 50 -16.18 -5.83 -9.51
C GLY A 50 -16.47 -4.34 -9.55
N GLY A 51 -15.53 -3.54 -9.07
CA GLY A 51 -15.71 -2.10 -9.06
C GLY A 51 -14.78 -1.39 -10.04
N GLY A 52 -14.34 -2.11 -11.06
CA GLY A 52 -13.45 -1.52 -12.05
C GLY A 52 -11.99 -1.89 -11.81
N SER A 53 -11.76 -3.01 -11.14
CA SER A 53 -10.41 -3.47 -10.84
C SER A 53 -9.60 -3.69 -12.12
N GLY A 54 -10.30 -3.84 -13.24
CA GLY A 54 -9.61 -4.06 -14.51
C GLY A 54 -9.03 -2.80 -15.08
N GLY A 55 -7.96 -2.30 -14.46
CA GLY A 55 -7.31 -1.10 -14.94
C GLY A 55 -7.02 -0.10 -13.83
N LYS A 56 -7.51 -0.38 -12.63
CA LYS A 56 -7.31 0.50 -11.49
C LYS A 56 -6.01 0.14 -10.76
N LEU A 57 -5.72 -1.15 -10.66
CA LEU A 57 -4.53 -1.61 -9.97
C LEU A 57 -3.25 -1.12 -10.64
N GLN A 58 -3.36 -0.58 -11.85
CA GLN A 58 -2.19 -0.10 -12.56
C GLN A 58 -1.85 1.34 -12.17
N GLU A 59 -2.85 2.22 -12.22
CA GLU A 59 -2.64 3.61 -11.87
C GLU A 59 -2.80 3.82 -10.37
N MET A 60 -3.66 3.01 -9.76
CA MET A 60 -3.91 3.10 -8.33
C MET A 60 -2.77 2.47 -7.55
N MET A 61 -2.14 1.44 -8.12
CA MET A 61 -1.03 0.76 -7.45
C MET A 61 0.05 1.76 -7.07
N LYS A 62 0.23 2.77 -7.91
CA LYS A 62 1.23 3.80 -7.64
C LYS A 62 0.87 4.64 -6.42
N GLU A 63 -0.43 4.71 -6.12
CA GLU A 63 -0.89 5.48 -4.97
C GLU A 63 -0.50 4.82 -3.65
N PHE A 64 -0.55 3.50 -3.60
CA PHE A 64 -0.20 2.77 -2.40
C PHE A 64 1.29 2.55 -2.31
N GLN A 65 1.94 2.49 -3.48
CA GLN A 65 3.38 2.31 -3.55
C GLN A 65 4.09 3.64 -3.36
N GLN A 66 3.43 4.73 -3.78
CA GLN A 66 3.99 6.07 -3.66
C GLN A 66 4.21 6.42 -2.19
N VAL A 67 3.30 5.97 -1.34
CA VAL A 67 3.38 6.23 0.09
C VAL A 67 4.75 5.82 0.63
N LEU A 68 5.26 4.71 0.14
CA LEU A 68 6.56 4.21 0.55
C LEU A 68 7.69 5.04 -0.06
N ASP A 69 7.34 5.99 -0.92
CA ASP A 69 8.32 6.87 -1.55
C ASP A 69 8.75 7.94 -0.57
N GLU A 70 7.77 8.70 -0.07
CA GLU A 70 8.06 9.74 0.93
C GLU A 70 8.85 9.12 2.07
N LEU A 71 8.54 7.86 2.31
CA LEU A 71 9.15 7.07 3.35
C LEU A 71 10.53 6.56 2.95
N ASN A 72 10.57 5.70 1.93
CA ASN A 72 11.82 5.12 1.45
C ASN A 72 12.88 6.19 1.20
N ASN A 73 12.43 7.41 0.95
CA ASN A 73 13.36 8.51 0.68
C ASN A 73 13.76 9.23 1.96
N HIS A 74 13.32 8.72 3.11
CA HIS A 74 13.67 9.35 4.40
C HIS A 74 13.80 8.33 5.51
N LEU A 75 14.14 7.08 5.17
CA LEU A 75 14.33 6.05 6.18
C LEU A 75 15.25 6.59 7.28
N GLN A 76 14.65 7.15 8.32
CA GLN A 76 15.40 7.74 9.40
C GLN A 76 16.20 6.69 10.16
N GLY A 77 17.21 6.13 9.50
CA GLY A 77 18.05 5.12 10.13
C GLY A 77 17.25 3.94 10.64
N GLY A 78 16.12 3.66 9.98
CA GLY A 78 15.28 2.55 10.39
C GLY A 78 14.74 1.78 9.21
N LYS A 79 15.63 1.43 8.29
CA LYS A 79 15.24 0.68 7.09
C LYS A 79 14.52 -0.61 7.45
N HIS A 80 14.94 -1.25 8.54
CA HIS A 80 14.34 -2.51 8.98
C HIS A 80 12.82 -2.44 8.94
N THR A 81 12.27 -1.26 9.20
CA THR A 81 10.83 -1.07 9.17
C THR A 81 10.33 -1.17 7.75
N VAL A 82 10.58 -0.13 6.97
CA VAL A 82 10.17 -0.09 5.57
C VAL A 82 10.57 -1.37 4.86
N HIS A 83 11.75 -1.90 5.17
CA HIS A 83 12.20 -3.13 4.53
C HIS A 83 11.12 -4.19 4.63
N HIS A 84 10.49 -4.25 5.80
CA HIS A 84 9.41 -5.21 6.02
C HIS A 84 8.13 -4.73 5.33
N ILE A 85 8.00 -3.42 5.17
CA ILE A 85 6.81 -2.84 4.54
C ILE A 85 6.97 -2.82 3.01
N GLU A 86 8.18 -2.58 2.53
CA GLU A 86 8.43 -2.55 1.09
C GLU A 86 8.36 -3.95 0.51
N GLN A 87 8.96 -4.92 1.20
CA GLN A 87 8.92 -6.30 0.74
C GLN A 87 7.47 -6.77 0.72
N ASN A 88 6.66 -6.17 1.61
CA ASN A 88 5.25 -6.48 1.70
C ASN A 88 4.47 -5.69 0.67
N ILE A 89 4.47 -4.37 0.83
CA ILE A 89 3.75 -3.49 -0.09
C ILE A 89 4.15 -3.73 -1.52
N LYS A 90 5.45 -3.73 -1.79
CA LYS A 90 5.91 -3.96 -3.14
C LYS A 90 5.45 -5.32 -3.62
N GLU A 91 5.28 -6.25 -2.67
CA GLU A 91 4.80 -7.59 -2.98
C GLU A 91 3.27 -7.64 -2.87
N ILE A 92 2.67 -6.52 -2.47
CA ILE A 92 1.23 -6.43 -2.32
C ILE A 92 0.60 -6.25 -3.70
N PHE A 93 1.25 -5.42 -4.52
CA PHE A 93 0.77 -5.17 -5.87
C PHE A 93 0.72 -6.47 -6.67
N HIS A 94 1.56 -7.43 -6.29
CA HIS A 94 1.63 -8.72 -6.97
C HIS A 94 0.30 -9.44 -6.85
N HIS A 95 -0.06 -9.81 -5.63
CA HIS A 95 -1.31 -10.48 -5.38
C HIS A 95 -2.48 -9.58 -5.77
N LEU A 96 -2.18 -8.30 -6.05
CA LEU A 96 -3.21 -7.36 -6.45
C LEU A 96 -3.40 -7.37 -7.95
N GLU A 97 -2.35 -6.97 -8.67
CA GLU A 97 -2.38 -6.96 -10.13
C GLU A 97 -2.46 -8.39 -10.67
N GLU A 98 -2.23 -9.37 -9.80
CA GLU A 98 -2.30 -10.77 -10.20
C GLU A 98 -3.71 -11.32 -10.05
N LEU A 99 -4.56 -10.58 -9.34
CA LEU A 99 -5.94 -10.99 -9.12
C LEU A 99 -6.81 -10.65 -10.31
N VAL A 100 -6.83 -9.36 -10.67
CA VAL A 100 -7.63 -8.89 -11.80
C VAL A 100 -7.11 -9.45 -13.11
N HIS A 101 -5.80 -9.44 -13.29
CA HIS A 101 -5.20 -9.95 -14.53
C HIS A 101 -5.54 -11.42 -14.74
N ARG A 102 -5.78 -12.13 -13.64
CA ARG A 102 -6.12 -13.55 -13.72
C ARG A 102 -7.40 -13.76 -14.51
N MET A 1 -15.64 -12.84 -9.60
CA MET A 1 -15.57 -11.89 -8.47
C MET A 1 -14.45 -12.26 -7.51
N TYR A 2 -13.42 -11.42 -7.44
CA TYR A 2 -12.29 -11.65 -6.55
C TYR A 2 -12.21 -10.59 -5.47
N GLY A 3 -12.46 -10.98 -4.24
CA GLY A 3 -12.41 -10.04 -3.12
C GLY A 3 -11.64 -10.57 -1.93
N LYS A 4 -10.97 -11.71 -2.11
CA LYS A 4 -10.19 -12.31 -1.04
C LYS A 4 -8.78 -11.76 -1.02
N LEU A 5 -8.36 -11.18 -2.14
CA LEU A 5 -7.04 -10.58 -2.21
C LEU A 5 -6.90 -9.56 -1.09
N ASN A 6 -8.04 -9.13 -0.55
CA ASN A 6 -8.06 -8.17 0.54
C ASN A 6 -7.35 -8.72 1.76
N ASP A 7 -7.63 -9.98 2.09
CA ASP A 7 -7.01 -10.62 3.25
C ASP A 7 -5.49 -10.44 3.19
N LEU A 8 -4.97 -10.31 1.96
CA LEU A 8 -3.54 -10.12 1.75
C LEU A 8 -3.19 -8.63 1.81
N LEU A 9 -4.16 -7.77 1.46
CA LEU A 9 -3.93 -6.33 1.48
C LEU A 9 -3.89 -5.81 2.92
N GLU A 10 -4.76 -6.36 3.76
CA GLU A 10 -4.83 -5.95 5.16
C GLU A 10 -3.44 -5.79 5.77
N ASP A 11 -2.50 -6.60 5.31
CA ASP A 11 -1.13 -6.52 5.81
C ASP A 11 -0.42 -5.29 5.25
N LEU A 12 -0.47 -5.14 3.93
CA LEU A 12 0.16 -4.01 3.25
C LEU A 12 -0.26 -2.68 3.88
N GLN A 13 -1.54 -2.54 4.19
CA GLN A 13 -2.03 -1.30 4.79
C GLN A 13 -1.60 -1.18 6.25
N GLU A 14 -1.62 -2.30 6.97
CA GLU A 14 -1.22 -2.31 8.37
C GLU A 14 0.29 -2.16 8.49
N VAL A 15 0.99 -2.62 7.47
CA VAL A 15 2.43 -2.53 7.44
C VAL A 15 2.88 -1.08 7.40
N LEU A 16 1.99 -0.21 6.91
CA LEU A 16 2.27 1.22 6.83
C LEU A 16 2.38 1.81 8.23
N LYS A 17 1.54 1.33 9.14
CA LYS A 17 1.55 1.81 10.53
C LYS A 17 2.99 1.90 11.04
N ASN A 18 3.82 1.00 10.56
CA ASN A 18 5.23 0.97 10.93
C ASN A 18 5.98 2.06 10.19
N LEU A 19 5.72 2.15 8.90
CA LEU A 19 6.35 3.14 8.03
C LEU A 19 6.30 4.54 8.66
N HIS A 20 5.15 4.88 9.23
CA HIS A 20 4.97 6.19 9.87
C HIS A 20 6.12 6.54 10.81
N LYS A 21 6.55 5.55 11.58
CA LYS A 21 7.60 5.76 12.58
C LYS A 21 9.01 5.60 12.00
N ASN A 22 9.13 5.41 10.69
CA ASN A 22 10.44 5.26 10.09
C ASN A 22 10.49 5.85 8.68
N TRP A 23 9.48 6.62 8.31
CA TRP A 23 9.45 7.24 6.98
C TRP A 23 10.25 8.55 6.97
N HIS A 24 10.22 9.26 8.09
CA HIS A 24 10.94 10.53 8.21
C HIS A 24 10.77 11.12 9.60
N GLY A 25 9.53 11.21 10.05
CA GLY A 25 9.26 11.75 11.37
C GLY A 25 7.92 12.45 11.45
N GLY A 26 7.21 12.22 12.55
CA GLY A 26 5.92 12.85 12.74
C GLY A 26 4.88 12.34 11.76
N LYS A 27 3.99 11.47 12.24
CA LYS A 27 2.94 10.91 11.39
C LYS A 27 2.16 12.02 10.68
N ASP A 28 2.19 13.22 11.25
CA ASP A 28 1.49 14.35 10.66
C ASP A 28 1.86 14.51 9.19
N ASN A 29 3.08 14.16 8.85
CA ASN A 29 3.56 14.26 7.47
C ASN A 29 3.18 13.01 6.69
N LEU A 30 3.43 11.84 7.27
CA LEU A 30 3.09 10.58 6.62
C LEU A 30 1.59 10.52 6.37
N HIS A 31 0.83 11.18 7.25
CA HIS A 31 -0.62 11.20 7.13
C HIS A 31 -1.03 11.49 5.69
N ASP A 32 -0.56 12.61 5.15
CA ASP A 32 -0.89 12.97 3.77
C ASP A 32 -0.43 11.90 2.80
N VAL A 33 0.56 11.12 3.22
CA VAL A 33 1.09 10.04 2.40
C VAL A 33 0.26 8.78 2.57
N ASP A 34 0.27 8.20 3.77
CA ASP A 34 -0.50 7.00 4.02
C ASP A 34 -1.98 7.28 3.74
N ASN A 35 -2.37 8.55 3.80
CA ASN A 35 -3.75 8.92 3.48
C ASN A 35 -4.06 8.42 2.08
N HIS A 36 -3.07 8.57 1.21
CA HIS A 36 -3.17 8.10 -0.15
C HIS A 36 -3.25 6.58 -0.13
N LEU A 37 -2.36 5.99 0.68
CA LEU A 37 -2.32 4.54 0.85
C LEU A 37 -3.67 4.01 1.32
N GLN A 38 -4.05 4.37 2.54
CA GLN A 38 -5.32 3.93 3.12
C GLN A 38 -6.45 4.06 2.11
N ASN A 39 -6.46 5.17 1.38
CA ASN A 39 -7.49 5.41 0.37
C ASN A 39 -7.43 4.33 -0.71
N VAL A 40 -6.24 3.80 -0.94
CA VAL A 40 -6.04 2.77 -1.93
C VAL A 40 -6.83 1.52 -1.55
N ILE A 41 -6.59 1.02 -0.34
CA ILE A 41 -7.27 -0.16 0.17
C ILE A 41 -8.76 -0.16 -0.16
N GLU A 42 -9.42 0.97 0.05
CA GLU A 42 -10.84 1.09 -0.24
C GLU A 42 -11.09 1.03 -1.73
N ASP A 43 -10.11 1.49 -2.50
CA ASP A 43 -10.20 1.47 -3.94
C ASP A 43 -9.85 0.09 -4.47
N ILE A 44 -9.05 -0.65 -3.70
CA ILE A 44 -8.64 -1.99 -4.08
C ILE A 44 -9.67 -3.01 -3.61
N HIS A 45 -10.22 -2.80 -2.42
CA HIS A 45 -11.22 -3.70 -1.85
C HIS A 45 -12.59 -3.48 -2.46
N ASP A 46 -12.97 -2.23 -2.65
CA ASP A 46 -14.26 -1.91 -3.24
C ASP A 46 -14.26 -2.24 -4.73
N PHE A 47 -13.09 -2.20 -5.35
CA PHE A 47 -12.98 -2.49 -6.77
C PHE A 47 -12.75 -3.98 -7.05
N MET A 48 -11.85 -4.60 -6.29
CA MET A 48 -11.54 -6.02 -6.47
C MET A 48 -12.82 -6.86 -6.58
N GLN A 49 -13.83 -6.50 -5.79
CA GLN A 49 -15.10 -7.21 -5.79
C GLN A 49 -15.81 -7.08 -7.14
N GLY A 50 -15.45 -6.05 -7.90
CA GLY A 50 -16.05 -5.84 -9.19
C GLY A 50 -16.48 -4.41 -9.43
N GLY A 51 -15.84 -3.47 -8.73
CA GLY A 51 -16.18 -2.08 -8.88
C GLY A 51 -15.18 -1.33 -9.75
N GLY A 52 -14.65 -2.02 -10.76
CA GLY A 52 -13.68 -1.41 -11.64
C GLY A 52 -12.27 -1.88 -11.36
N SER A 53 -12.14 -3.13 -10.93
CA SER A 53 -10.85 -3.71 -10.62
C SER A 53 -9.93 -3.70 -11.84
N GLY A 54 -10.53 -3.64 -13.02
CA GLY A 54 -9.75 -3.62 -14.25
C GLY A 54 -9.43 -2.21 -14.72
N GLY A 55 -8.49 -1.56 -14.03
CA GLY A 55 -8.10 -0.21 -14.39
C GLY A 55 -7.74 0.63 -13.18
N LYS A 56 -8.13 0.18 -12.00
CA LYS A 56 -7.84 0.89 -10.76
C LYS A 56 -6.50 0.47 -10.20
N LEU A 57 -6.22 -0.82 -10.27
CA LEU A 57 -4.97 -1.35 -9.75
C LEU A 57 -3.76 -0.85 -10.53
N GLN A 58 -3.98 -0.17 -11.65
CA GLN A 58 -2.88 0.35 -12.44
C GLN A 58 -2.46 1.72 -11.92
N GLU A 59 -3.42 2.61 -11.76
CA GLU A 59 -3.14 3.95 -11.26
C GLU A 59 -3.17 3.97 -9.74
N MET A 60 -3.99 3.10 -9.16
CA MET A 60 -4.11 3.03 -7.71
C MET A 60 -2.95 2.26 -7.11
N MET A 61 -2.43 1.27 -7.84
CA MET A 61 -1.30 0.49 -7.31
C MET A 61 -0.14 1.42 -6.97
N LYS A 62 0.10 2.39 -7.85
CA LYS A 62 1.16 3.37 -7.62
C LYS A 62 0.81 4.26 -6.44
N GLU A 63 -0.50 4.41 -6.20
CA GLU A 63 -0.98 5.23 -5.10
C GLU A 63 -0.58 4.64 -3.76
N PHE A 64 -0.54 3.32 -3.68
CA PHE A 64 -0.17 2.65 -2.43
C PHE A 64 1.34 2.47 -2.36
N GLN A 65 1.99 2.41 -3.51
CA GLN A 65 3.44 2.27 -3.57
C GLN A 65 4.13 3.62 -3.40
N GLN A 66 3.48 4.68 -3.89
CA GLN A 66 4.03 6.02 -3.78
C GLN A 66 4.32 6.41 -2.34
N VAL A 67 3.43 6.01 -1.44
CA VAL A 67 3.59 6.29 -0.01
C VAL A 67 4.98 5.89 0.46
N LEU A 68 5.42 4.71 0.05
CA LEU A 68 6.73 4.20 0.41
C LEU A 68 7.84 5.06 -0.20
N ASP A 69 7.49 5.90 -1.16
CA ASP A 69 8.46 6.77 -1.81
C ASP A 69 8.94 7.82 -0.80
N GLU A 70 8.00 8.59 -0.27
CA GLU A 70 8.30 9.61 0.73
C GLU A 70 9.08 8.96 1.88
N LEU A 71 8.68 7.75 2.17
CA LEU A 71 9.25 6.94 3.24
C LEU A 71 10.65 6.43 2.90
N ASN A 72 10.73 5.51 1.95
CA ASN A 72 12.01 4.93 1.55
C ASN A 72 13.05 6.01 1.26
N ASN A 73 12.59 7.19 0.87
CA ASN A 73 13.51 8.29 0.58
C ASN A 73 13.76 9.14 1.81
N HIS A 74 13.36 8.64 2.98
CA HIS A 74 13.56 9.37 4.23
C HIS A 74 13.59 8.45 5.43
N LEU A 75 14.05 7.21 5.24
CA LEU A 75 14.16 6.26 6.34
C LEU A 75 14.90 6.92 7.49
N GLN A 76 14.17 7.65 8.31
CA GLN A 76 14.76 8.38 9.42
C GLN A 76 15.01 7.47 10.62
N GLY A 77 14.09 6.54 10.86
CA GLY A 77 14.22 5.65 12.00
C GLY A 77 15.12 4.47 11.72
N GLY A 78 14.70 3.60 10.81
CA GLY A 78 15.49 2.43 10.48
C GLY A 78 14.85 1.59 9.40
N LYS A 79 15.56 1.43 8.29
CA LYS A 79 15.07 0.64 7.16
C LYS A 79 14.34 -0.61 7.60
N HIS A 80 14.73 -1.17 8.74
CA HIS A 80 14.11 -2.39 9.27
C HIS A 80 12.58 -2.30 9.18
N THR A 81 12.05 -1.10 9.37
CA THR A 81 10.62 -0.87 9.29
C THR A 81 10.15 -1.05 7.86
N VAL A 82 10.48 -0.08 7.02
CA VAL A 82 10.11 -0.11 5.62
C VAL A 82 10.49 -1.43 4.98
N HIS A 83 11.65 -1.98 5.35
CA HIS A 83 12.08 -3.26 4.80
C HIS A 83 10.94 -4.27 4.90
N HIS A 84 10.23 -4.23 6.03
CA HIS A 84 9.11 -5.11 6.26
C HIS A 84 7.88 -4.63 5.47
N ILE A 85 7.80 -3.31 5.27
CA ILE A 85 6.67 -2.73 4.54
C ILE A 85 6.91 -2.76 3.02
N GLU A 86 8.16 -2.58 2.61
CA GLU A 86 8.51 -2.60 1.19
C GLU A 86 8.46 -4.03 0.66
N GLN A 87 8.95 -4.97 1.47
CA GLN A 87 8.93 -6.37 1.08
C GLN A 87 7.49 -6.84 1.00
N ASN A 88 6.66 -6.25 1.85
CA ASN A 88 5.24 -6.58 1.90
C ASN A 88 4.48 -5.82 0.82
N ILE A 89 4.78 -4.52 0.68
CA ILE A 89 4.11 -3.69 -0.31
C ILE A 89 4.60 -3.99 -1.69
N LYS A 90 5.91 -3.92 -1.89
CA LYS A 90 6.47 -4.19 -3.20
C LYS A 90 6.09 -5.59 -3.65
N GLU A 91 5.90 -6.49 -2.69
CA GLU A 91 5.51 -7.85 -3.00
C GLU A 91 3.98 -7.95 -2.99
N ILE A 92 3.33 -6.83 -2.66
CA ILE A 92 1.88 -6.76 -2.61
C ILE A 92 1.31 -6.62 -4.01
N PHE A 93 1.87 -5.68 -4.78
CA PHE A 93 1.45 -5.43 -6.14
C PHE A 93 1.36 -6.75 -6.91
N HIS A 94 2.15 -7.74 -6.49
CA HIS A 94 2.18 -9.05 -7.14
C HIS A 94 0.83 -9.73 -6.97
N HIS A 95 0.50 -10.07 -5.73
CA HIS A 95 -0.78 -10.69 -5.44
C HIS A 95 -1.91 -9.76 -5.83
N LEU A 96 -1.57 -8.49 -6.10
CA LEU A 96 -2.57 -7.51 -6.49
C LEU A 96 -2.80 -7.57 -7.99
N GLU A 97 -1.76 -7.23 -8.75
CA GLU A 97 -1.84 -7.28 -10.20
C GLU A 97 -2.09 -8.70 -10.66
N GLU A 98 -1.85 -9.67 -9.76
CA GLU A 98 -2.06 -11.07 -10.08
C GLU A 98 -3.52 -11.47 -9.80
N LEU A 99 -4.33 -10.51 -9.39
CA LEU A 99 -5.73 -10.74 -9.09
C LEU A 99 -6.61 -10.29 -10.24
N VAL A 100 -6.59 -8.99 -10.51
CA VAL A 100 -7.40 -8.41 -11.58
C VAL A 100 -7.00 -8.98 -12.93
N HIS A 101 -5.74 -9.39 -13.06
CA HIS A 101 -5.25 -9.95 -14.32
C HIS A 101 -5.29 -11.48 -14.28
N ARG A 102 -6.28 -12.02 -13.59
CA ARG A 102 -6.42 -13.47 -13.47
C ARG A 102 -7.89 -13.88 -13.58
N MET A 1 -16.01 -13.07 -8.44
CA MET A 1 -16.05 -12.43 -7.10
C MET A 1 -14.67 -12.41 -6.46
N TYR A 2 -13.88 -11.38 -6.78
CA TYR A 2 -12.54 -11.24 -6.23
C TYR A 2 -12.51 -10.19 -5.13
N GLY A 3 -12.83 -10.62 -3.91
CA GLY A 3 -12.83 -9.70 -2.78
C GLY A 3 -12.06 -10.23 -1.59
N LYS A 4 -11.33 -11.33 -1.79
CA LYS A 4 -10.53 -11.91 -0.72
C LYS A 4 -9.10 -11.43 -0.81
N LEU A 5 -8.70 -10.97 -1.98
CA LEU A 5 -7.35 -10.47 -2.15
C LEU A 5 -7.09 -9.42 -1.06
N ASN A 6 -8.17 -8.83 -0.53
CA ASN A 6 -8.06 -7.85 0.51
C ASN A 6 -7.36 -8.44 1.74
N ASP A 7 -7.71 -9.68 2.06
CA ASP A 7 -7.11 -10.38 3.20
C ASP A 7 -5.59 -10.27 3.14
N LEU A 8 -5.07 -10.18 1.92
CA LEU A 8 -3.65 -10.04 1.70
C LEU A 8 -3.22 -8.59 1.79
N LEU A 9 -4.14 -7.69 1.41
CA LEU A 9 -3.86 -6.26 1.44
C LEU A 9 -3.76 -5.78 2.89
N GLU A 10 -4.54 -6.40 3.77
CA GLU A 10 -4.55 -6.04 5.19
C GLU A 10 -3.14 -5.95 5.75
N ASP A 11 -2.32 -6.95 5.42
CA ASP A 11 -0.93 -6.98 5.89
C ASP A 11 -0.18 -5.72 5.47
N LEU A 12 -0.43 -5.29 4.24
CA LEU A 12 0.21 -4.10 3.69
C LEU A 12 -0.11 -2.89 4.54
N GLN A 13 -1.38 -2.53 4.59
CA GLN A 13 -1.83 -1.36 5.35
C GLN A 13 -1.25 -1.35 6.76
N GLU A 14 -1.21 -2.52 7.40
CA GLU A 14 -0.67 -2.64 8.75
C GLU A 14 0.84 -2.48 8.70
N VAL A 15 1.43 -2.89 7.59
CA VAL A 15 2.86 -2.79 7.39
C VAL A 15 3.27 -1.31 7.33
N LEU A 16 2.33 -0.46 6.96
CA LEU A 16 2.58 0.97 6.91
C LEU A 16 2.80 1.50 8.32
N LYS A 17 2.09 0.91 9.29
CA LYS A 17 2.22 1.32 10.69
C LYS A 17 3.67 1.57 11.04
N ASN A 18 4.53 0.67 10.56
CA ASN A 18 5.96 0.80 10.78
C ASN A 18 6.47 2.06 10.08
N LEU A 19 6.08 2.19 8.82
CA LEU A 19 6.46 3.32 7.99
C LEU A 19 6.22 4.66 8.71
N HIS A 20 5.00 4.89 9.14
CA HIS A 20 4.65 6.14 9.83
C HIS A 20 5.67 6.53 10.89
N LYS A 21 6.36 5.55 11.46
CA LYS A 21 7.33 5.82 12.52
C LYS A 21 8.76 5.97 12.02
N ASN A 22 9.05 5.48 10.83
CA ASN A 22 10.39 5.58 10.29
C ASN A 22 10.44 6.28 8.94
N TRP A 23 9.29 6.60 8.38
CA TRP A 23 9.26 7.29 7.08
C TRP A 23 9.99 8.62 7.16
N HIS A 24 9.92 9.27 8.32
CA HIS A 24 10.56 10.56 8.52
C HIS A 24 10.39 11.02 9.96
N GLY A 25 9.15 11.04 10.42
CA GLY A 25 8.88 11.46 11.78
C GLY A 25 7.52 12.11 11.93
N GLY A 26 6.75 11.65 12.90
CA GLY A 26 5.44 12.20 13.14
C GLY A 26 4.45 11.80 12.06
N LYS A 27 3.43 11.04 12.44
CA LYS A 27 2.42 10.60 11.50
C LYS A 27 1.71 11.80 10.86
N ASP A 28 1.84 12.96 11.48
CA ASP A 28 1.22 14.17 10.96
C ASP A 28 1.59 14.39 9.50
N ASN A 29 2.83 14.08 9.15
CA ASN A 29 3.30 14.24 7.78
C ASN A 29 2.92 13.02 6.94
N LEU A 30 3.13 11.84 7.50
CA LEU A 30 2.78 10.60 6.82
C LEU A 30 1.29 10.55 6.55
N HIS A 31 0.52 11.22 7.40
CA HIS A 31 -0.93 11.26 7.26
C HIS A 31 -1.33 11.59 5.83
N ASP A 32 -0.55 12.46 5.19
CA ASP A 32 -0.83 12.85 3.82
C ASP A 32 -0.41 11.74 2.84
N VAL A 33 0.54 10.92 3.27
CA VAL A 33 1.03 9.82 2.45
C VAL A 33 0.17 8.57 2.66
N ASP A 34 0.06 8.12 3.90
CA ASP A 34 -0.74 6.95 4.20
C ASP A 34 -2.18 7.19 3.76
N ASN A 35 -2.59 8.45 3.71
CA ASN A 35 -3.94 8.79 3.26
C ASN A 35 -4.12 8.24 1.86
N HIS A 36 -3.08 8.38 1.05
CA HIS A 36 -3.10 7.87 -0.31
C HIS A 36 -3.22 6.36 -0.25
N LEU A 37 -2.38 5.75 0.57
CA LEU A 37 -2.40 4.30 0.75
C LEU A 37 -3.78 3.84 1.20
N GLN A 38 -4.17 4.22 2.41
CA GLN A 38 -5.47 3.86 2.96
C GLN A 38 -6.58 4.08 1.94
N ASN A 39 -6.51 5.20 1.23
CA ASN A 39 -7.50 5.52 0.22
C ASN A 39 -7.48 4.47 -0.89
N VAL A 40 -6.30 3.90 -1.13
CA VAL A 40 -6.16 2.87 -2.15
C VAL A 40 -6.98 1.64 -1.78
N ILE A 41 -6.76 1.13 -0.57
CA ILE A 41 -7.47 -0.05 -0.09
C ILE A 41 -8.96 0.00 -0.45
N GLU A 42 -9.57 1.17 -0.32
CA GLU A 42 -10.99 1.32 -0.65
C GLU A 42 -11.20 1.27 -2.15
N ASP A 43 -10.18 1.69 -2.89
CA ASP A 43 -10.25 1.67 -4.33
C ASP A 43 -9.87 0.29 -4.86
N ILE A 44 -9.03 -0.42 -4.11
CA ILE A 44 -8.61 -1.76 -4.49
C ILE A 44 -9.60 -2.81 -3.99
N HIS A 45 -10.11 -2.60 -2.78
CA HIS A 45 -11.06 -3.54 -2.19
C HIS A 45 -12.46 -3.36 -2.77
N ASP A 46 -12.83 -2.12 -3.04
CA ASP A 46 -14.14 -1.84 -3.61
C ASP A 46 -14.18 -2.20 -5.08
N PHE A 47 -13.02 -2.13 -5.74
CA PHE A 47 -12.95 -2.45 -7.17
C PHE A 47 -12.71 -3.94 -7.40
N MET A 48 -11.80 -4.53 -6.63
CA MET A 48 -11.48 -5.95 -6.77
C MET A 48 -12.74 -6.81 -6.88
N GLN A 49 -13.81 -6.34 -6.24
CA GLN A 49 -15.07 -7.08 -6.25
C GLN A 49 -15.70 -7.07 -7.65
N GLY A 50 -15.41 -6.03 -8.42
CA GLY A 50 -15.95 -5.92 -9.75
C GLY A 50 -16.35 -4.50 -10.13
N GLY A 51 -16.39 -3.61 -9.13
CA GLY A 51 -16.76 -2.24 -9.39
C GLY A 51 -15.89 -1.59 -10.45
N GLY A 52 -14.70 -2.14 -10.66
CA GLY A 52 -13.79 -1.59 -11.65
C GLY A 52 -12.34 -1.91 -11.34
N SER A 53 -12.04 -3.19 -11.18
CA SER A 53 -10.69 -3.64 -10.88
C SER A 53 -9.80 -3.59 -12.11
N GLY A 54 -10.42 -3.59 -13.29
CA GLY A 54 -9.65 -3.55 -14.52
C GLY A 54 -9.34 -2.14 -14.98
N GLY A 55 -8.41 -1.49 -14.29
CA GLY A 55 -8.04 -0.12 -14.63
C GLY A 55 -7.68 0.71 -13.43
N LYS A 56 -8.08 0.24 -12.24
CA LYS A 56 -7.80 0.96 -11.00
C LYS A 56 -6.44 0.54 -10.44
N LEU A 57 -6.18 -0.75 -10.45
CA LEU A 57 -4.92 -1.27 -9.92
C LEU A 57 -3.72 -0.77 -10.72
N GLN A 58 -3.97 -0.15 -11.87
CA GLN A 58 -2.87 0.37 -12.69
C GLN A 58 -2.46 1.76 -12.23
N GLU A 59 -3.44 2.64 -12.09
CA GLU A 59 -3.18 4.01 -11.64
C GLU A 59 -3.18 4.08 -10.12
N MET A 60 -3.96 3.21 -9.50
CA MET A 60 -4.05 3.17 -8.04
C MET A 60 -2.85 2.46 -7.44
N MET A 61 -2.30 1.49 -8.17
CA MET A 61 -1.13 0.76 -7.68
C MET A 61 0.00 1.72 -7.35
N LYS A 62 0.16 2.74 -8.19
CA LYS A 62 1.21 3.74 -7.98
C LYS A 62 0.91 4.61 -6.76
N GLU A 63 -0.32 4.51 -6.25
CA GLU A 63 -0.72 5.29 -5.09
C GLU A 63 -0.31 4.61 -3.79
N PHE A 64 -0.17 3.28 -3.81
CA PHE A 64 0.21 2.55 -2.62
C PHE A 64 1.74 2.48 -2.49
N GLN A 65 2.43 2.51 -3.62
CA GLN A 65 3.88 2.47 -3.63
C GLN A 65 4.47 3.86 -3.37
N GLN A 66 3.75 4.89 -3.78
CA GLN A 66 4.19 6.27 -3.59
C GLN A 66 4.40 6.57 -2.12
N VAL A 67 3.62 5.90 -1.26
CA VAL A 67 3.71 6.09 0.18
C VAL A 67 5.13 5.79 0.66
N LEU A 68 5.57 4.56 0.43
CA LEU A 68 6.92 4.13 0.82
C LEU A 68 7.96 4.96 0.10
N ASP A 69 7.54 5.71 -0.93
CA ASP A 69 8.44 6.58 -1.66
C ASP A 69 8.89 7.71 -0.74
N GLU A 70 7.92 8.38 -0.13
CA GLU A 70 8.20 9.46 0.82
C GLU A 70 9.04 8.90 1.96
N LEU A 71 8.77 7.64 2.27
CA LEU A 71 9.45 6.92 3.33
C LEU A 71 10.94 6.75 3.03
N ASN A 72 11.24 5.99 1.99
CA ASN A 72 12.62 5.73 1.60
C ASN A 72 13.43 7.02 1.49
N ASN A 73 12.75 8.13 1.28
CA ASN A 73 13.40 9.42 1.15
C ASN A 73 13.65 10.08 2.50
N HIS A 74 13.18 9.45 3.58
CA HIS A 74 13.36 10.03 4.92
C HIS A 74 13.44 8.96 6.00
N LEU A 75 14.05 7.82 5.67
CA LEU A 75 14.19 6.76 6.65
C LEU A 75 15.13 7.22 7.75
N GLN A 76 14.56 7.92 8.73
CA GLN A 76 15.34 8.44 9.83
C GLN A 76 15.86 7.31 10.72
N GLY A 77 16.76 6.49 10.16
CA GLY A 77 17.31 5.39 10.91
C GLY A 77 16.28 4.33 11.24
N GLY A 78 15.60 3.83 10.21
CA GLY A 78 14.59 2.81 10.42
C GLY A 78 14.38 1.94 9.19
N LYS A 79 15.44 1.80 8.39
CA LYS A 79 15.39 0.98 7.17
C LYS A 79 14.64 -0.34 7.38
N HIS A 80 14.65 -0.83 8.63
CA HIS A 80 13.97 -2.08 8.96
C HIS A 80 12.49 -1.99 8.61
N THR A 81 11.90 -0.84 8.90
CA THR A 81 10.50 -0.60 8.62
C THR A 81 10.23 -0.76 7.13
N VAL A 82 11.02 -0.06 6.32
CA VAL A 82 10.84 -0.16 4.88
C VAL A 82 10.98 -1.59 4.41
N HIS A 83 12.15 -2.17 4.66
CA HIS A 83 12.40 -3.55 4.26
C HIS A 83 11.18 -4.43 4.58
N HIS A 84 10.57 -4.17 5.73
CA HIS A 84 9.38 -4.92 6.14
C HIS A 84 8.15 -4.45 5.38
N ILE A 85 7.95 -3.13 5.36
CA ILE A 85 6.79 -2.54 4.68
C ILE A 85 6.95 -2.56 3.15
N GLU A 86 8.18 -2.76 2.67
CA GLU A 86 8.44 -2.82 1.22
C GLU A 86 8.37 -4.26 0.73
N GLN A 87 8.98 -5.18 1.47
CA GLN A 87 8.92 -6.59 1.10
C GLN A 87 7.46 -7.02 1.15
N ASN A 88 6.70 -6.29 1.95
CA ASN A 88 5.28 -6.53 2.13
C ASN A 88 4.50 -5.88 1.00
N ILE A 89 4.64 -4.55 0.89
CA ILE A 89 3.94 -3.80 -0.14
C ILE A 89 4.42 -4.18 -1.53
N LYS A 90 5.73 -4.20 -1.73
CA LYS A 90 6.27 -4.57 -3.02
C LYS A 90 5.80 -5.97 -3.41
N GLU A 91 5.52 -6.78 -2.39
CA GLU A 91 5.04 -8.14 -2.62
C GLU A 91 3.51 -8.15 -2.66
N ILE A 92 2.90 -6.99 -2.40
CA ILE A 92 1.46 -6.86 -2.43
C ILE A 92 0.97 -6.76 -3.86
N PHE A 93 1.62 -5.89 -4.63
CA PHE A 93 1.27 -5.70 -6.03
C PHE A 93 1.14 -7.05 -6.73
N HIS A 94 1.89 -8.05 -6.24
CA HIS A 94 1.87 -9.38 -6.81
C HIS A 94 0.48 -9.98 -6.70
N HIS A 95 0.03 -10.17 -5.47
CA HIS A 95 -1.29 -10.71 -5.21
C HIS A 95 -2.36 -9.73 -5.68
N LEU A 96 -1.93 -8.50 -6.04
CA LEU A 96 -2.86 -7.48 -6.51
C LEU A 96 -3.03 -7.58 -8.02
N GLU A 97 -1.93 -7.44 -8.73
CA GLU A 97 -1.95 -7.54 -10.18
C GLU A 97 -2.22 -8.98 -10.60
N GLU A 98 -2.13 -9.89 -9.63
CA GLU A 98 -2.38 -11.31 -9.89
C GLU A 98 -3.86 -11.63 -9.78
N LEU A 99 -4.59 -10.78 -9.04
CA LEU A 99 -6.02 -10.96 -8.85
C LEU A 99 -6.79 -10.56 -10.10
N VAL A 100 -6.65 -9.30 -10.49
CA VAL A 100 -7.34 -8.79 -11.67
C VAL A 100 -6.94 -9.55 -12.93
N HIS A 101 -5.65 -9.85 -13.05
CA HIS A 101 -5.15 -10.58 -14.21
C HIS A 101 -5.78 -11.97 -14.30
N ARG A 102 -6.13 -12.54 -13.15
CA ARG A 102 -6.76 -13.85 -13.10
C ARG A 102 -8.12 -13.83 -13.78
N MET A 1 -15.66 -12.33 -9.10
CA MET A 1 -15.73 -12.11 -7.63
C MET A 1 -14.37 -12.31 -6.97
N TYR A 2 -13.74 -11.21 -6.57
CA TYR A 2 -12.43 -11.27 -5.93
C TYR A 2 -12.28 -10.14 -4.91
N GLY A 3 -12.73 -10.39 -3.69
CA GLY A 3 -12.64 -9.39 -2.64
C GLY A 3 -11.75 -9.82 -1.49
N LYS A 4 -11.43 -11.10 -1.43
CA LYS A 4 -10.58 -11.62 -0.36
C LYS A 4 -9.14 -11.19 -0.54
N LEU A 5 -8.79 -10.80 -1.76
CA LEU A 5 -7.43 -10.33 -2.01
C LEU A 5 -7.08 -9.25 -1.01
N ASN A 6 -8.12 -8.60 -0.46
CA ASN A 6 -7.94 -7.56 0.52
C ASN A 6 -7.36 -8.13 1.81
N ASP A 7 -7.76 -9.35 2.16
CA ASP A 7 -7.24 -9.99 3.36
C ASP A 7 -5.72 -9.88 3.35
N LEU A 8 -5.15 -9.96 2.16
CA LEU A 8 -3.71 -9.85 1.99
C LEU A 8 -3.32 -8.39 1.80
N LEU A 9 -4.24 -7.59 1.25
CA LEU A 9 -3.97 -6.17 1.03
C LEU A 9 -3.96 -5.41 2.35
N GLU A 10 -4.70 -5.94 3.32
CA GLU A 10 -4.78 -5.31 4.65
C GLU A 10 -3.39 -5.18 5.28
N ASP A 11 -2.62 -6.26 5.24
CA ASP A 11 -1.28 -6.27 5.81
C ASP A 11 -0.49 -5.02 5.41
N LEU A 12 -0.67 -4.61 4.16
CA LEU A 12 0.01 -3.43 3.64
C LEU A 12 -0.33 -2.20 4.47
N GLN A 13 -1.62 -1.85 4.49
CA GLN A 13 -2.06 -0.68 5.24
C GLN A 13 -1.56 -0.74 6.68
N GLU A 14 -1.49 -1.94 7.23
CA GLU A 14 -1.01 -2.14 8.59
C GLU A 14 0.51 -2.03 8.62
N VAL A 15 1.14 -2.41 7.52
CA VAL A 15 2.57 -2.35 7.42
C VAL A 15 3.04 -0.90 7.48
N LEU A 16 2.22 -0.02 6.92
CA LEU A 16 2.53 1.41 6.92
C LEU A 16 2.71 1.90 8.35
N LYS A 17 1.91 1.36 9.27
CA LYS A 17 2.00 1.73 10.68
C LYS A 17 3.45 1.82 11.12
N ASN A 18 4.23 0.83 10.72
CA ASN A 18 5.66 0.81 11.03
C ASN A 18 6.36 1.94 10.30
N LEU A 19 6.01 2.09 9.04
CA LEU A 19 6.56 3.11 8.17
C LEU A 19 6.43 4.50 8.81
N HIS A 20 5.33 4.72 9.52
CA HIS A 20 5.08 5.99 10.18
C HIS A 20 6.23 6.39 11.12
N LYS A 21 6.88 5.39 11.70
CA LYS A 21 7.98 5.64 12.64
C LYS A 21 9.35 5.61 11.97
N ASN A 22 9.41 5.28 10.69
CA ASN A 22 10.69 5.23 10.00
C ASN A 22 10.70 6.06 8.72
N TRP A 23 9.53 6.47 8.24
CA TRP A 23 9.47 7.27 7.02
C TRP A 23 10.25 8.58 7.19
N HIS A 24 10.16 9.17 8.37
CA HIS A 24 10.87 10.41 8.65
C HIS A 24 10.69 10.82 10.11
N GLY A 25 9.44 10.81 10.57
CA GLY A 25 9.17 11.18 11.95
C GLY A 25 7.87 11.94 12.10
N GLY A 26 7.01 11.46 12.99
CA GLY A 26 5.74 12.11 13.22
C GLY A 26 4.66 11.62 12.29
N LYS A 27 3.82 10.72 12.79
CA LYS A 27 2.73 10.18 11.97
C LYS A 27 1.93 11.30 11.32
N ASP A 28 1.94 12.48 11.93
CA ASP A 28 1.23 13.63 11.40
C ASP A 28 1.68 13.91 9.97
N ASN A 29 2.93 13.57 9.67
CA ASN A 29 3.48 13.78 8.33
C ASN A 29 3.17 12.57 7.44
N LEU A 30 3.19 11.40 8.03
CA LEU A 30 2.90 10.16 7.31
C LEU A 30 1.42 10.09 6.96
N HIS A 31 0.60 10.65 7.85
CA HIS A 31 -0.85 10.65 7.65
C HIS A 31 -1.20 11.17 6.27
N ASP A 32 -0.44 12.15 5.79
CA ASP A 32 -0.67 12.73 4.47
C ASP A 32 -0.17 11.83 3.36
N VAL A 33 0.80 10.99 3.66
CA VAL A 33 1.36 10.08 2.67
C VAL A 33 0.61 8.76 2.65
N ASP A 34 0.40 8.16 3.82
CA ASP A 34 -0.32 6.90 3.91
C ASP A 34 -1.79 7.12 3.56
N ASN A 35 -2.27 8.36 3.74
CA ASN A 35 -3.65 8.68 3.41
C ASN A 35 -3.92 8.27 1.97
N HIS A 36 -2.89 8.44 1.14
CA HIS A 36 -2.96 8.08 -0.26
C HIS A 36 -3.16 6.57 -0.38
N LEU A 37 -2.58 5.85 0.58
CA LEU A 37 -2.69 4.40 0.62
C LEU A 37 -4.07 4.00 1.10
N GLN A 38 -4.37 4.35 2.35
CA GLN A 38 -5.66 4.04 2.96
C GLN A 38 -6.82 4.36 2.01
N ASN A 39 -6.64 5.38 1.18
CA ASN A 39 -7.68 5.76 0.23
C ASN A 39 -7.73 4.77 -0.94
N VAL A 40 -6.58 4.17 -1.23
CA VAL A 40 -6.49 3.20 -2.31
C VAL A 40 -7.15 1.88 -1.91
N ILE A 41 -6.85 1.41 -0.70
CA ILE A 41 -7.42 0.16 -0.20
C ILE A 41 -8.92 0.08 -0.46
N GLU A 42 -9.59 1.23 -0.40
CA GLU A 42 -11.03 1.29 -0.64
C GLU A 42 -11.32 1.18 -2.13
N ASP A 43 -10.40 1.67 -2.93
CA ASP A 43 -10.57 1.59 -4.38
C ASP A 43 -10.11 0.23 -4.88
N ILE A 44 -9.22 -0.39 -4.13
CA ILE A 44 -8.71 -1.72 -4.50
C ILE A 44 -9.60 -2.83 -3.96
N HIS A 45 -9.96 -2.74 -2.68
CA HIS A 45 -10.79 -3.76 -2.05
C HIS A 45 -12.22 -3.71 -2.55
N ASP A 46 -12.68 -2.54 -3.00
CA ASP A 46 -14.05 -2.41 -3.49
C ASP A 46 -14.10 -2.76 -4.97
N PHE A 47 -13.09 -2.33 -5.71
CA PHE A 47 -13.02 -2.60 -7.14
C PHE A 47 -12.69 -4.06 -7.41
N MET A 48 -11.76 -4.62 -6.63
CA MET A 48 -11.36 -6.01 -6.78
C MET A 48 -12.57 -6.94 -6.76
N GLN A 49 -13.63 -6.51 -6.07
CA GLN A 49 -14.85 -7.30 -5.97
C GLN A 49 -15.71 -7.17 -7.23
N GLY A 50 -15.25 -6.38 -8.19
CA GLY A 50 -15.99 -6.19 -9.42
C GLY A 50 -16.40 -4.74 -9.66
N GLY A 51 -15.74 -3.82 -8.97
CA GLY A 51 -16.05 -2.41 -9.14
C GLY A 51 -15.14 -1.73 -10.13
N GLY A 52 -14.63 -2.49 -11.10
CA GLY A 52 -13.74 -1.94 -12.09
C GLY A 52 -12.28 -2.18 -11.77
N SER A 53 -11.98 -3.36 -11.26
CA SER A 53 -10.61 -3.72 -10.90
C SER A 53 -9.70 -3.73 -12.13
N GLY A 54 -10.30 -3.95 -13.29
CA GLY A 54 -9.53 -3.97 -14.53
C GLY A 54 -9.24 -2.59 -15.06
N GLY A 55 -8.38 -1.86 -14.38
CA GLY A 55 -8.03 -0.51 -14.81
C GLY A 55 -7.66 0.40 -13.66
N LYS A 56 -8.09 0.04 -12.46
CA LYS A 56 -7.80 0.83 -11.26
C LYS A 56 -6.48 0.43 -10.63
N LEU A 57 -6.27 -0.87 -10.48
CA LEU A 57 -5.05 -1.38 -9.88
C LEU A 57 -3.80 -1.00 -10.68
N GLN A 58 -3.98 -0.46 -11.88
CA GLN A 58 -2.82 -0.08 -12.69
C GLN A 58 -2.36 1.34 -12.34
N GLU A 59 -3.29 2.27 -12.32
CA GLU A 59 -2.97 3.66 -11.98
C GLU A 59 -3.06 3.86 -10.48
N MET A 60 -3.91 3.07 -9.83
CA MET A 60 -4.11 3.16 -8.40
C MET A 60 -2.97 2.47 -7.65
N MET A 61 -2.43 1.40 -8.23
CA MET A 61 -1.33 0.69 -7.58
C MET A 61 -0.18 1.65 -7.27
N LYS A 62 0.08 2.55 -8.19
CA LYS A 62 1.16 3.52 -8.01
C LYS A 62 0.85 4.46 -6.85
N GLU A 63 -0.41 4.49 -6.42
CA GLU A 63 -0.83 5.35 -5.33
C GLU A 63 -0.47 4.76 -3.96
N PHE A 64 -0.32 3.44 -3.90
CA PHE A 64 0.04 2.79 -2.64
C PHE A 64 1.56 2.75 -2.48
N GLN A 65 2.26 2.58 -3.59
CA GLN A 65 3.72 2.53 -3.58
C GLN A 65 4.29 3.93 -3.37
N GLN A 66 3.58 4.95 -3.87
CA GLN A 66 4.01 6.33 -3.73
C GLN A 66 4.19 6.70 -2.26
N VAL A 67 3.35 6.12 -1.41
CA VAL A 67 3.42 6.36 0.02
C VAL A 67 4.80 5.99 0.55
N LEU A 68 5.27 4.81 0.16
CA LEU A 68 6.58 4.33 0.56
C LEU A 68 7.67 5.22 -0.03
N ASP A 69 7.30 6.05 -1.02
CA ASP A 69 8.25 6.96 -1.64
C ASP A 69 8.71 8.01 -0.64
N GLU A 70 7.76 8.81 -0.16
CA GLU A 70 8.06 9.84 0.84
C GLU A 70 8.84 9.21 1.99
N LEU A 71 8.52 7.95 2.22
CA LEU A 71 9.11 7.15 3.29
C LEU A 71 10.54 6.73 2.95
N ASN A 72 10.68 5.82 1.98
CA ASN A 72 11.98 5.32 1.57
C ASN A 72 12.98 6.46 1.33
N ASN A 73 12.46 7.63 0.98
CA ASN A 73 13.32 8.78 0.72
C ASN A 73 13.65 9.54 2.00
N HIS A 74 13.25 8.98 3.15
CA HIS A 74 13.52 9.64 4.43
C HIS A 74 13.62 8.64 5.56
N LEU A 75 14.12 7.44 5.28
CA LEU A 75 14.30 6.44 6.33
C LEU A 75 15.14 7.04 7.44
N GLN A 76 14.48 7.76 8.32
CA GLN A 76 15.16 8.44 9.41
C GLN A 76 15.40 7.52 10.60
N GLY A 77 14.47 6.61 10.83
CA GLY A 77 14.59 5.69 11.96
C GLY A 77 15.45 4.48 11.65
N GLY A 78 14.97 3.64 10.74
CA GLY A 78 15.70 2.45 10.38
C GLY A 78 15.05 1.70 9.23
N LYS A 79 15.77 1.60 8.12
CA LYS A 79 15.25 0.92 6.93
C LYS A 79 14.60 -0.41 7.29
N HIS A 80 15.06 -1.04 8.37
CA HIS A 80 14.50 -2.32 8.81
C HIS A 80 12.98 -2.28 8.80
N THR A 81 12.42 -1.10 9.03
CA THR A 81 10.98 -0.93 9.03
C THR A 81 10.46 -1.06 7.61
N VAL A 82 10.71 -0.02 6.81
CA VAL A 82 10.28 -0.01 5.42
C VAL A 82 10.69 -1.30 4.72
N HIS A 83 11.90 -1.79 4.99
CA HIS A 83 12.36 -3.02 4.37
C HIS A 83 11.29 -4.10 4.50
N HIS A 84 10.68 -4.15 5.67
CA HIS A 84 9.62 -5.11 5.93
C HIS A 84 8.32 -4.68 5.26
N ILE A 85 8.15 -3.36 5.08
CA ILE A 85 6.95 -2.83 4.46
C ILE A 85 7.07 -2.83 2.94
N GLU A 86 8.27 -2.57 2.43
CA GLU A 86 8.51 -2.55 0.99
C GLU A 86 8.47 -3.97 0.43
N GLN A 87 9.11 -4.89 1.14
CA GLN A 87 9.11 -6.29 0.70
C GLN A 87 7.67 -6.80 0.72
N ASN A 88 6.88 -6.23 1.62
CA ASN A 88 5.47 -6.58 1.75
C ASN A 88 4.63 -5.82 0.71
N ILE A 89 4.73 -4.50 0.75
CA ILE A 89 3.97 -3.65 -0.17
C ILE A 89 4.36 -3.93 -1.60
N LYS A 90 5.67 -3.96 -1.87
CA LYS A 90 6.14 -4.23 -3.21
C LYS A 90 5.67 -5.61 -3.64
N GLU A 91 5.50 -6.50 -2.66
CA GLU A 91 5.03 -7.85 -2.93
C GLU A 91 3.51 -7.89 -2.84
N ILE A 92 2.89 -6.75 -2.50
CA ILE A 92 1.45 -6.64 -2.39
C ILE A 92 0.86 -6.53 -3.78
N PHE A 93 1.49 -5.71 -4.61
CA PHE A 93 1.05 -5.52 -5.98
C PHE A 93 0.97 -6.86 -6.70
N HIS A 94 1.77 -7.83 -6.24
CA HIS A 94 1.79 -9.15 -6.84
C HIS A 94 0.43 -9.81 -6.70
N HIS A 95 0.06 -10.10 -5.46
CA HIS A 95 -1.23 -10.69 -5.18
C HIS A 95 -2.35 -9.78 -5.67
N LEU A 96 -1.99 -8.53 -6.01
CA LEU A 96 -2.97 -7.57 -6.49
C LEU A 96 -3.11 -7.67 -8.00
N GLU A 97 -2.04 -7.32 -8.71
CA GLU A 97 -2.03 -7.39 -10.16
C GLU A 97 -2.21 -8.83 -10.63
N GLU A 98 -2.00 -9.77 -9.71
CA GLU A 98 -2.17 -11.18 -10.03
C GLU A 98 -3.62 -11.63 -9.82
N LEU A 99 -4.41 -10.77 -9.20
CA LEU A 99 -5.82 -11.06 -8.94
C LEU A 99 -6.65 -10.78 -10.18
N VAL A 100 -6.59 -9.54 -10.66
CA VAL A 100 -7.33 -9.12 -11.83
C VAL A 100 -6.91 -9.92 -13.07
N HIS A 101 -5.64 -10.31 -13.10
CA HIS A 101 -5.11 -11.07 -14.23
C HIS A 101 -5.70 -12.48 -14.25
N ARG A 102 -5.82 -13.09 -13.07
CA ARG A 102 -6.37 -14.44 -12.96
C ARG A 102 -7.83 -14.47 -13.41
N MET A 1 -14.74 -16.44 -7.04
CA MET A 1 -15.01 -14.98 -6.85
C MET A 1 -13.80 -14.27 -6.25
N TYR A 2 -13.15 -13.43 -7.06
CA TYR A 2 -11.98 -12.69 -6.61
C TYR A 2 -12.38 -11.56 -5.67
N GLY A 3 -11.82 -11.57 -4.47
CA GLY A 3 -12.13 -10.53 -3.50
C GLY A 3 -11.38 -10.72 -2.20
N LYS A 4 -11.18 -11.97 -1.81
CA LYS A 4 -10.45 -12.27 -0.57
C LYS A 4 -9.05 -11.71 -0.60
N LEU A 5 -8.57 -11.37 -1.80
CA LEU A 5 -7.25 -10.78 -1.92
C LEU A 5 -7.13 -9.63 -0.94
N ASN A 6 -8.27 -9.05 -0.58
CA ASN A 6 -8.31 -7.94 0.36
C ASN A 6 -7.71 -8.37 1.70
N ASP A 7 -8.04 -9.58 2.14
CA ASP A 7 -7.52 -10.10 3.41
C ASP A 7 -6.00 -9.93 3.45
N LEU A 8 -5.38 -10.00 2.27
CA LEU A 8 -3.94 -9.83 2.17
C LEU A 8 -3.59 -8.36 2.10
N LEU A 9 -4.50 -7.56 1.54
CA LEU A 9 -4.30 -6.13 1.42
C LEU A 9 -4.12 -5.49 2.80
N GLU A 10 -4.96 -5.92 3.75
CA GLU A 10 -4.92 -5.40 5.11
C GLU A 10 -3.48 -5.34 5.64
N ASP A 11 -2.70 -6.36 5.32
CA ASP A 11 -1.31 -6.41 5.77
C ASP A 11 -0.55 -5.16 5.36
N LEU A 12 -0.77 -4.72 4.12
CA LEU A 12 -0.13 -3.54 3.59
C LEU A 12 -0.41 -2.33 4.48
N GLN A 13 -1.68 -1.97 4.55
CA GLN A 13 -2.09 -0.82 5.35
C GLN A 13 -1.56 -0.92 6.78
N GLU A 14 -1.55 -2.12 7.32
CA GLU A 14 -1.05 -2.34 8.68
C GLU A 14 0.47 -2.27 8.68
N VAL A 15 1.07 -2.58 7.54
CA VAL A 15 2.51 -2.53 7.42
C VAL A 15 2.99 -1.08 7.48
N LEU A 16 2.13 -0.16 7.04
CA LEU A 16 2.46 1.25 7.05
C LEU A 16 2.56 1.75 8.50
N LYS A 17 1.73 1.20 9.38
CA LYS A 17 1.73 1.59 10.79
C LYS A 17 3.17 1.77 11.29
N ASN A 18 4.07 0.95 10.75
CA ASN A 18 5.48 1.03 11.11
C ASN A 18 6.15 2.16 10.33
N LEU A 19 5.80 2.26 9.05
CA LEU A 19 6.36 3.28 8.17
C LEU A 19 6.20 4.67 8.79
N HIS A 20 5.18 4.85 9.59
CA HIS A 20 4.93 6.14 10.25
C HIS A 20 6.08 6.50 11.17
N LYS A 21 6.62 5.50 11.84
CA LYS A 21 7.71 5.71 12.78
C LYS A 21 9.07 5.49 12.14
N ASN A 22 9.13 5.50 10.81
CA ASN A 22 10.40 5.28 10.13
C ASN A 22 10.54 6.08 8.84
N TRP A 23 9.44 6.55 8.25
CA TRP A 23 9.54 7.31 7.02
C TRP A 23 10.29 8.61 7.23
N HIS A 24 10.23 9.13 8.45
CA HIS A 24 10.91 10.37 8.78
C HIS A 24 10.71 10.73 10.25
N GLY A 25 9.45 10.76 10.67
CA GLY A 25 9.15 11.09 12.05
C GLY A 25 7.90 11.94 12.19
N GLY A 26 6.98 11.48 13.02
CA GLY A 26 5.76 12.21 13.24
C GLY A 26 4.66 11.79 12.28
N LYS A 27 3.82 10.86 12.73
CA LYS A 27 2.72 10.36 11.89
C LYS A 27 1.95 11.54 11.27
N ASP A 28 1.99 12.68 11.94
CA ASP A 28 1.31 13.88 11.43
C ASP A 28 1.76 14.18 10.01
N ASN A 29 3.01 13.85 9.70
CA ASN A 29 3.55 14.08 8.36
C ASN A 29 3.22 12.91 7.45
N LEU A 30 3.37 11.70 7.99
CA LEU A 30 3.08 10.48 7.24
C LEU A 30 1.60 10.45 6.86
N HIS A 31 0.76 10.96 7.75
CA HIS A 31 -0.68 10.99 7.52
C HIS A 31 -1.01 11.50 6.12
N ASP A 32 -0.22 12.44 5.63
CA ASP A 32 -0.43 13.01 4.31
C ASP A 32 0.04 12.06 3.20
N VAL A 33 0.97 11.19 3.54
CA VAL A 33 1.49 10.23 2.56
C VAL A 33 0.71 8.92 2.57
N ASP A 34 0.47 8.38 3.76
CA ASP A 34 -0.29 7.14 3.87
C ASP A 34 -1.76 7.38 3.55
N ASN A 35 -2.20 8.63 3.73
CA ASN A 35 -3.59 8.97 3.40
C ASN A 35 -3.89 8.56 1.97
N HIS A 36 -2.84 8.61 1.15
CA HIS A 36 -2.93 8.22 -0.25
C HIS A 36 -3.15 6.72 -0.35
N LEU A 37 -2.58 6.00 0.60
CA LEU A 37 -2.69 4.55 0.65
C LEU A 37 -4.08 4.14 1.14
N GLN A 38 -4.37 4.49 2.39
CA GLN A 38 -5.66 4.17 3.00
C GLN A 38 -6.82 4.51 2.07
N ASN A 39 -6.62 5.51 1.21
CA ASN A 39 -7.65 5.92 0.27
C ASN A 39 -7.74 4.93 -0.89
N VAL A 40 -6.62 4.29 -1.19
CA VAL A 40 -6.55 3.30 -2.26
C VAL A 40 -7.20 2.00 -1.81
N ILE A 41 -6.90 1.58 -0.58
CA ILE A 41 -7.45 0.34 -0.04
C ILE A 41 -8.97 0.25 -0.30
N GLU A 42 -9.62 1.41 -0.29
CA GLU A 42 -11.06 1.46 -0.54
C GLU A 42 -11.34 1.29 -2.02
N ASP A 43 -10.39 1.72 -2.83
CA ASP A 43 -10.52 1.58 -4.27
C ASP A 43 -10.09 0.19 -4.69
N ILE A 44 -9.22 -0.42 -3.89
CA ILE A 44 -8.73 -1.77 -4.19
C ILE A 44 -9.67 -2.83 -3.62
N HIS A 45 -9.97 -2.73 -2.34
CA HIS A 45 -10.85 -3.69 -1.68
C HIS A 45 -12.27 -3.61 -2.25
N ASP A 46 -12.65 -2.45 -2.76
CA ASP A 46 -13.98 -2.27 -3.33
C ASP A 46 -13.99 -2.67 -4.79
N PHE A 47 -12.99 -2.21 -5.53
CA PHE A 47 -12.89 -2.54 -6.95
C PHE A 47 -12.61 -4.02 -7.13
N MET A 48 -12.04 -4.64 -6.11
CA MET A 48 -11.73 -6.08 -6.15
C MET A 48 -12.97 -6.88 -6.55
N GLN A 49 -14.14 -6.32 -6.26
CA GLN A 49 -15.40 -6.99 -6.58
C GLN A 49 -15.90 -6.58 -7.98
N GLY A 50 -15.07 -5.87 -8.73
CA GLY A 50 -15.45 -5.45 -10.07
C GLY A 50 -15.94 -4.02 -10.11
N GLY A 51 -15.99 -3.35 -8.96
CA GLY A 51 -16.43 -1.97 -8.92
C GLY A 51 -15.73 -1.12 -9.96
N GLY A 52 -14.43 -1.33 -10.10
CA GLY A 52 -13.65 -0.59 -11.07
C GLY A 52 -12.31 -1.24 -11.35
N SER A 53 -12.24 -2.55 -11.14
CA SER A 53 -11.02 -3.30 -11.37
C SER A 53 -10.64 -3.29 -12.84
N GLY A 54 -9.69 -4.13 -13.21
CA GLY A 54 -9.26 -4.20 -14.59
C GLY A 54 -8.14 -3.23 -14.93
N GLY A 55 -8.42 -1.94 -14.79
CA GLY A 55 -7.41 -0.94 -15.10
C GLY A 55 -7.14 0.02 -13.95
N LYS A 56 -7.65 -0.30 -12.77
CA LYS A 56 -7.45 0.54 -11.59
C LYS A 56 -6.16 0.17 -10.86
N LEU A 57 -5.93 -1.12 -10.69
CA LEU A 57 -4.75 -1.61 -9.98
C LEU A 57 -3.45 -1.15 -10.64
N GLN A 58 -3.53 -0.66 -11.88
CA GLN A 58 -2.33 -0.21 -12.58
C GLN A 58 -1.99 1.23 -12.23
N GLU A 59 -2.97 2.12 -12.35
CA GLU A 59 -2.76 3.52 -12.04
C GLU A 59 -2.95 3.78 -10.55
N MET A 60 -3.82 2.99 -9.93
CA MET A 60 -4.09 3.13 -8.50
C MET A 60 -2.97 2.52 -7.68
N MET A 61 -2.34 1.46 -8.19
CA MET A 61 -1.27 0.81 -7.46
C MET A 61 -0.16 1.80 -7.14
N LYS A 62 0.14 2.68 -8.09
CA LYS A 62 1.18 3.68 -7.90
C LYS A 62 0.84 4.61 -6.73
N GLU A 63 -0.44 4.64 -6.37
CA GLU A 63 -0.90 5.49 -5.27
C GLU A 63 -0.53 4.90 -3.92
N PHE A 64 -0.50 3.57 -3.82
CA PHE A 64 -0.15 2.90 -2.57
C PHE A 64 1.36 2.74 -2.45
N GLN A 65 2.04 2.70 -3.60
CA GLN A 65 3.49 2.56 -3.63
C GLN A 65 4.15 3.92 -3.43
N GLN A 66 3.48 4.98 -3.88
CA GLN A 66 4.00 6.33 -3.75
C GLN A 66 4.24 6.66 -2.28
N VAL A 67 3.35 6.18 -1.42
CA VAL A 67 3.46 6.40 0.02
C VAL A 67 4.82 5.95 0.53
N LEU A 68 5.28 4.81 0.05
CA LEU A 68 6.57 4.29 0.43
C LEU A 68 7.69 5.08 -0.25
N ASP A 69 7.33 5.88 -1.26
CA ASP A 69 8.30 6.70 -1.97
C ASP A 69 8.85 7.75 -1.04
N GLU A 70 7.95 8.49 -0.39
CA GLU A 70 8.36 9.52 0.57
C GLU A 70 9.21 8.90 1.67
N LEU A 71 9.00 7.61 1.86
CA LEU A 71 9.70 6.84 2.87
C LEU A 71 11.16 6.63 2.55
N ASN A 72 11.43 5.89 1.49
CA ASN A 72 12.79 5.62 1.07
C ASN A 72 13.62 6.90 1.08
N ASN A 73 12.92 8.04 1.02
CA ASN A 73 13.58 9.34 1.02
C ASN A 73 13.89 9.81 2.44
N HIS A 74 13.17 9.32 3.46
CA HIS A 74 13.46 9.79 4.81
C HIS A 74 13.49 8.67 5.84
N LEU A 75 13.93 7.49 5.42
CA LEU A 75 14.05 6.35 6.33
C LEU A 75 14.85 6.79 7.56
N GLN A 76 14.14 7.25 8.58
CA GLN A 76 14.77 7.74 9.79
C GLN A 76 15.53 6.64 10.52
N GLY A 77 16.62 6.18 9.92
CA GLY A 77 17.43 5.14 10.52
C GLY A 77 16.61 3.91 10.89
N GLY A 78 15.49 3.72 10.20
CA GLY A 78 14.64 2.58 10.48
C GLY A 78 14.34 1.76 9.24
N LYS A 79 15.36 1.58 8.39
CA LYS A 79 15.21 0.82 7.16
C LYS A 79 14.53 -0.52 7.42
N HIS A 80 14.76 -1.09 8.61
CA HIS A 80 14.17 -2.36 8.97
C HIS A 80 12.65 -2.30 8.90
N THR A 81 12.10 -1.13 9.18
CA THR A 81 10.65 -0.95 9.12
C THR A 81 10.19 -1.05 7.68
N VAL A 82 10.47 0.00 6.92
CA VAL A 82 10.08 0.04 5.51
C VAL A 82 10.50 -1.23 4.80
N HIS A 83 11.71 -1.72 5.10
CA HIS A 83 12.18 -2.95 4.47
C HIS A 83 11.11 -4.03 4.58
N HIS A 84 10.47 -4.10 5.73
CA HIS A 84 9.41 -5.07 5.96
C HIS A 84 8.12 -4.61 5.28
N ILE A 85 7.96 -3.31 5.10
CA ILE A 85 6.76 -2.76 4.46
C ILE A 85 6.92 -2.75 2.93
N GLU A 86 8.14 -2.49 2.46
CA GLU A 86 8.40 -2.48 1.03
C GLU A 86 8.35 -3.90 0.48
N GLN A 87 9.00 -4.83 1.18
CA GLN A 87 8.99 -6.22 0.77
C GLN A 87 7.55 -6.71 0.72
N ASN A 88 6.72 -6.12 1.58
CA ASN A 88 5.31 -6.46 1.65
C ASN A 88 4.52 -5.71 0.59
N ILE A 89 4.44 -4.39 0.74
CA ILE A 89 3.71 -3.54 -0.20
C ILE A 89 4.16 -3.79 -1.64
N LYS A 90 5.47 -3.80 -1.85
CA LYS A 90 5.99 -4.03 -3.19
C LYS A 90 5.59 -5.42 -3.66
N GLU A 91 5.42 -6.33 -2.71
CA GLU A 91 5.00 -7.70 -3.01
C GLU A 91 3.47 -7.79 -2.95
N ILE A 92 2.82 -6.69 -2.57
CA ILE A 92 1.37 -6.65 -2.48
C ILE A 92 0.79 -6.47 -3.87
N PHE A 93 1.38 -5.57 -4.64
CA PHE A 93 0.94 -5.31 -6.00
C PHE A 93 0.86 -6.62 -6.79
N HIS A 94 1.70 -7.57 -6.42
CA HIS A 94 1.75 -8.86 -7.11
C HIS A 94 0.41 -9.57 -6.97
N HIS A 95 0.06 -9.92 -5.74
CA HIS A 95 -1.20 -10.58 -5.48
C HIS A 95 -2.36 -9.66 -5.84
N LEU A 96 -2.05 -8.40 -6.14
CA LEU A 96 -3.07 -7.43 -6.51
C LEU A 96 -3.29 -7.44 -8.01
N GLU A 97 -2.27 -7.09 -8.76
CA GLU A 97 -2.34 -7.08 -10.21
C GLU A 97 -2.49 -8.51 -10.73
N GLU A 98 -2.24 -9.49 -9.86
CA GLU A 98 -2.36 -10.89 -10.25
C GLU A 98 -3.80 -11.38 -10.07
N LEU A 99 -4.51 -10.74 -9.14
CA LEU A 99 -5.89 -11.10 -8.86
C LEU A 99 -6.79 -10.78 -10.05
N VAL A 100 -6.79 -9.51 -10.46
CA VAL A 100 -7.60 -9.07 -11.59
C VAL A 100 -7.18 -9.76 -12.88
N HIS A 101 -5.87 -9.92 -13.07
CA HIS A 101 -5.36 -10.56 -14.27
C HIS A 101 -5.86 -12.00 -14.39
N ARG A 102 -6.05 -12.65 -13.24
CA ARG A 102 -6.53 -14.03 -13.22
C ARG A 102 -8.03 -14.08 -13.49
N MET A 1 -14.90 -15.26 -7.20
CA MET A 1 -14.86 -14.21 -6.15
C MET A 1 -13.44 -13.70 -5.94
N TYR A 2 -13.09 -12.61 -6.63
CA TYR A 2 -11.77 -12.01 -6.52
C TYR A 2 -11.78 -10.82 -5.58
N GLY A 3 -12.27 -11.04 -4.36
CA GLY A 3 -12.33 -9.98 -3.38
C GLY A 3 -11.51 -10.26 -2.13
N LYS A 4 -11.30 -11.54 -1.85
CA LYS A 4 -10.53 -11.94 -0.67
C LYS A 4 -9.10 -11.47 -0.77
N LEU A 5 -8.66 -11.12 -1.98
CA LEU A 5 -7.32 -10.62 -2.17
C LEU A 5 -7.08 -9.48 -1.17
N ASN A 6 -8.17 -8.85 -0.73
CA ASN A 6 -8.10 -7.77 0.24
C ASN A 6 -7.45 -8.24 1.53
N ASP A 7 -7.80 -9.45 1.96
CA ASP A 7 -7.24 -10.01 3.19
C ASP A 7 -5.72 -9.86 3.19
N LEU A 8 -5.14 -9.93 1.99
CA LEU A 8 -3.70 -9.78 1.82
C LEU A 8 -3.33 -8.32 1.66
N LEU A 9 -4.25 -7.54 1.10
CA LEU A 9 -4.01 -6.12 0.90
C LEU A 9 -3.98 -5.39 2.24
N GLU A 10 -4.81 -5.85 3.17
CA GLU A 10 -4.89 -5.25 4.50
C GLU A 10 -3.51 -5.16 5.15
N ASP A 11 -2.72 -6.23 5.02
CA ASP A 11 -1.39 -6.27 5.61
C ASP A 11 -0.61 -5.01 5.26
N LEU A 12 -0.73 -4.56 4.01
CA LEU A 12 -0.05 -3.37 3.55
C LEU A 12 -0.41 -2.16 4.41
N GLN A 13 -1.70 -1.83 4.43
CA GLN A 13 -2.18 -0.69 5.20
C GLN A 13 -1.69 -0.77 6.64
N GLU A 14 -1.65 -1.97 7.19
CA GLU A 14 -1.19 -2.18 8.56
C GLU A 14 0.32 -2.08 8.61
N VAL A 15 0.97 -2.42 7.50
CA VAL A 15 2.41 -2.36 7.43
C VAL A 15 2.87 -0.91 7.47
N LEU A 16 2.03 -0.01 6.93
CA LEU A 16 2.33 1.40 6.93
C LEU A 16 2.49 1.92 8.36
N LYS A 17 1.66 1.40 9.26
CA LYS A 17 1.71 1.79 10.67
C LYS A 17 3.15 1.91 11.14
N ASN A 18 3.97 0.96 10.73
CA ASN A 18 5.39 0.96 11.09
C ASN A 18 6.11 2.08 10.35
N LEU A 19 5.78 2.20 9.06
CA LEU A 19 6.36 3.22 8.19
C LEU A 19 6.28 4.61 8.82
N HIS A 20 5.12 4.93 9.40
CA HIS A 20 4.92 6.24 10.03
C HIS A 20 6.05 6.61 10.98
N LYS A 21 6.65 5.59 11.60
CA LYS A 21 7.71 5.82 12.58
C LYS A 21 9.11 5.75 11.97
N ASN A 22 9.21 5.29 10.74
CA ASN A 22 10.52 5.18 10.09
C ASN A 22 10.56 5.91 8.75
N TRP A 23 9.48 6.59 8.39
CA TRP A 23 9.45 7.31 7.13
C TRP A 23 10.23 8.62 7.23
N HIS A 24 9.91 9.44 8.22
CA HIS A 24 10.59 10.71 8.43
C HIS A 24 10.01 11.47 9.62
N GLY A 25 10.01 10.83 10.79
CA GLY A 25 9.48 11.45 11.97
C GLY A 25 8.30 10.69 12.55
N GLY A 26 7.10 11.24 12.39
CA GLY A 26 5.92 10.59 12.89
C GLY A 26 4.88 10.37 11.82
N LYS A 27 3.62 10.46 12.21
CA LYS A 27 2.51 10.28 11.29
C LYS A 27 2.01 11.61 10.73
N ASP A 28 2.47 12.71 11.30
CA ASP A 28 2.04 14.04 10.85
C ASP A 28 2.17 14.20 9.35
N ASN A 29 3.40 14.18 8.84
CA ASN A 29 3.64 14.33 7.41
C ASN A 29 3.27 13.06 6.65
N LEU A 30 3.32 11.92 7.34
CA LEU A 30 2.98 10.65 6.73
C LEU A 30 1.48 10.56 6.51
N HIS A 31 0.72 11.23 7.38
CA HIS A 31 -0.74 11.23 7.27
C HIS A 31 -1.17 11.51 5.84
N ASP A 32 -0.65 12.59 5.28
CA ASP A 32 -0.98 12.95 3.91
C ASP A 32 -0.47 11.91 2.92
N VAL A 33 0.53 11.14 3.35
CA VAL A 33 1.11 10.10 2.52
C VAL A 33 0.32 8.79 2.65
N ASP A 34 0.29 8.23 3.86
CA ASP A 34 -0.47 7.00 4.07
C ASP A 34 -1.93 7.22 3.71
N ASN A 35 -2.39 8.48 3.80
CA ASN A 35 -3.76 8.81 3.44
C ASN A 35 -3.99 8.34 2.01
N HIS A 36 -2.96 8.54 1.19
CA HIS A 36 -3.00 8.10 -0.20
C HIS A 36 -3.06 6.59 -0.22
N LEU A 37 -2.21 5.98 0.61
CA LEU A 37 -2.16 4.53 0.73
C LEU A 37 -3.55 3.98 1.06
N GLN A 38 -4.02 4.24 2.27
CA GLN A 38 -5.33 3.77 2.72
C GLN A 38 -6.39 4.03 1.66
N ASN A 39 -6.36 5.22 1.05
CA ASN A 39 -7.31 5.57 0.01
C ASN A 39 -7.27 4.52 -1.11
N VAL A 40 -6.14 3.86 -1.25
CA VAL A 40 -5.96 2.83 -2.26
C VAL A 40 -6.71 1.57 -1.86
N ILE A 41 -6.35 1.04 -0.69
CA ILE A 41 -6.97 -0.18 -0.17
C ILE A 41 -8.49 -0.16 -0.34
N GLU A 42 -9.08 1.02 -0.19
CA GLU A 42 -10.53 1.17 -0.34
C GLU A 42 -10.93 1.13 -1.80
N ASP A 43 -10.04 1.58 -2.67
CA ASP A 43 -10.30 1.56 -4.09
C ASP A 43 -9.95 0.20 -4.67
N ILE A 44 -9.01 -0.48 -4.03
CA ILE A 44 -8.60 -1.80 -4.49
C ILE A 44 -9.48 -2.90 -3.89
N HIS A 45 -9.69 -2.85 -2.59
CA HIS A 45 -10.51 -3.84 -1.90
C HIS A 45 -11.99 -3.71 -2.30
N ASP A 46 -12.40 -2.51 -2.68
CA ASP A 46 -13.78 -2.28 -3.08
C ASP A 46 -13.97 -2.59 -4.55
N PHE A 47 -12.99 -2.18 -5.35
CA PHE A 47 -13.05 -2.43 -6.79
C PHE A 47 -12.80 -3.91 -7.09
N MET A 48 -12.12 -4.59 -6.17
CA MET A 48 -11.81 -6.01 -6.32
C MET A 48 -13.09 -6.81 -6.60
N GLN A 49 -14.19 -6.39 -5.99
CA GLN A 49 -15.47 -7.07 -6.15
C GLN A 49 -16.07 -6.80 -7.53
N GLY A 50 -15.65 -5.70 -8.16
CA GLY A 50 -16.18 -5.37 -9.47
C GLY A 50 -16.29 -3.87 -9.69
N GLY A 51 -16.16 -3.09 -8.62
CA GLY A 51 -16.26 -1.64 -8.75
C GLY A 51 -15.42 -1.09 -9.88
N GLY A 52 -14.36 -1.81 -10.24
CA GLY A 52 -13.49 -1.37 -11.31
C GLY A 52 -12.08 -1.91 -11.16
N SER A 53 -11.96 -3.19 -10.84
CA SER A 53 -10.67 -3.82 -10.65
C SER A 53 -9.83 -3.74 -11.93
N GLY A 54 -10.51 -3.71 -13.08
CA GLY A 54 -9.82 -3.63 -14.34
C GLY A 54 -9.60 -2.19 -14.79
N GLY A 55 -8.71 -1.49 -14.12
CA GLY A 55 -8.43 -0.11 -14.46
C GLY A 55 -8.02 0.72 -13.26
N LYS A 56 -8.34 0.23 -12.06
CA LYS A 56 -7.99 0.93 -10.82
C LYS A 56 -6.62 0.52 -10.32
N LEU A 57 -6.35 -0.78 -10.31
CA LEU A 57 -5.08 -1.29 -9.85
C LEU A 57 -3.90 -0.79 -10.67
N GLN A 58 -4.17 -0.16 -11.81
CA GLN A 58 -3.10 0.35 -12.66
C GLN A 58 -2.68 1.74 -12.21
N GLU A 59 -3.64 2.64 -12.06
CA GLU A 59 -3.36 4.00 -11.63
C GLU A 59 -3.33 4.08 -10.10
N MET A 60 -4.14 3.23 -9.47
CA MET A 60 -4.21 3.19 -8.01
C MET A 60 -2.99 2.49 -7.44
N MET A 61 -2.43 1.54 -8.20
CA MET A 61 -1.25 0.81 -7.74
C MET A 61 -0.12 1.77 -7.37
N LYS A 62 0.10 2.76 -8.22
CA LYS A 62 1.14 3.75 -7.99
C LYS A 62 0.82 4.61 -6.77
N GLU A 63 -0.42 4.53 -6.30
CA GLU A 63 -0.84 5.32 -5.15
C GLU A 63 -0.46 4.64 -3.83
N PHE A 64 -0.30 3.32 -3.87
CA PHE A 64 0.08 2.57 -2.66
C PHE A 64 1.59 2.54 -2.51
N GLN A 65 2.30 2.47 -3.63
CA GLN A 65 3.75 2.43 -3.63
C GLN A 65 4.33 3.83 -3.44
N GLN A 66 3.61 4.84 -3.92
CA GLN A 66 4.06 6.23 -3.79
C GLN A 66 4.23 6.59 -2.33
N VAL A 67 3.37 6.04 -1.48
CA VAL A 67 3.43 6.29 -0.05
C VAL A 67 4.79 5.90 0.51
N LEU A 68 5.28 4.74 0.08
CA LEU A 68 6.58 4.25 0.51
C LEU A 68 7.69 5.09 -0.11
N ASP A 69 7.33 5.97 -1.04
CA ASP A 69 8.31 6.85 -1.68
C ASP A 69 8.76 7.92 -0.70
N GLU A 70 7.82 8.69 -0.18
CA GLU A 70 8.13 9.72 0.82
C GLU A 70 8.90 9.09 1.95
N LEU A 71 8.49 7.87 2.27
CA LEU A 71 9.08 7.08 3.33
C LEU A 71 10.48 6.59 2.98
N ASN A 72 10.57 5.70 2.01
CA ASN A 72 11.86 5.15 1.59
C ASN A 72 12.89 6.23 1.34
N ASN A 73 12.43 7.43 1.00
CA ASN A 73 13.33 8.55 0.73
C ASN A 73 13.74 9.28 2.01
N HIS A 74 13.31 8.77 3.17
CA HIS A 74 13.65 9.40 4.44
C HIS A 74 13.72 8.40 5.58
N LEU A 75 14.13 7.16 5.29
CA LEU A 75 14.28 6.15 6.33
C LEU A 75 15.10 6.73 7.47
N GLN A 76 14.43 7.46 8.33
CA GLN A 76 15.10 8.13 9.44
C GLN A 76 15.26 7.20 10.64
N GLY A 77 14.30 6.30 10.83
CA GLY A 77 14.35 5.38 11.95
C GLY A 77 15.10 4.10 11.62
N GLY A 78 15.22 3.80 10.33
CA GLY A 78 15.93 2.60 9.91
C GLY A 78 15.13 1.78 8.91
N LYS A 79 15.77 1.41 7.82
CA LYS A 79 15.13 0.63 6.76
C LYS A 79 14.46 -0.62 7.31
N HIS A 80 14.87 -1.05 8.51
CA HIS A 80 14.29 -2.26 9.11
C HIS A 80 12.76 -2.22 9.05
N THR A 81 12.19 -1.05 9.28
CA THR A 81 10.74 -0.89 9.23
C THR A 81 10.26 -1.03 7.81
N VAL A 82 10.52 0.00 7.01
CA VAL A 82 10.12 0.01 5.61
C VAL A 82 10.53 -1.29 4.93
N HIS A 83 11.69 -1.85 5.29
CA HIS A 83 12.14 -3.09 4.70
C HIS A 83 11.04 -4.13 4.82
N HIS A 84 10.40 -4.14 5.97
CA HIS A 84 9.30 -5.07 6.22
C HIS A 84 8.03 -4.59 5.50
N ILE A 85 7.92 -3.28 5.30
CA ILE A 85 6.75 -2.71 4.64
C ILE A 85 6.93 -2.73 3.12
N GLU A 86 8.16 -2.57 2.65
CA GLU A 86 8.45 -2.59 1.22
C GLU A 86 8.41 -4.02 0.71
N GLN A 87 9.04 -4.93 1.44
CA GLN A 87 9.02 -6.33 1.05
C GLN A 87 7.58 -6.82 1.02
N ASN A 88 6.76 -6.22 1.88
CA ASN A 88 5.35 -6.56 1.97
C ASN A 88 4.57 -5.81 0.89
N ILE A 89 4.57 -4.48 0.97
CA ILE A 89 3.86 -3.65 0.00
C ILE A 89 4.30 -3.99 -1.42
N LYS A 90 5.60 -4.04 -1.64
CA LYS A 90 6.10 -4.36 -2.97
C LYS A 90 5.62 -5.75 -3.38
N GLU A 91 5.42 -6.60 -2.38
CA GLU A 91 4.93 -7.95 -2.62
C GLU A 91 3.39 -7.98 -2.56
N ILE A 92 2.80 -6.83 -2.23
CA ILE A 92 1.35 -6.71 -2.14
C ILE A 92 0.78 -6.59 -3.54
N PHE A 93 1.49 -5.85 -4.38
CA PHE A 93 1.08 -5.65 -5.76
C PHE A 93 1.03 -7.00 -6.49
N HIS A 94 1.81 -7.97 -5.99
CA HIS A 94 1.87 -9.29 -6.60
C HIS A 94 0.50 -9.94 -6.58
N HIS A 95 0.02 -10.23 -5.38
CA HIS A 95 -1.30 -10.83 -5.22
C HIS A 95 -2.38 -9.88 -5.73
N LEU A 96 -2.00 -8.64 -6.03
CA LEU A 96 -2.95 -7.64 -6.52
C LEU A 96 -3.02 -7.71 -8.04
N GLU A 97 -1.89 -7.47 -8.69
CA GLU A 97 -1.82 -7.51 -10.14
C GLU A 97 -2.07 -8.94 -10.64
N GLU A 98 -2.05 -9.90 -9.72
CA GLU A 98 -2.28 -11.30 -10.09
C GLU A 98 -3.74 -11.67 -9.91
N LEU A 99 -4.57 -10.71 -9.53
CA LEU A 99 -5.99 -10.94 -9.32
C LEU A 99 -6.80 -10.44 -10.52
N VAL A 100 -6.49 -9.22 -10.94
CA VAL A 100 -7.20 -8.61 -12.08
C VAL A 100 -6.69 -9.19 -13.40
N HIS A 101 -5.41 -9.51 -13.45
CA HIS A 101 -4.81 -10.07 -14.66
C HIS A 101 -4.71 -11.59 -14.56
N ARG A 102 -5.66 -12.20 -13.85
CA ARG A 102 -5.69 -13.64 -13.69
C ARG A 102 -6.32 -14.32 -14.89
N MET A 1 -14.75 -15.88 -7.92
CA MET A 1 -15.15 -14.75 -7.05
C MET A 1 -13.93 -13.99 -6.53
N TYR A 2 -13.69 -12.82 -7.10
CA TYR A 2 -12.56 -11.99 -6.69
C TYR A 2 -12.97 -11.01 -5.60
N GLY A 3 -12.10 -10.85 -4.60
CA GLY A 3 -12.40 -9.94 -3.51
C GLY A 3 -11.64 -10.26 -2.24
N LYS A 4 -11.21 -11.50 -2.11
CA LYS A 4 -10.46 -11.93 -0.93
C LYS A 4 -9.06 -11.36 -0.94
N LEU A 5 -8.60 -10.94 -2.11
CA LEU A 5 -7.27 -10.35 -2.20
C LEU A 5 -7.17 -9.21 -1.19
N ASN A 6 -8.32 -8.69 -0.77
CA ASN A 6 -8.37 -7.62 0.21
C ASN A 6 -7.76 -8.07 1.53
N ASP A 7 -8.04 -9.31 1.92
CA ASP A 7 -7.49 -9.86 3.16
C ASP A 7 -5.98 -9.65 3.20
N LEU A 8 -5.38 -9.61 2.02
CA LEU A 8 -3.94 -9.42 1.89
C LEU A 8 -3.62 -7.93 1.94
N LEU A 9 -4.56 -7.10 1.48
CA LEU A 9 -4.38 -5.66 1.48
C LEU A 9 -4.24 -5.12 2.91
N GLU A 10 -4.90 -5.80 3.85
CA GLU A 10 -4.87 -5.40 5.25
C GLU A 10 -3.44 -5.28 5.77
N ASP A 11 -2.64 -6.32 5.55
CA ASP A 11 -1.25 -6.34 6.01
C ASP A 11 -0.51 -5.08 5.55
N LEU A 12 -0.62 -4.78 4.27
CA LEU A 12 0.03 -3.60 3.68
C LEU A 12 -0.39 -2.34 4.42
N GLN A 13 -1.69 -2.05 4.39
CA GLN A 13 -2.20 -0.85 5.04
C GLN A 13 -1.78 -0.80 6.51
N GLU A 14 -1.71 -1.97 7.15
CA GLU A 14 -1.29 -2.05 8.54
C GLU A 14 0.22 -1.91 8.66
N VAL A 15 0.92 -2.29 7.59
CA VAL A 15 2.37 -2.19 7.56
C VAL A 15 2.80 -0.72 7.50
N LEU A 16 1.94 0.11 6.94
CA LEU A 16 2.23 1.54 6.83
C LEU A 16 2.40 2.15 8.22
N LYS A 17 1.59 1.67 9.17
CA LYS A 17 1.66 2.17 10.54
C LYS A 17 3.11 2.20 11.01
N ASN A 18 3.84 1.15 10.66
CA ASN A 18 5.25 1.05 11.02
C ASN A 18 6.06 2.08 10.23
N LEU A 19 5.67 2.24 8.97
CA LEU A 19 6.32 3.17 8.07
C LEU A 19 6.32 4.60 8.62
N HIS A 20 5.16 5.10 9.00
CA HIS A 20 5.04 6.46 9.51
C HIS A 20 5.97 6.73 10.68
N LYS A 21 6.51 5.69 11.28
CA LYS A 21 7.42 5.88 12.41
C LYS A 21 8.87 5.94 11.95
N ASN A 22 9.17 5.36 10.80
CA ASN A 22 10.53 5.36 10.29
C ASN A 22 10.56 5.80 8.83
N TRP A 23 9.60 6.63 8.44
CA TRP A 23 9.52 7.13 7.08
C TRP A 23 10.33 8.42 6.93
N HIS A 24 10.39 9.20 8.00
CA HIS A 24 11.12 10.45 8.00
C HIS A 24 11.06 11.12 9.37
N GLY A 25 9.84 11.28 9.89
CA GLY A 25 9.67 11.90 11.18
C GLY A 25 8.23 12.26 11.49
N GLY A 26 7.70 11.69 12.56
CA GLY A 26 6.34 11.98 12.95
C GLY A 26 5.32 11.55 11.91
N LYS A 27 4.32 10.79 12.33
CA LYS A 27 3.28 10.32 11.42
C LYS A 27 2.47 11.49 10.87
N ASP A 28 2.60 12.66 11.51
CA ASP A 28 1.88 13.85 11.07
C ASP A 28 1.96 14.04 9.56
N ASN A 29 3.17 13.94 9.01
CA ASN A 29 3.36 14.10 7.58
C ASN A 29 2.94 12.83 6.85
N LEU A 30 3.26 11.67 7.43
CA LEU A 30 2.89 10.40 6.83
C LEU A 30 1.37 10.31 6.69
N HIS A 31 0.66 11.00 7.57
CA HIS A 31 -0.80 10.99 7.54
C HIS A 31 -1.29 11.23 6.11
N ASP A 32 -0.89 12.36 5.53
CA ASP A 32 -1.28 12.68 4.16
C ASP A 32 -0.79 11.60 3.19
N VAL A 33 0.23 10.86 3.60
CA VAL A 33 0.80 9.80 2.80
C VAL A 33 0.00 8.51 2.94
N ASP A 34 -0.01 7.94 4.14
CA ASP A 34 -0.75 6.72 4.39
C ASP A 34 -2.24 6.97 4.14
N ASN A 35 -2.67 8.23 4.28
CA ASN A 35 -4.06 8.59 4.01
C ASN A 35 -4.37 8.20 2.58
N HIS A 36 -3.41 8.47 1.70
CA HIS A 36 -3.54 8.12 0.29
C HIS A 36 -3.58 6.60 0.21
N LEU A 37 -2.64 5.98 0.92
CA LEU A 37 -2.56 4.52 0.98
C LEU A 37 -3.92 3.91 1.34
N GLN A 38 -4.35 4.13 2.58
CA GLN A 38 -5.62 3.60 3.06
C GLN A 38 -6.74 3.85 2.05
N ASN A 39 -6.74 5.04 1.47
CA ASN A 39 -7.76 5.39 0.47
C ASN A 39 -7.69 4.42 -0.71
N VAL A 40 -6.52 3.85 -0.93
CA VAL A 40 -6.32 2.91 -2.01
C VAL A 40 -7.03 1.59 -1.70
N ILE A 41 -6.75 1.04 -0.53
CA ILE A 41 -7.35 -0.23 -0.10
C ILE A 41 -8.86 -0.24 -0.34
N GLU A 42 -9.51 0.91 -0.12
CA GLU A 42 -10.95 1.00 -0.31
C GLU A 42 -11.29 1.01 -1.80
N ASP A 43 -10.37 1.50 -2.60
CA ASP A 43 -10.58 1.54 -4.03
C ASP A 43 -10.18 0.21 -4.64
N ILE A 44 -9.25 -0.49 -3.99
CA ILE A 44 -8.78 -1.78 -4.47
C ILE A 44 -9.68 -2.91 -3.94
N HIS A 45 -9.86 -2.94 -2.63
CA HIS A 45 -10.69 -3.98 -2.02
C HIS A 45 -12.14 -3.87 -2.50
N ASP A 46 -12.54 -2.67 -2.89
CA ASP A 46 -13.90 -2.46 -3.38
C ASP A 46 -13.96 -2.74 -4.87
N PHE A 47 -12.90 -2.38 -5.57
CA PHE A 47 -12.83 -2.60 -7.02
C PHE A 47 -12.60 -4.07 -7.34
N MET A 48 -11.71 -4.71 -6.58
CA MET A 48 -11.40 -6.12 -6.81
C MET A 48 -12.66 -6.97 -6.84
N GLN A 49 -13.73 -6.48 -6.22
CA GLN A 49 -15.00 -7.21 -6.19
C GLN A 49 -15.87 -6.86 -7.39
N GLY A 50 -15.31 -6.12 -8.35
CA GLY A 50 -16.06 -5.74 -9.54
C GLY A 50 -16.35 -4.26 -9.60
N GLY A 51 -15.57 -3.47 -8.87
CA GLY A 51 -15.78 -2.03 -8.87
C GLY A 51 -14.86 -1.31 -9.83
N GLY A 52 -14.44 -2.00 -10.89
CA GLY A 52 -13.55 -1.41 -11.88
C GLY A 52 -12.10 -1.78 -11.66
N SER A 53 -11.87 -2.97 -11.10
CA SER A 53 -10.52 -3.44 -10.84
C SER A 53 -9.75 -3.69 -12.14
N GLY A 54 -10.46 -3.70 -13.27
CA GLY A 54 -9.81 -3.93 -14.54
C GLY A 54 -9.20 -2.67 -15.12
N GLY A 55 -8.11 -2.21 -14.52
CA GLY A 55 -7.44 -1.00 -15.00
C GLY A 55 -7.15 0.00 -13.89
N LYS A 56 -7.69 -0.27 -12.70
CA LYS A 56 -7.49 0.62 -11.56
C LYS A 56 -6.24 0.23 -10.78
N LEU A 57 -5.95 -1.07 -10.73
CA LEU A 57 -4.79 -1.55 -9.99
C LEU A 57 -3.48 -1.07 -10.62
N GLN A 58 -3.54 -0.52 -11.82
CA GLN A 58 -2.32 -0.05 -12.48
C GLN A 58 -1.98 1.38 -12.06
N GLU A 59 -2.96 2.28 -12.14
CA GLU A 59 -2.75 3.67 -11.77
C GLU A 59 -2.94 3.87 -10.28
N MET A 60 -3.81 3.07 -9.69
CA MET A 60 -4.08 3.17 -8.26
C MET A 60 -2.97 2.49 -7.45
N MET A 61 -2.39 1.43 -8.01
CA MET A 61 -1.32 0.71 -7.32
C MET A 61 -0.19 1.67 -6.96
N LYS A 62 0.11 2.60 -7.86
CA LYS A 62 1.16 3.57 -7.63
C LYS A 62 0.81 4.48 -6.45
N GLU A 63 -0.46 4.50 -6.07
CA GLU A 63 -0.91 5.33 -4.96
C GLU A 63 -0.57 4.70 -3.60
N PHE A 64 -0.57 3.38 -3.54
CA PHE A 64 -0.25 2.69 -2.30
C PHE A 64 1.26 2.50 -2.19
N GLN A 65 1.92 2.48 -3.35
CA GLN A 65 3.37 2.35 -3.41
C GLN A 65 4.04 3.70 -3.19
N GLN A 66 3.38 4.76 -3.66
CA GLN A 66 3.89 6.13 -3.53
C GLN A 66 4.18 6.46 -2.07
N VAL A 67 3.31 5.98 -1.18
CA VAL A 67 3.48 6.22 0.26
C VAL A 67 4.87 5.82 0.70
N LEU A 68 5.32 4.67 0.23
CA LEU A 68 6.64 4.16 0.55
C LEU A 68 7.74 5.03 -0.09
N ASP A 69 7.33 5.98 -0.93
CA ASP A 69 8.27 6.90 -1.58
C ASP A 69 8.73 7.93 -0.57
N GLU A 70 7.77 8.70 -0.03
CA GLU A 70 8.07 9.70 0.99
C GLU A 70 8.94 9.05 2.06
N LEU A 71 8.56 7.83 2.36
CA LEU A 71 9.19 7.00 3.35
C LEU A 71 10.57 6.52 2.90
N ASN A 72 10.60 5.67 1.88
CA ASN A 72 11.86 5.13 1.37
C ASN A 72 12.85 6.25 1.06
N ASN A 73 12.33 7.44 0.78
CA ASN A 73 13.18 8.59 0.47
C ASN A 73 13.58 9.34 1.74
N HIS A 74 13.28 8.75 2.91
CA HIS A 74 13.60 9.38 4.17
C HIS A 74 13.65 8.36 5.30
N LEU A 75 14.13 7.15 5.01
CA LEU A 75 14.26 6.11 6.03
C LEU A 75 15.09 6.65 7.18
N GLN A 76 14.42 7.29 8.13
CA GLN A 76 15.10 7.89 9.27
C GLN A 76 15.79 6.83 10.12
N GLY A 77 16.85 6.25 9.59
CA GLY A 77 17.59 5.23 10.30
C GLY A 77 16.71 4.06 10.73
N GLY A 78 15.68 3.78 9.93
CA GLY A 78 14.79 2.69 10.24
C GLY A 78 14.55 1.77 9.06
N LYS A 79 15.61 1.51 8.30
CA LYS A 79 15.53 0.64 7.14
C LYS A 79 14.82 -0.67 7.48
N HIS A 80 15.00 -1.12 8.71
CA HIS A 80 14.39 -2.37 9.17
C HIS A 80 12.87 -2.28 9.14
N THR A 81 12.35 -1.08 9.37
CA THR A 81 10.91 -0.86 9.36
C THR A 81 10.37 -1.04 7.96
N VAL A 82 10.66 -0.07 7.11
CA VAL A 82 10.20 -0.13 5.72
C VAL A 82 10.56 -1.45 5.09
N HIS A 83 11.76 -1.97 5.39
CA HIS A 83 12.17 -3.26 4.82
C HIS A 83 11.04 -4.26 4.96
N HIS A 84 10.37 -4.23 6.12
CA HIS A 84 9.25 -5.11 6.39
C HIS A 84 7.99 -4.62 5.65
N ILE A 85 7.90 -3.31 5.45
CA ILE A 85 6.75 -2.73 4.76
C ILE A 85 6.94 -2.75 3.24
N GLU A 86 8.19 -2.67 2.79
CA GLU A 86 8.49 -2.71 1.36
C GLU A 86 8.46 -4.15 0.87
N GLN A 87 9.10 -5.06 1.61
CA GLN A 87 9.09 -6.46 1.24
C GLN A 87 7.66 -6.95 1.22
N ASN A 88 6.83 -6.30 2.04
CA ASN A 88 5.42 -6.61 2.12
C ASN A 88 4.66 -5.92 0.99
N ILE A 89 4.58 -4.58 1.06
CA ILE A 89 3.88 -3.81 0.04
C ILE A 89 4.34 -4.19 -1.35
N LYS A 90 5.63 -4.42 -1.51
CA LYS A 90 6.14 -4.80 -2.82
C LYS A 90 5.55 -6.13 -3.26
N GLU A 91 5.11 -6.93 -2.27
CA GLU A 91 4.50 -8.22 -2.55
C GLU A 91 2.98 -8.05 -2.69
N ILE A 92 2.49 -6.85 -2.37
CA ILE A 92 1.07 -6.55 -2.47
C ILE A 92 0.70 -6.28 -3.91
N PHE A 93 1.37 -5.31 -4.52
CA PHE A 93 1.12 -4.95 -5.92
C PHE A 93 1.01 -6.20 -6.78
N HIS A 94 1.94 -7.14 -6.58
CA HIS A 94 1.94 -8.38 -7.33
C HIS A 94 0.62 -9.10 -7.15
N HIS A 95 0.32 -9.47 -5.91
CA HIS A 95 -0.93 -10.14 -5.60
C HIS A 95 -2.12 -9.24 -5.95
N LEU A 96 -1.84 -7.97 -6.22
CA LEU A 96 -2.89 -7.02 -6.58
C LEU A 96 -3.13 -7.02 -8.08
N GLU A 97 -2.12 -6.58 -8.82
CA GLU A 97 -2.21 -6.55 -10.27
C GLU A 97 -2.31 -7.97 -10.83
N GLU A 98 -2.02 -8.96 -9.97
CA GLU A 98 -2.10 -10.36 -10.39
C GLU A 98 -3.51 -10.88 -10.20
N LEU A 99 -4.24 -10.30 -9.25
CA LEU A 99 -5.60 -10.69 -8.97
C LEU A 99 -6.51 -10.37 -10.15
N VAL A 100 -6.55 -9.10 -10.52
CA VAL A 100 -7.38 -8.66 -11.64
C VAL A 100 -6.92 -9.29 -12.95
N HIS A 101 -5.60 -9.43 -13.11
CA HIS A 101 -5.04 -10.02 -14.32
C HIS A 101 -5.52 -11.45 -14.51
N ARG A 102 -5.53 -12.21 -13.41
CA ARG A 102 -5.97 -13.60 -13.45
C ARG A 102 -7.42 -13.69 -13.89
N MET A 1 -16.44 -14.41 -7.10
CA MET A 1 -15.65 -13.28 -7.64
C MET A 1 -14.46 -12.96 -6.75
N TYR A 2 -13.62 -12.03 -7.21
CA TYR A 2 -12.43 -11.64 -6.45
C TYR A 2 -12.82 -10.74 -5.28
N GLY A 3 -12.11 -10.89 -4.17
CA GLY A 3 -12.39 -10.08 -2.99
C GLY A 3 -11.51 -10.44 -1.81
N LYS A 4 -11.18 -11.72 -1.69
CA LYS A 4 -10.35 -12.19 -0.60
C LYS A 4 -8.96 -11.57 -0.68
N LEU A 5 -8.60 -11.05 -1.84
CA LEU A 5 -7.30 -10.42 -1.99
C LEU A 5 -7.13 -9.37 -0.90
N ASN A 6 -8.25 -8.90 -0.35
CA ASN A 6 -8.23 -7.92 0.72
C ASN A 6 -7.43 -8.42 1.90
N ASP A 7 -7.66 -9.67 2.31
CA ASP A 7 -6.96 -10.27 3.42
C ASP A 7 -5.45 -10.06 3.25
N LEU A 8 -5.01 -10.05 2.00
CA LEU A 8 -3.60 -9.84 1.69
C LEU A 8 -3.29 -8.35 1.57
N LEU A 9 -4.32 -7.56 1.22
CA LEU A 9 -4.14 -6.13 1.07
C LEU A 9 -4.03 -5.45 2.44
N GLU A 10 -4.86 -5.91 3.38
CA GLU A 10 -4.86 -5.35 4.73
C GLU A 10 -3.46 -5.26 5.32
N ASP A 11 -2.66 -6.31 5.10
CA ASP A 11 -1.30 -6.35 5.60
C ASP A 11 -0.53 -5.08 5.24
N LEU A 12 -0.71 -4.63 4.01
CA LEU A 12 -0.05 -3.42 3.53
C LEU A 12 -0.43 -2.22 4.38
N GLN A 13 -1.71 -1.88 4.37
CA GLN A 13 -2.18 -0.74 5.14
C GLN A 13 -1.72 -0.81 6.59
N GLU A 14 -1.64 -2.03 7.12
CA GLU A 14 -1.18 -2.23 8.49
C GLU A 14 0.34 -2.12 8.55
N VAL A 15 0.99 -2.50 7.46
CA VAL A 15 2.44 -2.42 7.39
C VAL A 15 2.88 -0.97 7.48
N LEU A 16 2.05 -0.07 6.96
CA LEU A 16 2.33 1.35 6.98
C LEU A 16 2.48 1.84 8.42
N LYS A 17 1.67 1.28 9.32
CA LYS A 17 1.72 1.64 10.74
C LYS A 17 3.17 1.76 11.20
N ASN A 18 4.00 0.81 10.77
CA ASN A 18 5.42 0.81 11.11
C ASN A 18 6.12 1.94 10.39
N LEU A 19 5.80 2.07 9.10
CA LEU A 19 6.37 3.10 8.25
C LEU A 19 6.31 4.48 8.92
N HIS A 20 5.19 4.77 9.57
CA HIS A 20 5.01 6.06 10.25
C HIS A 20 6.17 6.38 11.18
N LYS A 21 6.72 5.34 11.82
CA LYS A 21 7.81 5.53 12.78
C LYS A 21 9.19 5.42 12.15
N ASN A 22 9.26 5.22 10.84
CA ASN A 22 10.54 5.09 10.17
C ASN A 22 10.56 5.76 8.79
N TRP A 23 9.52 6.52 8.48
CA TRP A 23 9.46 7.20 7.19
C TRP A 23 10.27 8.48 7.21
N HIS A 24 10.26 9.17 8.34
CA HIS A 24 11.01 10.42 8.49
C HIS A 24 10.81 11.01 9.87
N GLY A 25 9.54 11.17 10.27
CA GLY A 25 9.25 11.72 11.58
C GLY A 25 7.89 12.37 11.64
N GLY A 26 7.28 12.34 12.82
CA GLY A 26 5.98 12.94 13.02
C GLY A 26 4.94 12.37 12.07
N LYS A 27 4.08 11.51 12.59
CA LYS A 27 3.02 10.90 11.78
C LYS A 27 2.18 11.98 11.09
N ASP A 28 2.20 13.19 11.65
CA ASP A 28 1.45 14.30 11.07
C ASP A 28 1.75 14.45 9.59
N ASN A 29 2.98 14.14 9.20
CA ASN A 29 3.38 14.24 7.80
C ASN A 29 3.01 12.97 7.05
N LEU A 30 3.34 11.82 7.63
CA LEU A 30 3.01 10.54 7.02
C LEU A 30 1.50 10.43 6.83
N HIS A 31 0.76 11.09 7.72
CA HIS A 31 -0.70 11.08 7.66
C HIS A 31 -1.19 11.32 6.24
N ASP A 32 -0.76 12.44 5.66
CA ASP A 32 -1.15 12.78 4.30
C ASP A 32 -0.64 11.73 3.30
N VAL A 33 0.37 10.97 3.73
CA VAL A 33 0.95 9.94 2.89
C VAL A 33 0.19 8.62 3.05
N ASP A 34 0.19 8.06 4.25
CA ASP A 34 -0.52 6.82 4.49
C ASP A 34 -2.01 7.03 4.22
N ASN A 35 -2.47 8.28 4.34
CA ASN A 35 -3.87 8.58 4.06
C ASN A 35 -4.17 8.19 2.62
N HIS A 36 -3.21 8.45 1.74
CA HIS A 36 -3.33 8.07 0.35
C HIS A 36 -3.45 6.56 0.27
N LEU A 37 -2.51 5.87 0.92
CA LEU A 37 -2.51 4.41 0.97
C LEU A 37 -3.85 3.88 1.46
N GLN A 38 -4.14 4.13 2.74
CA GLN A 38 -5.38 3.67 3.36
C GLN A 38 -6.59 3.97 2.49
N ASN A 39 -6.60 5.14 1.88
CA ASN A 39 -7.71 5.54 1.03
C ASN A 39 -7.75 4.70 -0.25
N VAL A 40 -6.61 4.13 -0.62
CA VAL A 40 -6.53 3.31 -1.80
C VAL A 40 -7.09 1.91 -1.52
N ILE A 41 -6.81 1.40 -0.33
CA ILE A 41 -7.28 0.08 0.07
C ILE A 41 -8.77 -0.10 -0.23
N GLU A 42 -9.53 0.98 -0.10
CA GLU A 42 -10.96 0.94 -0.37
C GLU A 42 -11.20 0.93 -1.87
N ASP A 43 -10.37 1.67 -2.60
CA ASP A 43 -10.48 1.72 -4.04
C ASP A 43 -10.22 0.34 -4.62
N ILE A 44 -9.39 -0.45 -3.93
CA ILE A 44 -9.08 -1.80 -4.37
C ILE A 44 -10.11 -2.79 -3.83
N HIS A 45 -10.58 -2.53 -2.62
CA HIS A 45 -11.57 -3.39 -1.98
C HIS A 45 -12.93 -3.27 -2.68
N ASP A 46 -13.29 -2.04 -3.02
CA ASP A 46 -14.55 -1.81 -3.71
C ASP A 46 -14.41 -2.17 -5.19
N PHE A 47 -13.16 -2.19 -5.67
CA PHE A 47 -12.91 -2.53 -7.07
C PHE A 47 -12.72 -4.02 -7.28
N MET A 48 -11.94 -4.65 -6.40
CA MET A 48 -11.68 -6.08 -6.51
C MET A 48 -12.97 -6.89 -6.66
N GLN A 49 -14.08 -6.31 -6.18
CA GLN A 49 -15.37 -6.98 -6.27
C GLN A 49 -16.11 -6.61 -7.56
N GLY A 50 -15.38 -6.04 -8.52
CA GLY A 50 -15.99 -5.66 -9.79
C GLY A 50 -16.26 -4.18 -9.89
N GLY A 51 -15.49 -3.38 -9.16
CA GLY A 51 -15.67 -1.94 -9.19
C GLY A 51 -14.61 -1.22 -10.00
N GLY A 52 -14.11 -1.90 -11.04
CA GLY A 52 -13.09 -1.31 -11.89
C GLY A 52 -11.71 -1.88 -11.63
N SER A 53 -11.67 -3.09 -11.09
CA SER A 53 -10.39 -3.74 -10.79
C SER A 53 -9.55 -3.92 -12.04
N GLY A 54 -10.19 -3.87 -13.21
CA GLY A 54 -9.47 -4.03 -14.46
C GLY A 54 -9.05 -2.70 -15.05
N GLY A 55 -8.00 -2.11 -14.49
CA GLY A 55 -7.51 -0.83 -14.97
C GLY A 55 -7.19 0.13 -13.84
N LYS A 56 -7.63 -0.22 -12.63
CA LYS A 56 -7.39 0.61 -11.46
C LYS A 56 -6.06 0.24 -10.81
N LEU A 57 -5.91 -1.05 -10.51
CA LEU A 57 -4.70 -1.55 -9.87
C LEU A 57 -3.43 -1.16 -10.65
N GLN A 58 -3.59 -0.66 -11.87
CA GLN A 58 -2.42 -0.27 -12.67
C GLN A 58 -1.99 1.14 -12.34
N GLU A 59 -2.92 2.09 -12.39
CA GLU A 59 -2.62 3.48 -12.07
C GLU A 59 -2.75 3.72 -10.58
N MET A 60 -3.59 2.94 -9.93
CA MET A 60 -3.81 3.05 -8.50
C MET A 60 -2.64 2.42 -7.74
N MET A 61 -2.11 1.32 -8.27
CA MET A 61 -1.00 0.62 -7.63
C MET A 61 0.12 1.60 -7.28
N LYS A 62 0.36 2.55 -8.19
CA LYS A 62 1.40 3.54 -7.99
C LYS A 62 1.10 4.44 -6.79
N GLU A 63 -0.18 4.51 -6.41
CA GLU A 63 -0.59 5.34 -5.28
C GLU A 63 -0.23 4.70 -3.94
N PHE A 64 -0.43 3.39 -3.82
CA PHE A 64 -0.11 2.70 -2.58
C PHE A 64 1.40 2.56 -2.43
N GLN A 65 2.10 2.58 -3.57
CA GLN A 65 3.55 2.49 -3.58
C GLN A 65 4.17 3.86 -3.32
N GLN A 66 3.47 4.90 -3.78
CA GLN A 66 3.94 6.28 -3.60
C GLN A 66 4.13 6.59 -2.12
N VAL A 67 3.24 6.07 -1.28
CA VAL A 67 3.31 6.27 0.15
C VAL A 67 4.68 5.87 0.69
N LEU A 68 5.21 4.77 0.15
CA LEU A 68 6.52 4.29 0.54
C LEU A 68 7.62 5.16 -0.07
N ASP A 69 7.22 6.10 -0.93
CA ASP A 69 8.17 7.00 -1.58
C ASP A 69 8.63 8.05 -0.57
N GLU A 70 7.67 8.79 0.00
CA GLU A 70 7.97 9.80 1.01
C GLU A 70 8.78 9.14 2.11
N LEU A 71 8.40 7.90 2.39
CA LEU A 71 9.01 7.08 3.40
C LEU A 71 10.40 6.58 2.98
N ASN A 72 10.44 5.72 1.97
CA ASN A 72 11.69 5.17 1.48
C ASN A 72 12.72 6.26 1.20
N ASN A 73 12.23 7.47 0.92
CA ASN A 73 13.12 8.59 0.64
C ASN A 73 13.52 9.33 1.92
N HIS A 74 13.16 8.76 3.07
CA HIS A 74 13.50 9.38 4.35
C HIS A 74 13.59 8.36 5.47
N LEU A 75 14.01 7.14 5.14
CA LEU A 75 14.17 6.09 6.14
C LEU A 75 14.99 6.63 7.31
N GLN A 76 14.30 7.21 8.28
CA GLN A 76 14.97 7.81 9.43
C GLN A 76 15.68 6.74 10.27
N GLY A 77 16.74 6.18 9.73
CA GLY A 77 17.50 5.17 10.44
C GLY A 77 16.66 3.98 10.83
N GLY A 78 15.58 3.74 10.09
CA GLY A 78 14.70 2.62 10.39
C GLY A 78 14.39 1.80 9.14
N LYS A 79 15.42 1.50 8.37
CA LYS A 79 15.26 0.73 7.15
C LYS A 79 14.56 -0.60 7.42
N HIS A 80 14.81 -1.16 8.60
CA HIS A 80 14.21 -2.44 8.99
C HIS A 80 12.69 -2.36 8.92
N THR A 81 12.14 -1.19 9.22
CA THR A 81 10.70 -1.00 9.18
C THR A 81 10.22 -1.08 7.75
N VAL A 82 10.51 -0.03 6.98
CA VAL A 82 10.13 0.03 5.59
C VAL A 82 10.57 -1.22 4.84
N HIS A 83 11.79 -1.70 5.11
CA HIS A 83 12.28 -2.89 4.46
C HIS A 83 11.23 -3.99 4.53
N HIS A 84 10.59 -4.09 5.69
CA HIS A 84 9.54 -5.08 5.91
C HIS A 84 8.24 -4.64 5.23
N ILE A 85 8.06 -3.32 5.09
CA ILE A 85 6.85 -2.77 4.48
C ILE A 85 6.99 -2.72 2.95
N GLU A 86 8.20 -2.49 2.47
CA GLU A 86 8.45 -2.43 1.03
C GLU A 86 8.44 -3.84 0.45
N GLN A 87 9.10 -4.77 1.12
CA GLN A 87 9.11 -6.15 0.67
C GLN A 87 7.68 -6.67 0.64
N ASN A 88 6.86 -6.11 1.53
CA ASN A 88 5.46 -6.46 1.63
C ASN A 88 4.63 -5.68 0.60
N ILE A 89 4.69 -4.35 0.67
CA ILE A 89 3.94 -3.50 -0.24
C ILE A 89 4.35 -3.73 -1.68
N LYS A 90 5.66 -3.75 -1.94
CA LYS A 90 6.12 -3.98 -3.29
C LYS A 90 5.68 -5.34 -3.77
N GLU A 91 5.51 -6.27 -2.83
CA GLU A 91 5.06 -7.61 -3.14
C GLU A 91 3.53 -7.69 -3.05
N ILE A 92 2.91 -6.57 -2.67
CA ILE A 92 1.46 -6.49 -2.55
C ILE A 92 0.87 -6.33 -3.94
N PHE A 93 1.49 -5.48 -4.75
CA PHE A 93 1.03 -5.26 -6.11
C PHE A 93 0.97 -6.58 -6.86
N HIS A 94 1.82 -7.53 -6.47
CA HIS A 94 1.88 -8.84 -7.11
C HIS A 94 0.55 -9.56 -6.95
N HIS A 95 0.19 -9.87 -5.71
CA HIS A 95 -1.07 -10.52 -5.43
C HIS A 95 -2.23 -9.63 -5.84
N LEU A 96 -1.92 -8.37 -6.16
CA LEU A 96 -2.95 -7.43 -6.59
C LEU A 96 -3.16 -7.49 -8.08
N GLU A 97 -2.12 -7.14 -8.83
CA GLU A 97 -2.18 -7.20 -10.28
C GLU A 97 -2.39 -8.64 -10.74
N GLU A 98 -2.20 -9.58 -9.83
CA GLU A 98 -2.37 -11.00 -10.14
C GLU A 98 -3.84 -11.40 -10.00
N LEU A 99 -4.54 -10.71 -9.10
CA LEU A 99 -5.94 -10.99 -8.86
C LEU A 99 -6.78 -10.73 -10.10
N VAL A 100 -6.65 -9.53 -10.65
CA VAL A 100 -7.40 -9.16 -11.86
C VAL A 100 -6.86 -9.88 -13.09
N HIS A 101 -5.58 -10.23 -13.06
CA HIS A 101 -4.95 -10.93 -14.18
C HIS A 101 -4.95 -12.43 -13.97
N ARG A 102 -6.01 -12.93 -13.32
CA ARG A 102 -6.13 -14.36 -13.06
C ARG A 102 -7.32 -14.96 -13.81
N MET A 1 -14.99 -15.72 -7.01
CA MET A 1 -15.30 -14.43 -6.37
C MET A 1 -14.02 -13.68 -5.99
N TYR A 2 -13.58 -12.78 -6.87
CA TYR A 2 -12.37 -12.01 -6.64
C TYR A 2 -12.65 -10.87 -5.65
N GLY A 3 -11.97 -10.89 -4.51
CA GLY A 3 -12.16 -9.86 -3.51
C GLY A 3 -11.39 -10.14 -2.23
N LYS A 4 -11.22 -11.41 -1.90
CA LYS A 4 -10.50 -11.80 -0.69
C LYS A 4 -9.08 -11.27 -0.71
N LEU A 5 -8.60 -10.88 -1.89
CA LEU A 5 -7.27 -10.32 -1.99
C LEU A 5 -7.11 -9.21 -0.96
N ASN A 6 -8.24 -8.63 -0.56
CA ASN A 6 -8.25 -7.56 0.44
C ASN A 6 -7.63 -8.05 1.73
N ASP A 7 -7.94 -9.29 2.12
CA ASP A 7 -7.39 -9.87 3.33
C ASP A 7 -5.88 -9.70 3.35
N LEU A 8 -5.29 -9.71 2.16
CA LEU A 8 -3.85 -9.56 2.01
C LEU A 8 -3.49 -8.07 1.99
N LEU A 9 -4.42 -7.25 1.48
CA LEU A 9 -4.20 -5.81 1.42
C LEU A 9 -4.05 -5.22 2.82
N GLU A 10 -4.79 -5.80 3.77
CA GLU A 10 -4.76 -5.33 5.15
C GLU A 10 -3.33 -5.28 5.69
N ASP A 11 -2.55 -6.32 5.37
CA ASP A 11 -1.16 -6.40 5.83
C ASP A 11 -0.39 -5.14 5.44
N LEU A 12 -0.55 -4.72 4.20
CA LEU A 12 0.12 -3.53 3.69
C LEU A 12 -0.25 -2.30 4.52
N GLN A 13 -1.53 -1.98 4.55
CA GLN A 13 -2.02 -0.83 5.29
C GLN A 13 -1.53 -0.87 6.74
N GLU A 14 -1.47 -2.07 7.30
CA GLU A 14 -1.02 -2.24 8.67
C GLU A 14 0.49 -2.15 8.73
N VAL A 15 1.14 -2.53 7.64
CA VAL A 15 2.59 -2.47 7.57
C VAL A 15 3.04 -1.01 7.64
N LEU A 16 2.16 -0.11 7.21
CA LEU A 16 2.45 1.32 7.25
C LEU A 16 2.62 1.77 8.70
N LYS A 17 1.82 1.18 9.59
CA LYS A 17 1.89 1.50 11.01
C LYS A 17 3.35 1.61 11.46
N ASN A 18 4.19 0.78 10.87
CA ASN A 18 5.62 0.78 11.16
C ASN A 18 6.30 1.93 10.43
N LEU A 19 6.03 2.03 9.13
CA LEU A 19 6.59 3.07 8.29
C LEU A 19 6.48 4.44 8.95
N HIS A 20 5.31 4.73 9.51
CA HIS A 20 5.06 6.01 10.16
C HIS A 20 6.18 6.39 11.14
N LYS A 21 6.73 5.39 11.82
CA LYS A 21 7.77 5.62 12.81
C LYS A 21 9.18 5.56 12.21
N ASN A 22 9.27 5.40 10.90
CA ASN A 22 10.57 5.33 10.25
C ASN A 22 10.55 5.90 8.84
N TRP A 23 9.53 6.70 8.53
CA TRP A 23 9.43 7.30 7.21
C TRP A 23 10.18 8.64 7.17
N HIS A 24 9.87 9.53 8.12
CA HIS A 24 10.54 10.83 8.19
C HIS A 24 10.02 11.68 9.34
N GLY A 25 10.02 11.11 10.54
CA GLY A 25 9.59 11.84 11.72
C GLY A 25 8.11 12.14 11.78
N GLY A 26 7.48 11.64 12.85
CA GLY A 26 6.08 11.88 13.09
C GLY A 26 5.17 11.40 11.99
N LYS A 27 4.15 10.66 12.37
CA LYS A 27 3.16 10.15 11.43
C LYS A 27 2.34 11.31 10.86
N ASP A 28 2.42 12.47 11.52
CA ASP A 28 1.69 13.64 11.10
C ASP A 28 1.83 13.88 9.60
N ASN A 29 3.05 13.81 9.09
CA ASN A 29 3.29 14.02 7.66
C ASN A 29 2.85 12.80 6.86
N LEU A 30 3.26 11.62 7.31
CA LEU A 30 2.89 10.37 6.62
C LEU A 30 1.37 10.25 6.57
N HIS A 31 0.70 10.84 7.55
CA HIS A 31 -0.77 10.80 7.59
C HIS A 31 -1.36 11.10 6.23
N ASP A 32 -0.87 12.17 5.61
CA ASP A 32 -1.34 12.56 4.28
C ASP A 32 -0.91 11.52 3.25
N VAL A 33 0.24 10.90 3.51
CA VAL A 33 0.78 9.87 2.64
C VAL A 33 -0.03 8.59 2.74
N ASP A 34 -0.06 7.99 3.94
CA ASP A 34 -0.80 6.78 4.14
C ASP A 34 -2.29 7.05 3.89
N ASN A 35 -2.68 8.33 3.97
CA ASN A 35 -4.07 8.71 3.68
C ASN A 35 -4.36 8.31 2.24
N HIS A 36 -3.38 8.55 1.37
CA HIS A 36 -3.48 8.18 -0.02
C HIS A 36 -3.56 6.67 -0.09
N LEU A 37 -2.62 6.02 0.60
CA LEU A 37 -2.57 4.56 0.66
C LEU A 37 -3.93 4.00 1.07
N GLN A 38 -4.32 4.26 2.32
CA GLN A 38 -5.59 3.78 2.86
C GLN A 38 -6.71 4.01 1.85
N ASN A 39 -6.72 5.19 1.24
CA ASN A 39 -7.75 5.52 0.24
C ASN A 39 -7.72 4.50 -0.89
N VAL A 40 -6.54 3.94 -1.15
CA VAL A 40 -6.39 2.95 -2.19
C VAL A 40 -7.16 1.68 -1.83
N ILE A 41 -6.94 1.20 -0.61
CA ILE A 41 -7.61 0.00 -0.12
C ILE A 41 -9.10 0.00 -0.45
N GLU A 42 -9.74 1.15 -0.32
CA GLU A 42 -11.17 1.27 -0.61
C GLU A 42 -11.42 1.22 -2.11
N ASP A 43 -10.46 1.69 -2.89
CA ASP A 43 -10.59 1.66 -4.33
C ASP A 43 -10.17 0.30 -4.87
N ILE A 44 -9.29 -0.37 -4.13
CA ILE A 44 -8.81 -1.69 -4.52
C ILE A 44 -9.74 -2.79 -4.02
N HIS A 45 -10.05 -2.75 -2.72
CA HIS A 45 -10.92 -3.76 -2.13
C HIS A 45 -12.35 -3.66 -2.67
N ASP A 46 -12.74 -2.46 -3.10
CA ASP A 46 -14.09 -2.25 -3.64
C ASP A 46 -14.11 -2.57 -5.12
N PHE A 47 -13.05 -2.17 -5.82
CA PHE A 47 -12.95 -2.42 -7.25
C PHE A 47 -12.63 -3.90 -7.50
N MET A 48 -12.00 -4.53 -6.51
CA MET A 48 -11.65 -5.95 -6.63
C MET A 48 -12.85 -6.78 -7.05
N GLN A 49 -14.02 -6.43 -6.52
CA GLN A 49 -15.25 -7.13 -6.85
C GLN A 49 -15.64 -6.90 -8.31
N GLY A 50 -15.18 -5.79 -8.86
CA GLY A 50 -15.48 -5.48 -10.25
C GLY A 50 -16.02 -4.07 -10.43
N GLY A 51 -16.20 -3.34 -9.33
CA GLY A 51 -16.71 -1.99 -9.41
C GLY A 51 -15.94 -1.15 -10.42
N GLY A 52 -14.64 -1.39 -10.49
CA GLY A 52 -13.80 -0.66 -11.42
C GLY A 52 -12.46 -1.35 -11.65
N SER A 53 -12.44 -2.67 -11.44
CA SER A 53 -11.23 -3.45 -11.62
C SER A 53 -10.71 -3.34 -13.05
N GLY A 54 -9.66 -4.08 -13.36
CA GLY A 54 -9.08 -4.06 -14.69
C GLY A 54 -8.83 -2.65 -15.19
N GLY A 55 -8.00 -1.90 -14.47
CA GLY A 55 -7.69 -0.55 -14.87
C GLY A 55 -7.43 0.36 -13.67
N LYS A 56 -7.90 -0.06 -12.50
CA LYS A 56 -7.72 0.72 -11.29
C LYS A 56 -6.40 0.37 -10.60
N LEU A 57 -6.08 -0.91 -10.57
CA LEU A 57 -4.87 -1.38 -9.94
C LEU A 57 -3.62 -0.88 -10.67
N GLN A 58 -3.80 -0.29 -11.85
CA GLN A 58 -2.65 0.22 -12.59
C GLN A 58 -2.30 1.63 -12.16
N GLU A 59 -3.32 2.50 -12.11
CA GLU A 59 -3.11 3.88 -11.69
C GLU A 59 -3.22 4.00 -10.18
N MET A 60 -4.05 3.15 -9.58
CA MET A 60 -4.24 3.16 -8.13
C MET A 60 -3.07 2.49 -7.43
N MET A 61 -2.45 1.50 -8.10
CA MET A 61 -1.31 0.81 -7.50
C MET A 61 -0.22 1.80 -7.13
N LYS A 62 0.04 2.75 -8.02
CA LYS A 62 1.06 3.77 -7.76
C LYS A 62 0.72 4.61 -6.54
N GLU A 63 -0.56 4.60 -6.16
CA GLU A 63 -1.00 5.37 -5.00
C GLU A 63 -0.57 4.71 -3.69
N PHE A 64 -0.44 3.40 -3.69
CA PHE A 64 -0.03 2.67 -2.49
C PHE A 64 1.50 2.61 -2.41
N GLN A 65 2.16 2.63 -3.56
CA GLN A 65 3.61 2.58 -3.62
C GLN A 65 4.20 3.96 -3.38
N GLN A 66 3.51 4.99 -3.85
CA GLN A 66 3.99 6.37 -3.67
C GLN A 66 4.21 6.69 -2.20
N VAL A 67 3.37 6.12 -1.34
CA VAL A 67 3.48 6.33 0.10
C VAL A 67 4.88 5.94 0.58
N LEU A 68 5.32 4.76 0.18
CA LEU A 68 6.65 4.28 0.55
C LEU A 68 7.74 5.15 -0.06
N ASP A 69 7.35 6.04 -0.98
CA ASP A 69 8.31 6.94 -1.61
C ASP A 69 8.77 7.97 -0.58
N GLU A 70 7.82 8.73 -0.03
CA GLU A 70 8.10 9.71 1.01
C GLU A 70 8.94 9.07 2.09
N LEU A 71 8.56 7.84 2.38
CA LEU A 71 9.19 7.02 3.39
C LEU A 71 10.59 6.56 2.98
N ASN A 72 10.65 5.71 1.96
CA ASN A 72 11.92 5.19 1.47
C ASN A 72 12.95 6.29 1.23
N ASN A 73 12.48 7.48 0.89
CA ASN A 73 13.37 8.61 0.62
C ASN A 73 13.69 9.37 1.91
N HIS A 74 13.31 8.82 3.06
CA HIS A 74 13.57 9.48 4.33
C HIS A 74 13.70 8.49 5.47
N LEU A 75 14.12 7.26 5.16
CA LEU A 75 14.31 6.24 6.17
C LEU A 75 15.17 6.81 7.29
N GLN A 76 14.53 7.41 8.28
CA GLN A 76 15.24 8.04 9.39
C GLN A 76 15.95 6.98 10.23
N GLY A 77 16.97 6.35 9.67
CA GLY A 77 17.72 5.33 10.39
C GLY A 77 16.83 4.21 10.89
N GLY A 78 15.96 3.71 10.02
CA GLY A 78 15.07 2.63 10.40
C GLY A 78 14.67 1.77 9.22
N LYS A 79 15.63 1.51 8.33
CA LYS A 79 15.37 0.70 7.15
C LYS A 79 14.62 -0.58 7.50
N HIS A 80 14.98 -1.18 8.63
CA HIS A 80 14.33 -2.42 9.08
C HIS A 80 12.82 -2.31 9.02
N THR A 81 12.30 -1.13 9.27
CA THR A 81 10.85 -0.90 9.22
C THR A 81 10.36 -1.04 7.79
N VAL A 82 10.67 -0.04 6.99
CA VAL A 82 10.27 -0.04 5.58
C VAL A 82 10.65 -1.33 4.91
N HIS A 83 11.84 -1.86 5.21
CA HIS A 83 12.27 -3.12 4.62
C HIS A 83 11.15 -4.15 4.75
N HIS A 84 10.52 -4.15 5.91
CA HIS A 84 9.40 -5.06 6.18
C HIS A 84 8.13 -4.57 5.48
N ILE A 85 8.02 -3.25 5.30
CA ILE A 85 6.84 -2.66 4.65
C ILE A 85 6.99 -2.68 3.13
N GLU A 86 8.22 -2.57 2.64
CA GLU A 86 8.48 -2.60 1.21
C GLU A 86 8.38 -4.03 0.71
N GLN A 87 9.05 -4.96 1.40
CA GLN A 87 8.97 -6.36 1.03
C GLN A 87 7.51 -6.80 1.01
N ASN A 88 6.71 -6.15 1.84
CA ASN A 88 5.29 -6.43 1.94
C ASN A 88 4.53 -5.67 0.85
N ILE A 89 4.64 -4.34 0.88
CA ILE A 89 3.94 -3.50 -0.09
C ILE A 89 4.39 -3.80 -1.52
N LYS A 90 5.69 -3.82 -1.75
CA LYS A 90 6.18 -4.10 -3.09
C LYS A 90 5.73 -5.49 -3.52
N GLU A 91 5.57 -6.37 -2.55
CA GLU A 91 5.11 -7.73 -2.81
C GLU A 91 3.59 -7.79 -2.74
N ILE A 92 2.96 -6.64 -2.45
CA ILE A 92 1.52 -6.55 -2.36
C ILE A 92 0.94 -6.49 -3.76
N PHE A 93 1.57 -5.66 -4.59
CA PHE A 93 1.15 -5.52 -5.98
C PHE A 93 1.09 -6.90 -6.65
N HIS A 94 1.89 -7.83 -6.14
CA HIS A 94 1.95 -9.17 -6.69
C HIS A 94 0.59 -9.84 -6.61
N HIS A 95 0.12 -10.05 -5.38
CA HIS A 95 -1.19 -10.65 -5.16
C HIS A 95 -2.28 -9.72 -5.66
N LEU A 96 -1.91 -8.49 -6.01
CA LEU A 96 -2.88 -7.52 -6.51
C LEU A 96 -3.01 -7.63 -8.01
N GLU A 97 -1.91 -7.45 -8.71
CA GLU A 97 -1.89 -7.55 -10.15
C GLU A 97 -2.08 -9.00 -10.59
N GLU A 98 -2.00 -9.92 -9.62
CA GLU A 98 -2.18 -11.34 -9.90
C GLU A 98 -3.63 -11.75 -9.74
N LEU A 99 -4.44 -10.87 -9.15
CA LEU A 99 -5.85 -11.16 -8.93
C LEU A 99 -6.68 -10.72 -10.14
N VAL A 100 -6.57 -9.45 -10.52
CA VAL A 100 -7.30 -8.92 -11.66
C VAL A 100 -6.89 -9.61 -12.95
N HIS A 101 -5.58 -9.75 -13.15
CA HIS A 101 -5.05 -10.40 -14.35
C HIS A 101 -5.55 -11.83 -14.47
N ARG A 102 -5.80 -12.46 -13.32
CA ARG A 102 -6.27 -13.84 -13.30
C ARG A 102 -7.80 -13.88 -13.12
N MET A 1 -16.44 -14.38 -7.19
CA MET A 1 -15.95 -12.98 -7.10
C MET A 1 -14.58 -12.92 -6.41
N TYR A 2 -13.71 -12.07 -6.93
CA TYR A 2 -12.37 -11.92 -6.36
C TYR A 2 -12.32 -10.73 -5.41
N GLY A 3 -12.58 -10.99 -4.13
CA GLY A 3 -12.57 -9.93 -3.14
C GLY A 3 -11.76 -10.29 -1.90
N LYS A 4 -11.14 -11.47 -1.92
CA LYS A 4 -10.34 -11.91 -0.77
C LYS A 4 -8.96 -11.30 -0.81
N LEU A 5 -8.53 -10.88 -2.00
CA LEU A 5 -7.23 -10.26 -2.12
C LEU A 5 -7.10 -9.14 -1.09
N ASN A 6 -8.26 -8.65 -0.63
CA ASN A 6 -8.29 -7.60 0.38
C ASN A 6 -7.65 -8.07 1.67
N ASP A 7 -7.93 -9.32 2.05
CA ASP A 7 -7.36 -9.89 3.27
C ASP A 7 -5.85 -9.66 3.29
N LEU A 8 -5.27 -9.62 2.09
CA LEU A 8 -3.84 -9.39 1.94
C LEU A 8 -3.55 -7.89 1.93
N LEU A 9 -4.55 -7.11 1.48
CA LEU A 9 -4.39 -5.66 1.42
C LEU A 9 -4.38 -5.05 2.83
N GLU A 10 -4.77 -5.85 3.83
CA GLU A 10 -4.82 -5.38 5.20
C GLU A 10 -3.42 -5.29 5.81
N ASP A 11 -2.60 -6.31 5.53
CA ASP A 11 -1.23 -6.35 6.06
C ASP A 11 -0.45 -5.10 5.64
N LEU A 12 -0.52 -4.76 4.36
CA LEU A 12 0.19 -3.60 3.83
C LEU A 12 -0.18 -2.35 4.61
N GLN A 13 -1.48 -2.03 4.63
CA GLN A 13 -1.95 -0.85 5.33
C GLN A 13 -1.47 -0.84 6.78
N GLU A 14 -1.38 -2.02 7.38
CA GLU A 14 -0.91 -2.15 8.74
C GLU A 14 0.60 -2.04 8.79
N VAL A 15 1.25 -2.43 7.70
CA VAL A 15 2.69 -2.36 7.60
C VAL A 15 3.14 -0.91 7.58
N LEU A 16 2.27 -0.03 7.10
CA LEU A 16 2.57 1.39 7.05
C LEU A 16 2.79 1.94 8.45
N LYS A 17 2.02 1.43 9.41
CA LYS A 17 2.15 1.87 10.80
C LYS A 17 3.61 1.90 11.21
N ASN A 18 4.35 0.89 10.76
CA ASN A 18 5.77 0.82 11.05
C ASN A 18 6.48 1.93 10.30
N LEU A 19 6.05 2.14 9.06
CA LEU A 19 6.61 3.18 8.20
C LEU A 19 6.49 4.54 8.86
N HIS A 20 5.38 4.78 9.54
CA HIS A 20 5.15 6.06 10.23
C HIS A 20 6.33 6.42 11.13
N LYS A 21 6.95 5.40 11.72
CA LYS A 21 8.07 5.61 12.63
C LYS A 21 9.42 5.50 11.94
N ASN A 22 9.42 5.28 10.62
CA ASN A 22 10.68 5.16 9.90
C ASN A 22 10.65 5.86 8.55
N TRP A 23 9.57 6.58 8.25
CA TRP A 23 9.47 7.29 6.98
C TRP A 23 10.25 8.60 7.06
N HIS A 24 10.20 9.25 8.22
CA HIS A 24 10.91 10.50 8.44
C HIS A 24 10.74 10.98 9.88
N GLY A 25 9.50 11.01 10.34
CA GLY A 25 9.23 11.44 11.70
C GLY A 25 7.91 12.15 11.85
N GLY A 26 7.14 11.75 12.86
CA GLY A 26 5.85 12.37 13.11
C GLY A 26 4.77 11.82 12.20
N LYS A 27 3.96 10.92 12.74
CA LYS A 27 2.86 10.33 11.97
C LYS A 27 2.01 11.41 11.32
N ASP A 28 2.02 12.60 11.92
CA ASP A 28 1.26 13.73 11.38
C ASP A 28 1.61 13.96 9.92
N ASN A 29 2.86 13.66 9.57
CA ASN A 29 3.32 13.83 8.19
C ASN A 29 2.98 12.60 7.36
N LEU A 30 3.19 11.42 7.94
CA LEU A 30 2.89 10.17 7.27
C LEU A 30 1.40 10.06 6.99
N HIS A 31 0.60 10.61 7.89
CA HIS A 31 -0.85 10.58 7.74
C HIS A 31 -1.27 11.02 6.34
N ASP A 32 -0.59 12.02 5.81
CA ASP A 32 -0.90 12.53 4.47
C ASP A 32 -0.37 11.61 3.38
N VAL A 33 0.62 10.79 3.71
CA VAL A 33 1.20 9.87 2.75
C VAL A 33 0.50 8.52 2.78
N ASP A 34 0.29 7.98 3.98
CA ASP A 34 -0.38 6.69 4.11
C ASP A 34 -1.87 6.84 3.83
N ASN A 35 -2.41 8.04 4.06
CA ASN A 35 -3.82 8.28 3.78
C ASN A 35 -4.11 7.89 2.34
N HIS A 36 -3.11 8.09 1.49
CA HIS A 36 -3.21 7.74 0.08
C HIS A 36 -3.39 6.23 -0.05
N LEU A 37 -2.75 5.50 0.85
CA LEU A 37 -2.84 4.05 0.88
C LEU A 37 -4.22 3.60 1.34
N GLN A 38 -4.53 3.90 2.61
CA GLN A 38 -5.82 3.54 3.18
C GLN A 38 -6.96 3.93 2.25
N ASN A 39 -6.80 5.06 1.56
CA ASN A 39 -7.82 5.53 0.63
C ASN A 39 -7.88 4.62 -0.60
N VAL A 40 -6.73 4.06 -0.96
CA VAL A 40 -6.66 3.16 -2.10
C VAL A 40 -7.34 1.83 -1.77
N ILE A 41 -7.18 1.38 -0.52
CA ILE A 41 -7.78 0.14 -0.07
C ILE A 41 -9.26 0.09 -0.44
N GLU A 42 -9.92 1.23 -0.39
CA GLU A 42 -11.33 1.33 -0.73
C GLU A 42 -11.51 1.27 -2.23
N ASP A 43 -10.48 1.66 -2.96
CA ASP A 43 -10.53 1.62 -4.40
C ASP A 43 -10.21 0.22 -4.88
N ILE A 44 -9.43 -0.52 -4.08
CA ILE A 44 -9.07 -1.90 -4.44
C ILE A 44 -10.13 -2.88 -3.96
N HIS A 45 -10.47 -2.82 -2.67
CA HIS A 45 -11.46 -3.72 -2.12
C HIS A 45 -12.82 -3.51 -2.78
N ASP A 46 -13.05 -2.30 -3.28
CA ASP A 46 -14.31 -1.99 -3.95
C ASP A 46 -14.22 -2.35 -5.43
N PHE A 47 -13.02 -2.21 -5.98
CA PHE A 47 -12.79 -2.52 -7.39
C PHE A 47 -12.59 -4.02 -7.62
N MET A 48 -11.77 -4.64 -6.78
CA MET A 48 -11.49 -6.08 -6.90
C MET A 48 -12.78 -6.89 -7.00
N GLN A 49 -13.87 -6.34 -6.49
CA GLN A 49 -15.17 -7.01 -6.53
C GLN A 49 -15.94 -6.67 -7.79
N GLY A 50 -15.27 -6.06 -8.76
CA GLY A 50 -15.92 -5.70 -10.01
C GLY A 50 -16.22 -4.21 -10.11
N GLY A 51 -15.44 -3.41 -9.40
CA GLY A 51 -15.64 -1.97 -9.43
C GLY A 51 -14.64 -1.26 -10.33
N GLY A 52 -14.13 -1.97 -11.34
CA GLY A 52 -13.17 -1.38 -12.25
C GLY A 52 -11.75 -1.82 -11.95
N SER A 53 -11.60 -3.00 -11.36
CA SER A 53 -10.29 -3.54 -11.02
C SER A 53 -9.46 -3.80 -12.27
N GLY A 54 -10.11 -3.85 -13.43
CA GLY A 54 -9.41 -4.11 -14.67
C GLY A 54 -8.83 -2.83 -15.29
N GLY A 55 -7.77 -2.32 -14.68
CA GLY A 55 -7.14 -1.12 -15.19
C GLY A 55 -6.87 -0.10 -14.09
N LYS A 56 -7.46 -0.32 -12.93
CA LYS A 56 -7.28 0.58 -11.79
C LYS A 56 -6.07 0.19 -10.95
N LEU A 57 -5.73 -1.09 -10.97
CA LEU A 57 -4.59 -1.57 -10.21
C LEU A 57 -3.26 -1.09 -10.80
N GLN A 58 -3.31 -0.49 -11.99
CA GLN A 58 -2.08 0.00 -12.61
C GLN A 58 -1.74 1.42 -12.15
N GLU A 59 -2.72 2.32 -12.23
CA GLU A 59 -2.51 3.70 -11.81
C GLU A 59 -2.75 3.86 -10.33
N MET A 60 -3.66 3.06 -9.78
CA MET A 60 -3.98 3.13 -8.37
C MET A 60 -2.92 2.42 -7.53
N MET A 61 -2.31 1.39 -8.10
CA MET A 61 -1.28 0.64 -7.37
C MET A 61 -0.13 1.57 -6.98
N LYS A 62 0.26 2.45 -7.90
CA LYS A 62 1.33 3.40 -7.66
C LYS A 62 0.97 4.31 -6.49
N GLU A 63 -0.32 4.39 -6.17
CA GLU A 63 -0.79 5.24 -5.08
C GLU A 63 -0.48 4.63 -3.72
N PHE A 64 -0.45 3.30 -3.65
CA PHE A 64 -0.13 2.63 -2.39
C PHE A 64 1.37 2.44 -2.25
N GLN A 65 2.06 2.39 -3.40
CA GLN A 65 3.50 2.27 -3.42
C GLN A 65 4.14 3.64 -3.23
N GLN A 66 3.47 4.67 -3.73
CA GLN A 66 3.96 6.03 -3.62
C GLN A 66 4.15 6.43 -2.16
N VAL A 67 3.28 5.89 -1.30
CA VAL A 67 3.35 6.16 0.13
C VAL A 67 4.73 5.81 0.66
N LEU A 68 5.29 4.73 0.14
CA LEU A 68 6.62 4.29 0.53
C LEU A 68 7.69 5.17 -0.10
N ASP A 69 7.26 6.07 -1.00
CA ASP A 69 8.18 7.00 -1.65
C ASP A 69 8.59 8.09 -0.67
N GLU A 70 7.60 8.84 -0.16
CA GLU A 70 7.88 9.88 0.82
C GLU A 70 8.70 9.30 1.94
N LEU A 71 8.40 8.03 2.22
CA LEU A 71 9.04 7.26 3.25
C LEU A 71 10.48 6.87 2.87
N ASN A 72 10.61 6.05 1.84
CA ASN A 72 11.92 5.59 1.39
C ASN A 72 12.88 6.76 1.16
N ASN A 73 12.33 7.94 0.91
CA ASN A 73 13.15 9.12 0.67
C ASN A 73 13.55 9.80 1.98
N HIS A 74 13.17 9.22 3.11
CA HIS A 74 13.50 9.79 4.42
C HIS A 74 13.62 8.73 5.50
N LEU A 75 14.14 7.56 5.16
CA LEU A 75 14.34 6.51 6.15
C LEU A 75 15.11 7.08 7.33
N GLN A 76 14.37 7.67 8.27
CA GLN A 76 14.99 8.31 9.42
C GLN A 76 15.41 7.30 10.49
N GLY A 77 14.58 6.28 10.71
CA GLY A 77 14.89 5.29 11.73
C GLY A 77 15.47 3.99 11.19
N GLY A 78 16.10 4.06 10.02
CA GLY A 78 16.70 2.86 9.45
C GLY A 78 15.73 2.09 8.58
N LYS A 79 16.16 1.81 7.36
CA LYS A 79 15.33 1.08 6.39
C LYS A 79 14.76 -0.22 6.97
N HIS A 80 15.35 -0.73 8.05
CA HIS A 80 14.88 -1.96 8.67
C HIS A 80 13.35 -2.02 8.72
N THR A 81 12.73 -0.87 8.98
CA THR A 81 11.28 -0.78 9.03
C THR A 81 10.70 -0.96 7.63
N VAL A 82 10.87 0.07 6.82
CA VAL A 82 10.39 0.03 5.45
C VAL A 82 10.79 -1.26 4.76
N HIS A 83 11.98 -1.77 5.06
CA HIS A 83 12.43 -3.02 4.44
C HIS A 83 11.36 -4.08 4.62
N HIS A 84 10.76 -4.10 5.80
CA HIS A 84 9.70 -5.05 6.11
C HIS A 84 8.40 -4.60 5.45
N ILE A 85 8.24 -3.30 5.25
CA ILE A 85 7.03 -2.78 4.63
C ILE A 85 7.14 -2.83 3.11
N GLU A 86 8.34 -2.65 2.58
CA GLU A 86 8.55 -2.71 1.14
C GLU A 86 8.51 -4.16 0.67
N GLN A 87 9.27 -5.03 1.31
CA GLN A 87 9.25 -6.44 0.95
C GLN A 87 7.82 -6.94 0.99
N ASN A 88 7.02 -6.31 1.86
CA ASN A 88 5.62 -6.64 1.99
C ASN A 88 4.80 -5.94 0.92
N ILE A 89 4.73 -4.61 1.00
CA ILE A 89 3.98 -3.81 0.03
C ILE A 89 4.35 -4.18 -1.39
N LYS A 90 5.60 -4.54 -1.62
CA LYS A 90 6.02 -4.90 -2.96
C LYS A 90 5.34 -6.21 -3.36
N GLU A 91 4.97 -7.01 -2.37
CA GLU A 91 4.28 -8.26 -2.61
C GLU A 91 2.78 -8.04 -2.72
N ILE A 92 2.35 -6.79 -2.47
CA ILE A 92 0.95 -6.43 -2.55
C ILE A 92 0.55 -6.25 -4.00
N PHE A 93 1.25 -5.34 -4.68
CA PHE A 93 0.99 -5.09 -6.09
C PHE A 93 0.87 -6.40 -6.87
N HIS A 94 1.77 -7.34 -6.60
CA HIS A 94 1.76 -8.63 -7.26
C HIS A 94 0.43 -9.33 -7.01
N HIS A 95 0.14 -9.59 -5.74
CA HIS A 95 -1.11 -10.22 -5.37
C HIS A 95 -2.29 -9.35 -5.77
N LEU A 96 -2.02 -8.10 -6.14
CA LEU A 96 -3.06 -7.16 -6.57
C LEU A 96 -3.30 -7.27 -8.06
N GLU A 97 -2.29 -6.90 -8.84
CA GLU A 97 -2.38 -6.97 -10.28
C GLU A 97 -2.53 -8.43 -10.73
N GLU A 98 -2.27 -9.36 -9.82
CA GLU A 98 -2.39 -10.78 -10.13
C GLU A 98 -3.82 -11.26 -9.91
N LEU A 99 -4.54 -10.56 -9.03
CA LEU A 99 -5.92 -10.91 -8.72
C LEU A 99 -6.82 -10.60 -9.91
N VAL A 100 -6.81 -9.34 -10.33
CA VAL A 100 -7.63 -8.90 -11.45
C VAL A 100 -7.27 -9.66 -12.73
N HIS A 101 -6.02 -10.10 -12.82
CA HIS A 101 -5.55 -10.84 -13.99
C HIS A 101 -5.62 -12.35 -13.74
N ARG A 102 -6.61 -12.77 -12.97
CA ARG A 102 -6.78 -14.18 -12.66
C ARG A 102 -8.04 -14.74 -13.33
N MET A 1 -14.05 -15.24 -8.44
CA MET A 1 -14.10 -13.97 -7.65
C MET A 1 -12.75 -13.67 -7.01
N TYR A 2 -12.07 -12.65 -7.53
CA TYR A 2 -10.77 -12.26 -7.00
C TYR A 2 -10.88 -11.00 -6.16
N GLY A 3 -11.56 -11.11 -5.02
CA GLY A 3 -11.74 -9.97 -4.13
C GLY A 3 -11.23 -10.23 -2.73
N LYS A 4 -11.12 -11.50 -2.35
CA LYS A 4 -10.65 -11.87 -1.02
C LYS A 4 -9.25 -11.35 -0.77
N LEU A 5 -8.53 -11.03 -1.85
CA LEU A 5 -7.19 -10.49 -1.69
C LEU A 5 -7.24 -9.30 -0.74
N ASN A 6 -8.42 -8.71 -0.58
CA ASN A 6 -8.61 -7.59 0.31
C ASN A 6 -8.12 -7.93 1.70
N ASP A 7 -8.48 -9.13 2.18
CA ASP A 7 -8.05 -9.59 3.49
C ASP A 7 -6.54 -9.50 3.59
N LEU A 8 -5.88 -9.64 2.44
CA LEU A 8 -4.43 -9.56 2.38
C LEU A 8 -4.01 -8.10 2.17
N LEU A 9 -4.88 -7.31 1.54
CA LEU A 9 -4.60 -5.91 1.31
C LEU A 9 -4.40 -5.19 2.64
N GLU A 10 -5.17 -5.61 3.65
CA GLU A 10 -5.09 -5.02 4.99
C GLU A 10 -3.67 -5.07 5.52
N ASP A 11 -2.97 -6.16 5.24
CA ASP A 11 -1.59 -6.33 5.70
C ASP A 11 -0.75 -5.11 5.34
N LEU A 12 -0.77 -4.75 4.06
CA LEU A 12 -0.03 -3.59 3.58
C LEU A 12 -0.40 -2.36 4.37
N GLN A 13 -1.69 -2.02 4.39
CA GLN A 13 -2.16 -0.85 5.12
C GLN A 13 -1.67 -0.88 6.56
N GLU A 14 -1.61 -2.07 7.14
CA GLU A 14 -1.14 -2.24 8.51
C GLU A 14 0.36 -2.14 8.55
N VAL A 15 1.01 -2.55 7.46
CA VAL A 15 2.44 -2.48 7.38
C VAL A 15 2.89 -1.02 7.45
N LEU A 16 2.01 -0.12 7.04
CA LEU A 16 2.30 1.31 7.08
C LEU A 16 2.45 1.75 8.53
N LYS A 17 1.69 1.11 9.42
CA LYS A 17 1.75 1.42 10.85
C LYS A 17 3.20 1.57 11.30
N ASN A 18 4.05 0.74 10.73
CA ASN A 18 5.48 0.78 11.04
C ASN A 18 6.13 1.94 10.31
N LEU A 19 5.86 2.02 9.02
CA LEU A 19 6.39 3.08 8.15
C LEU A 19 6.35 4.44 8.82
N HIS A 20 5.19 4.79 9.36
CA HIS A 20 4.99 6.08 10.04
C HIS A 20 6.11 6.41 11.02
N LYS A 21 6.55 5.40 11.77
CA LYS A 21 7.58 5.60 12.78
C LYS A 21 8.99 5.47 12.23
N ASN A 22 9.13 5.36 10.92
CA ASN A 22 10.44 5.23 10.32
C ASN A 22 10.48 5.74 8.89
N TRP A 23 9.50 6.55 8.51
CA TRP A 23 9.47 7.11 7.16
C TRP A 23 10.29 8.40 7.11
N HIS A 24 10.28 9.15 8.20
CA HIS A 24 11.02 10.40 8.30
C HIS A 24 10.88 11.00 9.69
N GLY A 25 9.65 11.13 10.16
CA GLY A 25 9.41 11.69 11.48
C GLY A 25 8.00 12.19 11.67
N GLY A 26 7.37 11.77 12.77
CA GLY A 26 6.01 12.20 13.06
C GLY A 26 5.02 11.74 12.02
N LYS A 27 4.02 10.97 12.45
CA LYS A 27 3.00 10.46 11.54
C LYS A 27 2.21 11.61 10.93
N ASP A 28 2.28 12.78 11.55
CA ASP A 28 1.57 13.96 11.07
C ASP A 28 1.84 14.19 9.58
N ASN A 29 3.09 13.99 9.17
CA ASN A 29 3.47 14.17 7.77
C ASN A 29 3.03 12.96 6.95
N LEU A 30 3.37 11.77 7.43
CA LEU A 30 2.99 10.54 6.74
C LEU A 30 1.48 10.49 6.54
N HIS A 31 0.75 11.11 7.46
CA HIS A 31 -0.71 11.13 7.40
C HIS A 31 -1.18 11.48 5.99
N ASP A 32 -0.55 12.48 5.38
CA ASP A 32 -0.90 12.89 4.04
C ASP A 32 -0.49 11.82 3.03
N VAL A 33 0.51 11.05 3.38
CA VAL A 33 1.00 9.98 2.53
C VAL A 33 0.18 8.71 2.71
N ASP A 34 0.17 8.15 3.92
CA ASP A 34 -0.62 6.96 4.17
C ASP A 34 -2.09 7.23 3.86
N ASN A 35 -2.50 8.51 3.88
CA ASN A 35 -3.86 8.87 3.55
C ASN A 35 -4.14 8.41 2.13
N HIS A 36 -3.16 8.62 1.27
CA HIS A 36 -3.24 8.19 -0.11
C HIS A 36 -3.37 6.68 -0.13
N LEU A 37 -2.48 6.02 0.60
CA LEU A 37 -2.50 4.58 0.70
C LEU A 37 -3.86 4.09 1.20
N GLN A 38 -4.15 4.39 2.46
CA GLN A 38 -5.41 3.99 3.08
C GLN A 38 -6.60 4.31 2.18
N ASN A 39 -6.59 5.50 1.59
CA ASN A 39 -7.67 5.92 0.71
C ASN A 39 -7.76 4.99 -0.50
N VAL A 40 -6.64 4.39 -0.86
CA VAL A 40 -6.60 3.46 -1.98
C VAL A 40 -7.21 2.12 -1.59
N ILE A 41 -6.89 1.66 -0.38
CA ILE A 41 -7.40 0.39 0.12
C ILE A 41 -8.91 0.28 -0.09
N GLU A 42 -9.61 1.41 0.06
CA GLU A 42 -11.05 1.44 -0.12
C GLU A 42 -11.40 1.31 -1.60
N ASP A 43 -10.50 1.77 -2.45
CA ASP A 43 -10.71 1.68 -3.87
C ASP A 43 -10.27 0.32 -4.38
N ILE A 44 -9.32 -0.29 -3.67
CA ILE A 44 -8.84 -1.62 -4.06
C ILE A 44 -9.69 -2.71 -3.45
N HIS A 45 -9.88 -2.67 -2.14
CA HIS A 45 -10.67 -3.67 -1.44
C HIS A 45 -12.13 -3.65 -1.92
N ASP A 46 -12.60 -2.49 -2.37
CA ASP A 46 -13.96 -2.36 -2.85
C ASP A 46 -14.04 -2.73 -4.31
N PHE A 47 -13.03 -2.33 -5.07
CA PHE A 47 -12.98 -2.64 -6.49
C PHE A 47 -12.57 -4.09 -6.73
N MET A 48 -11.86 -4.67 -5.76
CA MET A 48 -11.41 -6.06 -5.87
C MET A 48 -12.59 -6.98 -6.20
N GLN A 49 -13.74 -6.65 -5.62
CA GLN A 49 -14.95 -7.44 -5.84
C GLN A 49 -15.50 -7.22 -7.25
N GLY A 50 -14.96 -6.22 -7.94
CA GLY A 50 -15.40 -5.93 -9.29
C GLY A 50 -15.98 -4.54 -9.43
N GLY A 51 -15.64 -3.65 -8.50
CA GLY A 51 -16.15 -2.29 -8.56
C GLY A 51 -15.27 -1.40 -9.42
N GLY A 52 -14.59 -2.01 -10.39
CA GLY A 52 -13.71 -1.26 -11.27
C GLY A 52 -12.27 -1.68 -11.12
N SER A 53 -12.04 -2.93 -10.72
CA SER A 53 -10.70 -3.45 -10.51
C SER A 53 -10.11 -4.00 -11.82
N GLY A 54 -10.42 -3.34 -12.93
CA GLY A 54 -9.90 -3.78 -14.21
C GLY A 54 -8.81 -2.87 -14.75
N GLY A 55 -8.93 -1.57 -14.45
CA GLY A 55 -7.94 -0.62 -14.92
C GLY A 55 -7.51 0.38 -13.84
N LYS A 56 -7.95 0.14 -12.61
CA LYS A 56 -7.62 1.02 -11.50
C LYS A 56 -6.32 0.58 -10.83
N LEU A 57 -6.16 -0.72 -10.67
CA LEU A 57 -4.98 -1.27 -10.02
C LEU A 57 -3.69 -0.91 -10.76
N GLN A 58 -3.80 -0.37 -11.96
CA GLN A 58 -2.62 0.01 -12.72
C GLN A 58 -2.16 1.41 -12.35
N GLU A 59 -3.08 2.37 -12.38
CA GLU A 59 -2.76 3.75 -12.04
C GLU A 59 -2.88 3.97 -10.54
N MET A 60 -3.80 3.25 -9.91
CA MET A 60 -4.00 3.37 -8.48
C MET A 60 -2.89 2.65 -7.72
N MET A 61 -2.34 1.60 -8.33
CA MET A 61 -1.26 0.84 -7.70
C MET A 61 -0.13 1.78 -7.27
N LYS A 62 0.17 2.75 -8.13
CA LYS A 62 1.22 3.72 -7.83
C LYS A 62 0.87 4.54 -6.60
N GLU A 63 -0.43 4.65 -6.31
CA GLU A 63 -0.89 5.41 -5.15
C GLU A 63 -0.52 4.73 -3.84
N PHE A 64 -0.47 3.40 -3.85
CA PHE A 64 -0.13 2.65 -2.65
C PHE A 64 1.38 2.50 -2.54
N GLN A 65 2.06 2.47 -3.68
CA GLN A 65 3.51 2.35 -3.71
C GLN A 65 4.17 3.72 -3.51
N GLN A 66 3.49 4.77 -3.98
CA GLN A 66 4.00 6.13 -3.84
C GLN A 66 4.22 6.48 -2.38
N VAL A 67 3.32 6.01 -1.52
CA VAL A 67 3.41 6.27 -0.09
C VAL A 67 4.78 5.87 0.44
N LEU A 68 5.25 4.72 0.00
CA LEU A 68 6.56 4.20 0.41
C LEU A 68 7.68 5.05 -0.21
N ASP A 69 7.32 5.97 -1.11
CA ASP A 69 8.31 6.83 -1.73
C ASP A 69 8.78 7.87 -0.71
N GLU A 70 7.82 8.61 -0.15
CA GLU A 70 8.12 9.60 0.87
C GLU A 70 8.90 8.94 2.00
N LEU A 71 8.50 7.71 2.26
CA LEU A 71 9.08 6.89 3.31
C LEU A 71 10.45 6.33 2.91
N ASN A 72 10.45 5.39 1.97
CA ASN A 72 11.69 4.77 1.51
C ASN A 72 12.76 5.81 1.18
N ASN A 73 12.31 7.00 0.78
CA ASN A 73 13.23 8.08 0.44
C ASN A 73 13.55 8.94 1.65
N HIS A 74 13.21 8.47 2.84
CA HIS A 74 13.46 9.23 4.07
C HIS A 74 13.65 8.33 5.28
N LEU A 75 14.05 7.07 5.06
CA LEU A 75 14.30 6.15 6.16
C LEU A 75 15.16 6.87 7.21
N GLN A 76 14.51 7.45 8.21
CA GLN A 76 15.23 8.19 9.24
C GLN A 76 16.24 7.30 9.97
N GLY A 77 15.73 6.26 10.62
CA GLY A 77 16.61 5.36 11.34
C GLY A 77 15.97 4.01 11.58
N GLY A 78 15.11 3.60 10.65
CA GLY A 78 14.44 2.32 10.79
C GLY A 78 14.31 1.58 9.48
N LYS A 79 15.42 1.47 8.75
CA LYS A 79 15.42 0.77 7.47
C LYS A 79 14.73 -0.60 7.58
N HIS A 80 14.76 -1.17 8.79
CA HIS A 80 14.14 -2.46 9.05
C HIS A 80 12.62 -2.36 8.94
N THR A 81 12.08 -1.18 9.20
CA THR A 81 10.65 -0.96 9.13
C THR A 81 10.20 -1.05 7.68
N VAL A 82 10.50 0.00 6.92
CA VAL A 82 10.15 0.03 5.51
C VAL A 82 10.55 -1.25 4.81
N HIS A 83 11.75 -1.75 5.11
CA HIS A 83 12.22 -3.00 4.51
C HIS A 83 11.12 -4.06 4.61
N HIS A 84 10.48 -4.11 5.77
CA HIS A 84 9.40 -5.06 5.99
C HIS A 84 8.11 -4.59 5.30
N ILE A 85 7.98 -3.28 5.14
CA ILE A 85 6.80 -2.71 4.49
C ILE A 85 6.96 -2.69 2.97
N GLU A 86 8.19 -2.55 2.49
CA GLU A 86 8.46 -2.54 1.06
C GLU A 86 8.39 -3.96 0.50
N GLN A 87 9.03 -4.90 1.19
CA GLN A 87 8.99 -6.28 0.76
C GLN A 87 7.55 -6.76 0.78
N ASN A 88 6.75 -6.15 1.65
CA ASN A 88 5.34 -6.49 1.77
C ASN A 88 4.53 -5.73 0.72
N ILE A 89 4.62 -4.40 0.74
CA ILE A 89 3.89 -3.57 -0.22
C ILE A 89 4.33 -3.85 -1.64
N LYS A 90 5.63 -3.88 -1.87
CA LYS A 90 6.13 -4.15 -3.21
C LYS A 90 5.68 -5.54 -3.65
N GLU A 91 5.49 -6.42 -2.67
CA GLU A 91 5.04 -7.78 -2.95
C GLU A 91 3.51 -7.84 -2.90
N ILE A 92 2.89 -6.69 -2.60
CA ILE A 92 1.44 -6.60 -2.54
C ILE A 92 0.88 -6.50 -3.94
N PHE A 93 1.53 -5.69 -4.76
CA PHE A 93 1.13 -5.52 -6.14
C PHE A 93 1.09 -6.87 -6.84
N HIS A 94 1.91 -7.81 -6.35
CA HIS A 94 1.99 -9.15 -6.93
C HIS A 94 0.65 -9.84 -6.80
N HIS A 95 0.20 -10.00 -5.56
CA HIS A 95 -1.08 -10.62 -5.30
C HIS A 95 -2.21 -9.73 -5.79
N LEU A 96 -1.88 -8.49 -6.16
CA LEU A 96 -2.88 -7.56 -6.66
C LEU A 96 -3.01 -7.67 -8.17
N GLU A 97 -1.90 -7.47 -8.86
CA GLU A 97 -1.88 -7.57 -10.31
C GLU A 97 -2.18 -9.00 -10.75
N GLU A 98 -2.20 -9.93 -9.81
CA GLU A 98 -2.49 -11.33 -10.13
C GLU A 98 -4.00 -11.55 -10.23
N LEU A 99 -4.76 -10.75 -9.49
CA LEU A 99 -6.21 -10.84 -9.49
C LEU A 99 -6.78 -10.39 -10.82
N VAL A 100 -6.57 -9.11 -11.12
CA VAL A 100 -7.06 -8.53 -12.36
C VAL A 100 -6.46 -9.24 -13.57
N HIS A 101 -5.28 -9.82 -13.38
CA HIS A 101 -4.60 -10.54 -14.45
C HIS A 101 -5.08 -11.99 -14.52
N ARG A 102 -5.38 -12.58 -13.35
CA ARG A 102 -5.86 -13.96 -13.30
C ARG A 102 -7.36 -14.00 -13.09
N MET A 1 -16.16 -11.98 -7.24
CA MET A 1 -15.48 -13.29 -7.03
C MET A 1 -14.05 -13.09 -6.52
N TYR A 2 -13.39 -12.05 -7.01
CA TYR A 2 -12.03 -11.75 -6.60
C TYR A 2 -11.99 -10.62 -5.57
N GLY A 3 -12.35 -10.95 -4.33
CA GLY A 3 -12.36 -9.95 -3.28
C GLY A 3 -11.62 -10.39 -2.04
N LYS A 4 -11.00 -11.57 -2.10
CA LYS A 4 -10.25 -12.08 -0.95
C LYS A 4 -8.85 -11.52 -0.95
N LEU A 5 -8.40 -11.00 -2.09
CA LEU A 5 -7.09 -10.41 -2.17
C LEU A 5 -6.96 -9.36 -1.07
N ASN A 6 -8.09 -8.88 -0.57
CA ASN A 6 -8.12 -7.89 0.48
C ASN A 6 -7.44 -8.43 1.74
N ASP A 7 -7.74 -9.68 2.07
CA ASP A 7 -7.14 -10.32 3.24
C ASP A 7 -5.63 -10.12 3.22
N LEU A 8 -5.08 -10.01 2.02
CA LEU A 8 -3.65 -9.80 1.83
C LEU A 8 -3.33 -8.31 1.93
N LEU A 9 -4.25 -7.48 1.46
CA LEU A 9 -4.06 -6.04 1.50
C LEU A 9 -3.99 -5.54 2.95
N GLU A 10 -4.67 -6.25 3.84
CA GLU A 10 -4.69 -5.90 5.26
C GLU A 10 -3.27 -5.74 5.81
N ASP A 11 -2.43 -6.74 5.55
CA ASP A 11 -1.05 -6.71 6.04
C ASP A 11 -0.34 -5.43 5.59
N LEU A 12 -0.51 -5.10 4.32
CA LEU A 12 0.09 -3.90 3.74
C LEU A 12 -0.29 -2.67 4.55
N GLN A 13 -1.58 -2.41 4.62
CA GLN A 13 -2.09 -1.24 5.34
C GLN A 13 -1.58 -1.21 6.77
N GLU A 14 -1.46 -2.38 7.40
CA GLU A 14 -0.98 -2.47 8.77
C GLU A 14 0.53 -2.30 8.79
N VAL A 15 1.17 -2.74 7.72
CA VAL A 15 2.61 -2.64 7.60
C VAL A 15 3.02 -1.17 7.56
N LEU A 16 2.12 -0.32 7.07
CA LEU A 16 2.38 1.10 7.01
C LEU A 16 2.59 1.64 8.41
N LYS A 17 1.79 1.14 9.36
CA LYS A 17 1.88 1.56 10.76
C LYS A 17 3.35 1.74 11.15
N ASN A 18 4.18 0.84 10.66
CA ASN A 18 5.61 0.91 10.92
C ASN A 18 6.17 2.15 10.24
N LEU A 19 5.93 2.22 8.93
CA LEU A 19 6.37 3.32 8.10
C LEU A 19 6.24 4.68 8.81
N HIS A 20 5.09 4.92 9.42
CA HIS A 20 4.84 6.18 10.11
C HIS A 20 5.95 6.54 11.10
N LYS A 21 6.50 5.53 11.76
CA LYS A 21 7.54 5.76 12.77
C LYS A 21 8.95 5.64 12.21
N ASN A 22 9.09 5.52 10.90
CA ASN A 22 10.41 5.40 10.31
C ASN A 22 10.46 5.93 8.88
N TRP A 23 9.40 6.60 8.43
CA TRP A 23 9.39 7.15 7.09
C TRP A 23 10.27 8.39 7.04
N HIS A 24 10.27 9.15 8.14
CA HIS A 24 11.09 10.35 8.25
C HIS A 24 10.92 10.99 9.63
N GLY A 25 9.67 11.18 10.03
CA GLY A 25 9.41 11.78 11.32
C GLY A 25 8.39 10.98 12.12
N GLY A 26 7.11 11.34 11.97
CA GLY A 26 6.07 10.64 12.67
C GLY A 26 4.88 10.37 11.77
N LYS A 27 3.69 10.46 12.32
CA LYS A 27 2.47 10.23 11.56
C LYS A 27 1.91 11.54 10.99
N ASP A 28 2.34 12.67 11.55
CA ASP A 28 1.88 13.96 11.10
C ASP A 28 2.10 14.14 9.61
N ASN A 29 3.36 13.98 9.19
CA ASN A 29 3.71 14.11 7.78
C ASN A 29 3.37 12.84 7.01
N LEU A 30 3.17 11.73 7.73
CA LEU A 30 2.83 10.46 7.11
C LEU A 30 1.33 10.43 6.79
N HIS A 31 0.54 11.10 7.62
CA HIS A 31 -0.90 11.15 7.42
C HIS A 31 -1.25 11.56 5.99
N ASP A 32 -0.47 12.47 5.43
CA ASP A 32 -0.70 12.95 4.08
C ASP A 32 -0.22 11.94 3.04
N VAL A 33 0.72 11.10 3.42
CA VAL A 33 1.25 10.09 2.51
C VAL A 33 0.46 8.78 2.62
N ASP A 34 0.14 8.38 3.85
CA ASP A 34 -0.63 7.16 4.07
C ASP A 34 -2.08 7.37 3.67
N ASN A 35 -2.57 8.60 3.84
CA ASN A 35 -3.94 8.92 3.46
C ASN A 35 -4.19 8.47 2.03
N HIS A 36 -3.12 8.49 1.24
CA HIS A 36 -3.18 8.06 -0.14
C HIS A 36 -3.31 6.54 -0.20
N LEU A 37 -2.64 5.88 0.73
CA LEU A 37 -2.67 4.43 0.83
C LEU A 37 -4.05 3.96 1.26
N GLN A 38 -4.42 4.29 2.49
CA GLN A 38 -5.72 3.90 3.05
C GLN A 38 -6.84 4.16 2.05
N ASN A 39 -6.73 5.23 1.28
CA ASN A 39 -7.74 5.56 0.28
C ASN A 39 -7.77 4.51 -0.81
N VAL A 40 -6.61 3.92 -1.08
CA VAL A 40 -6.49 2.89 -2.10
C VAL A 40 -7.31 1.65 -1.72
N ILE A 41 -7.05 1.14 -0.51
CA ILE A 41 -7.76 -0.05 -0.01
C ILE A 41 -9.23 -0.06 -0.40
N GLU A 42 -9.88 1.10 -0.31
CA GLU A 42 -11.29 1.21 -0.67
C GLU A 42 -11.46 1.11 -2.18
N ASP A 43 -10.55 1.75 -2.90
CA ASP A 43 -10.60 1.72 -4.35
C ASP A 43 -10.21 0.34 -4.88
N ILE A 44 -9.38 -0.37 -4.13
CA ILE A 44 -8.95 -1.71 -4.52
C ILE A 44 -9.95 -2.75 -4.03
N HIS A 45 -10.45 -2.57 -2.81
CA HIS A 45 -11.41 -3.51 -2.23
C HIS A 45 -12.78 -3.36 -2.86
N ASP A 46 -13.18 -2.13 -3.14
CA ASP A 46 -14.47 -1.88 -3.76
C ASP A 46 -14.41 -2.26 -5.23
N PHE A 47 -13.22 -2.21 -5.80
CA PHE A 47 -13.02 -2.55 -7.21
C PHE A 47 -12.76 -4.04 -7.40
N MET A 48 -11.87 -4.61 -6.59
CA MET A 48 -11.52 -6.03 -6.69
C MET A 48 -12.77 -6.90 -6.81
N GLN A 49 -13.85 -6.45 -6.18
CA GLN A 49 -15.12 -7.20 -6.21
C GLN A 49 -15.72 -7.20 -7.61
N GLY A 50 -15.40 -6.16 -8.39
CA GLY A 50 -15.92 -6.07 -9.75
C GLY A 50 -16.17 -4.64 -10.19
N GLY A 51 -16.17 -3.70 -9.24
CA GLY A 51 -16.40 -2.31 -9.56
C GLY A 51 -15.54 -1.83 -10.71
N GLY A 52 -14.27 -2.21 -10.70
CA GLY A 52 -13.36 -1.80 -11.76
C GLY A 52 -11.92 -2.10 -11.43
N SER A 53 -11.68 -3.26 -10.83
CA SER A 53 -10.33 -3.67 -10.45
C SER A 53 -9.43 -3.77 -11.68
N GLY A 54 -10.04 -3.96 -12.85
CA GLY A 54 -9.28 -4.06 -14.08
C GLY A 54 -9.07 -2.70 -14.73
N GLY A 55 -8.45 -1.78 -13.99
CA GLY A 55 -8.21 -0.45 -14.52
C GLY A 55 -7.70 0.52 -13.47
N LYS A 56 -8.06 0.29 -12.21
CA LYS A 56 -7.64 1.17 -11.12
C LYS A 56 -6.29 0.71 -10.56
N LEU A 57 -6.03 -0.58 -10.62
CA LEU A 57 -4.77 -1.12 -10.11
C LEU A 57 -3.56 -0.54 -10.85
N GLN A 58 -3.81 0.15 -11.97
CA GLN A 58 -2.72 0.73 -12.73
C GLN A 58 -2.35 2.11 -12.18
N GLU A 59 -3.35 2.96 -11.99
CA GLU A 59 -3.12 4.30 -11.45
C GLU A 59 -3.15 4.27 -9.93
N MET A 60 -3.99 3.39 -9.39
CA MET A 60 -4.13 3.25 -7.95
C MET A 60 -2.92 2.52 -7.36
N MET A 61 -2.28 1.66 -8.16
CA MET A 61 -1.12 0.93 -7.69
C MET A 61 -0.04 1.90 -7.22
N LYS A 62 0.25 2.90 -8.05
CA LYS A 62 1.25 3.90 -7.71
C LYS A 62 0.85 4.66 -6.45
N GLU A 63 -0.45 4.69 -6.18
CA GLU A 63 -0.98 5.38 -5.01
C GLU A 63 -0.55 4.69 -3.72
N PHE A 64 -0.42 3.37 -3.77
CA PHE A 64 -0.03 2.60 -2.59
C PHE A 64 1.48 2.53 -2.50
N GLN A 65 2.15 2.50 -3.64
CA GLN A 65 3.61 2.43 -3.68
C GLN A 65 4.22 3.81 -3.47
N GLN A 66 3.53 4.85 -3.94
CA GLN A 66 4.02 6.22 -3.79
C GLN A 66 4.19 6.58 -2.31
N VAL A 67 3.34 6.01 -1.47
CA VAL A 67 3.40 6.27 -0.04
C VAL A 67 4.77 5.86 0.52
N LEU A 68 5.23 4.69 0.10
CA LEU A 68 6.53 4.20 0.53
C LEU A 68 7.66 4.98 -0.13
N ASP A 69 7.32 5.86 -1.07
CA ASP A 69 8.30 6.68 -1.75
C ASP A 69 8.80 7.76 -0.79
N GLU A 70 7.86 8.52 -0.23
CA GLU A 70 8.19 9.55 0.74
C GLU A 70 8.92 8.91 1.91
N LEU A 71 8.55 7.67 2.16
CA LEU A 71 9.09 6.87 3.24
C LEU A 71 10.48 6.32 2.92
N ASN A 72 10.54 5.35 2.02
CA ASN A 72 11.81 4.74 1.64
C ASN A 72 12.85 5.78 1.26
N ASN A 73 12.37 6.94 0.80
CA ASN A 73 13.28 8.02 0.41
C ASN A 73 13.65 8.88 1.61
N HIS A 74 13.26 8.45 2.81
CA HIS A 74 13.58 9.22 4.01
C HIS A 74 13.83 8.34 5.22
N LEU A 75 14.34 7.12 4.99
CA LEU A 75 14.65 6.21 6.10
C LEU A 75 15.49 6.95 7.13
N GLN A 76 14.82 7.59 8.07
CA GLN A 76 15.52 8.35 9.10
C GLN A 76 16.40 7.43 9.94
N GLY A 77 15.83 6.33 10.39
CA GLY A 77 16.58 5.38 11.21
C GLY A 77 15.80 4.11 11.48
N GLY A 78 15.00 3.69 10.50
CA GLY A 78 14.21 2.49 10.65
C GLY A 78 14.12 1.68 9.37
N LYS A 79 15.27 1.43 8.75
CA LYS A 79 15.33 0.66 7.51
C LYS A 79 14.46 -0.60 7.60
N HIS A 80 14.42 -1.21 8.77
CA HIS A 80 13.62 -2.41 8.98
C HIS A 80 12.15 -2.14 8.70
N THR A 81 11.67 -0.97 9.14
CA THR A 81 10.29 -0.59 8.92
C THR A 81 10.00 -0.55 7.44
N VAL A 82 10.65 0.36 6.73
CA VAL A 82 10.44 0.48 5.31
C VAL A 82 10.78 -0.81 4.59
N HIS A 83 11.95 -1.37 4.88
CA HIS A 83 12.35 -2.62 4.24
C HIS A 83 11.25 -3.68 4.37
N HIS A 84 10.62 -3.73 5.53
CA HIS A 84 9.54 -4.69 5.77
C HIS A 84 8.27 -4.24 5.05
N ILE A 85 7.83 -3.02 5.37
CA ILE A 85 6.62 -2.46 4.75
C ILE A 85 6.77 -2.40 3.23
N GLU A 86 8.00 -2.18 2.75
CA GLU A 86 8.26 -2.14 1.30
C GLU A 86 8.39 -3.55 0.75
N GLN A 87 9.04 -4.43 1.50
CA GLN A 87 9.15 -5.82 1.07
C GLN A 87 7.76 -6.43 1.11
N ASN A 88 6.92 -5.87 1.97
CA ASN A 88 5.54 -6.30 2.11
C ASN A 88 4.68 -5.67 1.04
N ILE A 89 4.76 -4.34 0.94
CA ILE A 89 3.98 -3.61 -0.06
C ILE A 89 4.45 -3.95 -1.46
N LYS A 90 5.75 -3.86 -1.69
CA LYS A 90 6.28 -4.16 -3.00
C LYS A 90 5.88 -5.57 -3.41
N GLU A 91 5.68 -6.43 -2.42
CA GLU A 91 5.26 -7.81 -2.66
C GLU A 91 3.74 -7.90 -2.68
N ILE A 92 3.06 -6.79 -2.37
CA ILE A 92 1.62 -6.75 -2.37
C ILE A 92 1.11 -6.64 -3.79
N PHE A 93 1.72 -5.72 -4.55
CA PHE A 93 1.35 -5.52 -5.93
C PHE A 93 1.27 -6.86 -6.67
N HIS A 94 2.07 -7.82 -6.22
CA HIS A 94 2.10 -9.15 -6.83
C HIS A 94 0.72 -9.79 -6.76
N HIS A 95 0.26 -10.02 -5.54
CA HIS A 95 -1.06 -10.61 -5.33
C HIS A 95 -2.14 -9.64 -5.75
N LEU A 96 -1.76 -8.40 -6.06
CA LEU A 96 -2.72 -7.39 -6.49
C LEU A 96 -2.89 -7.45 -8.00
N GLU A 97 -1.79 -7.32 -8.71
CA GLU A 97 -1.81 -7.38 -10.17
C GLU A 97 -2.06 -8.82 -10.60
N GLU A 98 -2.01 -9.76 -9.66
CA GLU A 98 -2.23 -11.16 -9.96
C GLU A 98 -3.72 -11.49 -9.87
N LEU A 99 -4.42 -10.78 -8.98
CA LEU A 99 -5.85 -10.98 -8.79
C LEU A 99 -6.63 -10.56 -10.03
N VAL A 100 -6.45 -9.31 -10.44
CA VAL A 100 -7.14 -8.78 -11.60
C VAL A 100 -6.76 -9.53 -12.87
N HIS A 101 -5.49 -9.91 -12.98
CA HIS A 101 -5.00 -10.64 -14.14
C HIS A 101 -5.68 -12.00 -14.26
N ARG A 102 -5.88 -12.65 -13.11
CA ARG A 102 -6.53 -13.97 -13.08
C ARG A 102 -8.01 -13.84 -13.35
#